data_1PQU
#
_entry.id   1PQU
#
_cell.length_a   72.929
_cell.length_b   76.579
_cell.length_c   134.097
_cell.angle_alpha   90.00
_cell.angle_beta   92.59
_cell.angle_gamma   90.00
#
_symmetry.space_group_name_H-M   'P 1 21 1'
#
loop_
_entity.id
_entity.type
_entity.pdbx_description
1 polymer 'Aspartate-semialdehyde dehydrogenase'
2 non-polymer 'CACODYLATE ION'
3 non-polymer 'NADP NICOTINAMIDE-ADENINE-DINUCLEOTIDE PHOSPHATE'
4 non-polymer CYSTEINE
5 water water
#
_entity_poly.entity_id   1
_entity_poly.type   'polypeptide(L)'
_entity_poly.pdbx_seq_one_letter_code
;MKNVGFIGWRGMVGSVLMDRMSQENDFENLNPVFFTTSQAGQKAPVFGGKDAGDLKSAFDIEELKKLDIIVTCQGGDYTN
EVYPKLKATGWDGYWVDAASALRMKDDAIIVLDPVNQHVISEGLKKGIKTFVGGNCTVSLMLMAIGGLFEKDLVEWISVA
TYQAASGAGAKNMRELLSQMGLLEQAVSSELKDPASSILDIERKVTAKMRADNFPTDNFGAALGGSLIPWIDKLLPETGQ
TKEEWKGYAETNKILGLSDNPIPVDGLCVRIGALRCNSQAFTIKLKKDLPLEEIEQIIASHNEWVKVIPNDKEITLRELT
PAKVTGTLSVPVGRLRKLAMGPEYLAAFTVGDQLLWGAAEPVRRILKQLVA
;
_entity_poly.pdbx_strand_id   A,B,C,D
#
# COMPACT_ATOMS: atom_id res chain seq x y z
N MET A 1 19.60 -32.28 -0.20
CA MET A 1 18.34 -31.52 0.07
C MET A 1 18.24 -30.39 -0.97
N LYS A 2 17.07 -30.21 -1.56
CA LYS A 2 16.90 -29.19 -2.58
C LYS A 2 16.75 -27.77 -2.04
N ASN A 3 17.28 -26.82 -2.80
CA ASN A 3 17.20 -25.40 -2.43
C ASN A 3 15.93 -24.84 -3.06
N VAL A 4 15.01 -24.39 -2.22
CA VAL A 4 13.73 -23.86 -2.70
C VAL A 4 13.49 -22.42 -2.26
N GLY A 5 13.24 -21.55 -3.23
CA GLY A 5 12.98 -20.16 -2.93
C GLY A 5 11.49 -19.89 -2.85
N PHE A 6 11.07 -19.06 -1.91
CA PHE A 6 9.65 -18.74 -1.77
C PHE A 6 9.40 -17.27 -2.04
N ILE A 7 8.49 -17.00 -2.98
CA ILE A 7 8.13 -15.63 -3.35
C ILE A 7 6.63 -15.46 -3.06
N GLY A 8 6.23 -14.27 -2.60
CA GLY A 8 4.83 -14.03 -2.33
C GLY A 8 4.29 -14.79 -1.13
N TRP A 9 5.19 -15.22 -0.25
CA TRP A 9 4.84 -15.97 0.96
C TRP A 9 4.10 -15.10 1.99
N ARG A 10 4.19 -13.79 1.83
CA ARG A 10 3.57 -12.83 2.76
C ARG A 10 2.12 -12.46 2.48
N GLY A 11 1.71 -12.62 1.22
CA GLY A 11 0.33 -12.30 0.85
C GLY A 11 -0.68 -13.28 1.38
N MET A 12 -1.93 -13.12 0.94
CA MET A 12 -3.02 -13.98 1.38
C MET A 12 -2.87 -15.45 0.98
N VAL A 13 -2.62 -15.72 -0.30
CA VAL A 13 -2.44 -17.09 -0.74
C VAL A 13 -1.13 -17.63 -0.19
N GLY A 14 -0.09 -16.81 -0.20
CA GLY A 14 1.20 -17.24 0.33
C GLY A 14 1.12 -17.62 1.80
N SER A 15 0.33 -16.87 2.57
CA SER A 15 0.17 -17.13 4.00
C SER A 15 -0.51 -18.46 4.26
N VAL A 16 -1.52 -18.78 3.45
CA VAL A 16 -2.22 -20.06 3.60
C VAL A 16 -1.26 -21.19 3.26
N LEU A 17 -0.43 -20.99 2.24
CA LEU A 17 0.55 -22.00 1.85
C LEU A 17 1.55 -22.23 2.99
N MET A 18 2.08 -21.15 3.55
CA MET A 18 3.04 -21.26 4.64
C MET A 18 2.40 -22.00 5.80
N ASP A 19 1.12 -21.71 6.03
CA ASP A 19 0.33 -22.34 7.09
C ASP A 19 0.25 -23.85 6.88
N ARG A 20 -0.22 -24.24 5.69
CA ARG A 20 -0.36 -25.65 5.33
C ARG A 20 0.98 -26.39 5.38
N MET A 21 2.04 -25.75 4.88
CA MET A 21 3.37 -26.36 4.88
C MET A 21 3.87 -26.58 6.30
N SER A 22 3.57 -25.62 7.18
CA SER A 22 3.97 -25.73 8.58
C SER A 22 3.24 -26.91 9.24
N GLN A 23 1.96 -27.06 8.93
CA GLN A 23 1.15 -28.14 9.46
C GLN A 23 1.58 -29.52 8.94
N GLU A 24 2.05 -29.54 7.70
CA GLU A 24 2.49 -30.78 7.07
C GLU A 24 3.99 -31.04 7.17
N ASN A 25 4.72 -30.16 7.84
CA ASN A 25 6.16 -30.29 7.96
C ASN A 25 6.87 -30.32 6.61
N ASP A 26 6.38 -29.51 5.68
CA ASP A 26 6.94 -29.46 4.34
C ASP A 26 8.30 -28.78 4.22
N PHE A 27 8.82 -28.24 5.32
CA PHE A 27 10.13 -27.57 5.27
C PHE A 27 11.26 -28.49 5.69
N GLU A 28 10.92 -29.65 6.26
CA GLU A 28 11.94 -30.58 6.70
C GLU A 28 12.85 -31.16 5.62
N ASN A 29 12.28 -31.44 4.45
CA ASN A 29 13.05 -32.03 3.36
C ASN A 29 13.55 -31.03 2.30
N LEU A 30 13.66 -29.76 2.69
CA LEU A 30 14.16 -28.76 1.76
C LEU A 30 14.90 -27.64 2.45
N ASN A 31 15.74 -26.95 1.68
CA ASN A 31 16.51 -25.81 2.16
C ASN A 31 15.75 -24.56 1.72
N PRO A 32 15.04 -23.91 2.66
CA PRO A 32 14.25 -22.71 2.35
C PRO A 32 14.99 -21.38 2.17
N VAL A 33 14.62 -20.66 1.12
CA VAL A 33 15.22 -19.35 0.83
C VAL A 33 14.06 -18.39 0.57
N PHE A 34 13.97 -17.31 1.36
CA PHE A 34 12.88 -16.37 1.20
C PHE A 34 13.23 -15.07 0.50
N PHE A 35 12.37 -14.69 -0.43
CA PHE A 35 12.55 -13.49 -1.22
C PHE A 35 11.44 -12.49 -0.96
N THR A 36 11.65 -11.27 -1.43
CA THR A 36 10.69 -10.20 -1.24
C THR A 36 10.82 -9.16 -2.33
N THR A 37 9.73 -8.45 -2.59
CA THR A 37 9.77 -7.40 -3.59
C THR A 37 9.80 -6.05 -2.87
N SER A 38 9.76 -6.06 -1.53
CA SER A 38 9.76 -4.81 -0.79
C SER A 38 10.52 -4.75 0.55
N GLN A 39 10.91 -5.89 1.09
CA GLN A 39 11.59 -5.89 2.39
C GLN A 39 12.96 -6.56 2.41
N ALA A 40 13.70 -6.44 1.31
CA ALA A 40 15.03 -7.07 1.23
C ALA A 40 15.97 -6.59 2.33
N GLY A 41 16.63 -7.55 2.98
CA GLY A 41 17.55 -7.20 4.06
C GLY A 41 16.94 -7.38 5.45
N GLN A 42 15.61 -7.43 5.52
CA GLN A 42 14.92 -7.64 6.79
C GLN A 42 14.91 -9.14 7.08
N LYS A 43 14.73 -9.52 8.35
CA LYS A 43 14.75 -10.92 8.72
C LYS A 43 13.66 -11.75 8.06
N ALA A 44 14.03 -12.94 7.61
CA ALA A 44 13.09 -13.85 6.96
C ALA A 44 12.16 -14.51 7.99
N PRO A 45 11.02 -15.03 7.52
CA PRO A 45 10.08 -15.70 8.43
C PRO A 45 10.67 -17.05 8.81
N VAL A 46 10.53 -17.45 10.06
CA VAL A 46 11.11 -18.71 10.51
C VAL A 46 10.18 -19.91 10.52
N PHE A 47 9.59 -20.23 9.36
CA PHE A 47 8.71 -21.38 9.28
C PHE A 47 9.51 -22.67 9.41
N GLY A 48 8.86 -23.72 9.90
CA GLY A 48 9.50 -25.01 10.05
C GLY A 48 10.68 -25.09 11.00
N GLY A 49 10.74 -24.17 11.95
CA GLY A 49 11.83 -24.18 12.90
C GLY A 49 13.17 -23.91 12.26
N LYS A 50 13.16 -23.74 10.95
CA LYS A 50 14.39 -23.43 10.23
C LYS A 50 14.51 -21.92 10.14
N ASP A 51 15.74 -21.43 10.03
CA ASP A 51 15.94 -19.98 9.97
C ASP A 51 16.84 -19.52 8.85
N ALA A 52 16.23 -18.96 7.81
CA ALA A 52 16.98 -18.42 6.68
C ALA A 52 17.54 -17.08 7.16
N GLY A 53 18.61 -16.61 6.53
CA GLY A 53 19.16 -15.34 6.97
C GLY A 53 18.17 -14.21 6.81
N ASP A 54 18.45 -13.35 5.84
CA ASP A 54 17.61 -12.20 5.58
C ASP A 54 16.90 -12.33 4.24
N LEU A 55 15.81 -11.58 4.05
CA LEU A 55 15.08 -11.65 2.79
C LEU A 55 15.96 -11.24 1.63
N LYS A 56 15.89 -11.99 0.54
CA LYS A 56 16.65 -11.66 -0.66
C LYS A 56 15.67 -10.98 -1.59
N SER A 57 16.19 -10.27 -2.58
CA SER A 57 15.30 -9.58 -3.53
C SER A 57 14.73 -10.58 -4.54
N ALA A 58 13.41 -10.57 -4.71
CA ALA A 58 12.74 -11.46 -5.66
C ALA A 58 13.09 -11.08 -7.10
N PHE A 59 13.83 -9.99 -7.26
CA PHE A 59 14.25 -9.53 -8.58
C PHE A 59 15.73 -9.81 -8.81
N ASP A 60 16.39 -10.43 -7.83
CA ASP A 60 17.82 -10.75 -7.94
C ASP A 60 17.98 -12.04 -8.75
N ILE A 61 18.17 -11.92 -10.05
CA ILE A 61 18.31 -13.10 -10.90
C ILE A 61 19.48 -14.00 -10.49
N GLU A 62 20.58 -13.39 -10.08
CA GLU A 62 21.76 -14.15 -9.68
C GLU A 62 21.47 -15.03 -8.46
N GLU A 63 20.62 -14.54 -7.57
CA GLU A 63 20.24 -15.33 -6.40
C GLU A 63 19.22 -16.41 -6.80
N LEU A 64 18.26 -16.04 -7.64
CA LEU A 64 17.22 -16.98 -8.06
C LEU A 64 17.81 -18.13 -8.86
N LYS A 65 18.79 -17.79 -9.70
CA LYS A 65 19.47 -18.75 -10.56
C LYS A 65 20.12 -19.91 -9.78
N LYS A 66 20.33 -19.73 -8.48
CA LYS A 66 20.96 -20.75 -7.64
C LYS A 66 19.99 -21.78 -7.05
N LEU A 67 18.70 -21.54 -7.21
CA LEU A 67 17.68 -22.44 -6.67
C LEU A 67 17.34 -23.61 -7.58
N ASP A 68 16.83 -24.69 -6.97
CA ASP A 68 16.42 -25.89 -7.68
C ASP A 68 14.93 -25.75 -8.02
N ILE A 69 14.22 -25.09 -7.11
CA ILE A 69 12.79 -24.88 -7.26
C ILE A 69 12.40 -23.49 -6.76
N ILE A 70 11.51 -22.83 -7.49
CA ILE A 70 11.02 -21.52 -7.10
C ILE A 70 9.51 -21.65 -6.92
N VAL A 71 9.01 -21.29 -5.74
CA VAL A 71 7.56 -21.36 -5.46
C VAL A 71 7.06 -19.93 -5.27
N THR A 72 6.20 -19.46 -6.16
CA THR A 72 5.70 -18.09 -6.05
C THR A 72 4.20 -17.90 -5.98
N CYS A 73 3.77 -17.05 -5.05
CA CYS A 73 2.36 -16.70 -4.87
C CYS A 73 2.32 -15.18 -4.91
N GLN A 74 3.34 -14.60 -5.56
CA GLN A 74 3.46 -13.15 -5.66
C GLN A 74 2.42 -12.54 -6.59
N GLY A 75 2.22 -13.14 -7.76
CA GLY A 75 1.25 -12.61 -8.70
C GLY A 75 1.70 -12.63 -10.15
N GLY A 76 0.74 -12.42 -11.06
CA GLY A 76 1.02 -12.42 -12.48
C GLY A 76 2.01 -11.39 -13.00
N ASP A 77 1.98 -10.17 -12.46
CA ASP A 77 2.90 -9.14 -12.93
C ASP A 77 4.33 -9.47 -12.54
N TYR A 78 4.51 -10.07 -11.37
CA TYR A 78 5.84 -10.47 -10.93
C TYR A 78 6.37 -11.54 -11.87
N THR A 79 5.61 -12.62 -12.02
CA THR A 79 6.01 -13.73 -12.89
C THR A 79 6.33 -13.27 -14.32
N ASN A 80 5.46 -12.44 -14.90
CA ASN A 80 5.70 -11.97 -16.26
C ASN A 80 6.98 -11.14 -16.38
N GLU A 81 7.48 -10.61 -15.27
CA GLU A 81 8.71 -9.84 -15.33
C GLU A 81 9.94 -10.69 -15.09
N VAL A 82 9.90 -11.52 -14.07
CA VAL A 82 11.04 -12.34 -13.71
C VAL A 82 11.25 -13.67 -14.45
N TYR A 83 10.18 -14.42 -14.69
CA TYR A 83 10.31 -15.72 -15.38
C TYR A 83 11.12 -15.65 -16.67
N PRO A 84 10.80 -14.70 -17.57
CA PRO A 84 11.55 -14.60 -18.82
C PRO A 84 13.04 -14.29 -18.61
N LYS A 85 13.34 -13.36 -17.71
CA LYS A 85 14.72 -13.00 -17.43
C LYS A 85 15.49 -14.19 -16.85
N LEU A 86 14.84 -14.95 -15.96
CA LEU A 86 15.49 -16.10 -15.35
C LEU A 86 15.74 -17.24 -16.34
N LYS A 87 14.73 -17.56 -17.14
CA LYS A 87 14.87 -18.62 -18.13
C LYS A 87 15.91 -18.23 -19.18
N ALA A 88 16.04 -16.94 -19.45
CA ALA A 88 17.00 -16.44 -20.43
C ALA A 88 18.44 -16.73 -20.01
N THR A 89 18.66 -16.95 -18.71
CA THR A 89 19.98 -17.25 -18.20
C THR A 89 20.30 -18.71 -18.45
N GLY A 90 19.30 -19.47 -18.89
CA GLY A 90 19.50 -20.88 -19.13
C GLY A 90 19.09 -21.69 -17.92
N TRP A 91 18.61 -20.99 -16.88
CA TRP A 91 18.18 -21.66 -15.65
C TRP A 91 17.18 -22.76 -16.01
N ASP A 92 17.39 -23.95 -15.48
CA ASP A 92 16.53 -25.07 -15.80
C ASP A 92 15.87 -25.72 -14.60
N GLY A 93 15.59 -24.95 -13.56
CA GLY A 93 14.95 -25.52 -12.38
C GLY A 93 13.44 -25.53 -12.50
N TYR A 94 12.75 -25.88 -11.43
CA TYR A 94 11.28 -25.90 -11.43
C TYR A 94 10.67 -24.58 -10.97
N TRP A 95 9.61 -24.19 -11.66
CA TRP A 95 8.89 -22.97 -11.34
C TRP A 95 7.45 -23.39 -11.03
N VAL A 96 7.04 -23.18 -9.79
CA VAL A 96 5.70 -23.52 -9.33
C VAL A 96 5.01 -22.19 -9.03
N ASP A 97 3.90 -21.94 -9.70
CA ASP A 97 3.19 -20.67 -9.61
C ASP A 97 1.72 -20.76 -9.24
N ALA A 98 1.25 -19.82 -8.43
CA ALA A 98 -0.16 -19.76 -8.01
C ALA A 98 -0.89 -18.78 -8.92
N ALA A 99 -0.14 -17.94 -9.63
CA ALA A 99 -0.73 -16.95 -10.54
C ALA A 99 -1.10 -17.58 -11.86
N SER A 100 -2.08 -17.00 -12.55
CA SER A 100 -2.56 -17.51 -13.83
C SER A 100 -1.63 -17.24 -15.02
N ALA A 101 -0.68 -16.33 -14.84
CA ALA A 101 0.25 -15.93 -15.90
C ALA A 101 0.74 -17.01 -16.86
N LEU A 102 1.34 -18.07 -16.31
CA LEU A 102 1.92 -19.11 -17.15
C LEU A 102 1.03 -20.33 -17.42
N ARG A 103 -0.20 -20.28 -16.95
CA ARG A 103 -1.13 -21.40 -17.12
C ARG A 103 -1.32 -21.98 -18.51
N MET A 104 -1.49 -21.11 -19.50
CA MET A 104 -1.74 -21.57 -20.85
C MET A 104 -0.50 -21.74 -21.73
N LYS A 105 0.67 -21.53 -21.15
CA LYS A 105 1.92 -21.71 -21.89
C LYS A 105 2.16 -23.20 -22.12
N ASP A 106 2.72 -23.54 -23.27
CA ASP A 106 2.97 -24.93 -23.63
C ASP A 106 4.08 -25.60 -22.83
N ASP A 107 4.92 -24.80 -22.21
CA ASP A 107 6.02 -25.33 -21.40
C ASP A 107 5.56 -25.38 -19.95
N ALA A 108 4.24 -25.32 -19.74
CA ALA A 108 3.67 -25.35 -18.41
C ALA A 108 2.50 -26.31 -18.30
N ILE A 109 2.34 -26.90 -17.12
CA ILE A 109 1.26 -27.83 -16.84
C ILE A 109 0.43 -27.27 -15.68
N ILE A 110 -0.88 -27.33 -15.81
CA ILE A 110 -1.76 -26.87 -14.73
C ILE A 110 -1.88 -28.09 -13.83
N VAL A 111 -1.47 -27.96 -12.57
CA VAL A 111 -1.50 -29.08 -11.64
C VAL A 111 -2.68 -29.16 -10.67
N LEU A 112 -3.22 -30.38 -10.57
CA LEU A 112 -4.33 -30.72 -9.67
C LEU A 112 -4.17 -32.24 -9.61
N ASP A 113 -3.06 -32.65 -9.00
CA ASP A 113 -2.67 -34.06 -8.93
C ASP A 113 -3.73 -35.12 -8.60
N PRO A 114 -4.75 -34.80 -7.79
CA PRO A 114 -5.75 -35.83 -7.50
C PRO A 114 -6.57 -36.11 -8.76
N VAL A 115 -6.49 -35.17 -9.69
CA VAL A 115 -7.23 -35.27 -10.94
C VAL A 115 -6.35 -35.61 -12.16
N ASN A 116 -5.17 -35.01 -12.25
CA ASN A 116 -4.33 -35.28 -13.42
C ASN A 116 -2.89 -35.69 -13.15
N GLN A 117 -2.67 -36.59 -12.21
CA GLN A 117 -1.31 -37.03 -11.92
C GLN A 117 -0.66 -37.61 -13.18
N HIS A 118 -1.46 -38.26 -14.01
CA HIS A 118 -0.93 -38.83 -15.25
C HIS A 118 -0.31 -37.75 -16.13
N VAL A 119 -0.99 -36.60 -16.23
CA VAL A 119 -0.51 -35.47 -17.03
C VAL A 119 0.80 -34.95 -16.43
N ILE A 120 0.81 -34.83 -15.11
CA ILE A 120 1.97 -34.36 -14.37
C ILE A 120 3.16 -35.32 -14.60
N SER A 121 2.90 -36.61 -14.46
CA SER A 121 3.93 -37.62 -14.65
C SER A 121 4.49 -37.62 -16.07
N GLU A 122 3.59 -37.59 -17.05
CA GLU A 122 4.00 -37.57 -18.47
C GLU A 122 4.80 -36.31 -18.75
N GLY A 123 4.32 -35.19 -18.22
CA GLY A 123 5.00 -33.91 -18.43
C GLY A 123 6.39 -33.88 -17.85
N LEU A 124 6.55 -34.43 -16.65
CA LEU A 124 7.86 -34.46 -16.02
C LEU A 124 8.84 -35.25 -16.88
N LYS A 125 8.40 -36.39 -17.41
CA LYS A 125 9.27 -37.22 -18.24
C LYS A 125 9.55 -36.53 -19.57
N LYS A 126 8.61 -35.71 -20.02
CA LYS A 126 8.74 -35.00 -21.27
C LYS A 126 9.67 -33.80 -21.12
N GLY A 127 9.95 -33.40 -19.88
CA GLY A 127 10.83 -32.28 -19.63
C GLY A 127 10.16 -30.99 -19.18
N ILE A 128 8.87 -31.05 -18.85
CA ILE A 128 8.17 -29.84 -18.39
C ILE A 128 8.77 -29.46 -17.03
N LYS A 129 9.02 -28.16 -16.84
CA LYS A 129 9.61 -27.68 -15.59
C LYS A 129 8.76 -26.62 -14.91
N THR A 130 7.63 -26.29 -15.51
CA THR A 130 6.76 -25.27 -14.95
C THR A 130 5.40 -25.83 -14.59
N PHE A 131 5.04 -25.66 -13.32
CA PHE A 131 3.77 -26.16 -12.82
C PHE A 131 2.97 -25.01 -12.23
N VAL A 132 1.74 -24.87 -12.71
CA VAL A 132 0.88 -23.79 -12.28
C VAL A 132 -0.46 -24.30 -11.76
N GLY A 133 -0.92 -23.72 -10.65
CA GLY A 133 -2.20 -24.13 -10.08
C GLY A 133 -3.31 -23.56 -10.96
N GLY A 134 -4.40 -24.30 -11.13
CA GLY A 134 -5.48 -23.81 -11.98
C GLY A 134 -6.45 -22.85 -11.33
N ASN A 135 -7.29 -22.25 -12.16
CA ASN A 135 -8.32 -21.32 -11.70
C ASN A 135 -9.01 -22.02 -10.55
N CYS A 136 -9.34 -21.27 -9.52
CA CYS A 136 -9.95 -21.85 -8.34
C CYS A 136 -11.28 -22.56 -8.57
N THR A 137 -12.16 -21.97 -9.39
CA THR A 137 -13.45 -22.59 -9.62
C THR A 137 -13.34 -23.89 -10.44
N VAL A 138 -12.42 -23.90 -11.40
CA VAL A 138 -12.19 -25.07 -12.25
C VAL A 138 -11.62 -26.20 -11.38
N SER A 139 -10.66 -25.84 -10.55
CA SER A 139 -10.04 -26.80 -9.64
C SER A 139 -11.07 -27.40 -8.70
N LEU A 140 -11.91 -26.55 -8.11
CA LEU A 140 -12.92 -27.01 -7.17
C LEU A 140 -13.97 -27.87 -7.86
N MET A 141 -14.25 -27.56 -9.12
CA MET A 141 -15.21 -28.34 -9.89
C MET A 141 -14.68 -29.75 -10.14
N LEU A 142 -13.42 -29.87 -10.54
CA LEU A 142 -12.83 -31.17 -10.82
C LEU A 142 -12.63 -32.02 -9.57
N MET A 143 -12.38 -31.37 -8.44
CA MET A 143 -12.20 -32.13 -7.20
C MET A 143 -13.56 -32.73 -6.83
N ALA A 144 -14.64 -32.07 -7.24
CA ALA A 144 -15.99 -32.54 -6.93
C ALA A 144 -16.55 -33.60 -7.88
N ILE A 145 -16.46 -33.36 -9.19
CA ILE A 145 -17.01 -34.30 -10.17
C ILE A 145 -15.97 -34.93 -11.10
N GLY A 146 -14.72 -35.00 -10.63
CA GLY A 146 -13.68 -35.58 -11.46
C GLY A 146 -13.97 -37.03 -11.81
N GLY A 147 -14.77 -37.68 -10.96
CA GLY A 147 -15.12 -39.07 -11.19
C GLY A 147 -15.90 -39.29 -12.47
N LEU A 148 -16.75 -38.32 -12.82
CA LEU A 148 -17.55 -38.40 -14.03
C LEU A 148 -16.67 -38.22 -15.28
N PHE A 149 -15.66 -37.36 -15.17
CA PHE A 149 -14.73 -37.14 -16.28
C PHE A 149 -13.82 -38.35 -16.38
N GLU A 150 -13.48 -38.92 -15.22
CA GLU A 150 -12.62 -40.09 -15.14
C GLU A 150 -13.25 -41.27 -15.88
N LYS A 151 -14.57 -41.36 -15.83
CA LYS A 151 -15.30 -42.44 -16.51
C LYS A 151 -15.74 -42.05 -17.92
N ASP A 152 -15.41 -40.83 -18.32
CA ASP A 152 -15.76 -40.34 -19.66
C ASP A 152 -17.28 -40.34 -19.86
N LEU A 153 -17.98 -39.81 -18.86
CA LEU A 153 -19.44 -39.74 -18.87
C LEU A 153 -19.94 -38.33 -19.14
N VAL A 154 -19.04 -37.37 -19.18
CA VAL A 154 -19.43 -35.98 -19.37
C VAL A 154 -19.48 -35.50 -20.82
N GLU A 155 -20.66 -35.08 -21.27
CA GLU A 155 -20.82 -34.55 -22.62
C GLU A 155 -20.53 -33.05 -22.58
N TRP A 156 -21.13 -32.37 -21.61
CA TRP A 156 -20.90 -30.95 -21.43
C TRP A 156 -21.43 -30.51 -20.07
N ILE A 157 -20.90 -29.41 -19.56
CA ILE A 157 -21.33 -28.89 -18.27
C ILE A 157 -21.69 -27.43 -18.38
N SER A 158 -22.86 -27.09 -17.84
CA SER A 158 -23.34 -25.71 -17.81
C SER A 158 -23.13 -25.29 -16.35
N VAL A 159 -22.47 -24.15 -16.13
CA VAL A 159 -22.17 -23.70 -14.78
C VAL A 159 -22.73 -22.32 -14.36
N ALA A 160 -23.01 -22.20 -13.06
CA ALA A 160 -23.46 -20.94 -12.46
C ALA A 160 -22.68 -20.87 -11.15
N THR A 161 -21.83 -19.86 -10.99
CA THR A 161 -21.05 -19.77 -9.77
C THR A 161 -21.54 -18.73 -8.78
N TYR A 162 -21.10 -18.92 -7.54
CA TYR A 162 -21.42 -18.08 -6.39
C TYR A 162 -20.03 -17.94 -5.77
N GLN A 163 -19.28 -16.96 -6.27
CA GLN A 163 -17.91 -16.75 -5.83
C GLN A 163 -17.72 -15.73 -4.71
N ALA A 164 -16.86 -16.11 -3.76
CA ALA A 164 -16.58 -15.29 -2.58
C ALA A 164 -15.70 -14.07 -2.82
N ALA A 165 -15.75 -13.15 -1.87
CA ALA A 165 -14.98 -11.90 -1.91
C ALA A 165 -13.47 -12.11 -1.93
N SER A 166 -12.99 -13.07 -1.15
CA SER A 166 -11.56 -13.36 -1.08
C SER A 166 -10.98 -13.79 -2.42
N GLY A 167 -11.86 -14.27 -3.31
CA GLY A 167 -11.40 -14.70 -4.63
C GLY A 167 -10.84 -13.53 -5.40
N ALA A 168 -11.29 -12.32 -5.05
CA ALA A 168 -10.84 -11.10 -5.70
C ALA A 168 -9.70 -10.42 -4.94
N GLY A 169 -9.46 -10.82 -3.69
CA GLY A 169 -8.39 -10.21 -2.93
C GLY A 169 -8.70 -9.83 -1.50
N ALA A 170 -7.66 -9.63 -0.70
CA ALA A 170 -7.81 -9.27 0.70
C ALA A 170 -8.50 -7.92 0.86
N LYS A 171 -8.21 -7.00 -0.05
CA LYS A 171 -8.84 -5.67 0.00
C LYS A 171 -10.34 -5.80 -0.19
N ASN A 172 -10.74 -6.70 -1.10
CA ASN A 172 -12.14 -6.92 -1.41
C ASN A 172 -12.92 -7.57 -0.28
N MET A 173 -12.27 -8.44 0.50
CA MET A 173 -12.94 -9.09 1.62
C MET A 173 -13.20 -8.03 2.67
N ARG A 174 -12.20 -7.18 2.90
CA ARG A 174 -12.32 -6.13 3.88
C ARG A 174 -13.44 -5.17 3.47
N GLU A 175 -13.53 -4.88 2.18
CA GLU A 175 -14.58 -3.98 1.69
C GLU A 175 -15.95 -4.61 1.92
N LEU A 176 -16.08 -5.90 1.63
CA LEU A 176 -17.34 -6.59 1.83
C LEU A 176 -17.80 -6.48 3.28
N LEU A 177 -16.88 -6.75 4.20
CA LEU A 177 -17.18 -6.68 5.62
C LEU A 177 -17.61 -5.29 6.05
N SER A 178 -16.87 -4.27 5.61
CA SER A 178 -17.20 -2.89 5.95
C SER A 178 -18.59 -2.55 5.43
N GLN A 179 -18.90 -3.04 4.24
CA GLN A 179 -20.21 -2.79 3.64
C GLN A 179 -21.31 -3.42 4.50
N MET A 180 -21.09 -4.66 4.93
CA MET A 180 -22.07 -5.37 5.77
C MET A 180 -22.36 -4.62 7.05
N GLY A 181 -21.31 -4.11 7.67
CA GLY A 181 -21.45 -3.36 8.90
C GLY A 181 -22.27 -2.11 8.67
N LEU A 182 -21.98 -1.38 7.60
CA LEU A 182 -22.71 -0.15 7.30
C LEU A 182 -24.19 -0.38 7.06
N LEU A 183 -24.51 -1.48 6.37
CA LEU A 183 -25.89 -1.81 6.07
C LEU A 183 -26.71 -2.04 7.33
N GLU A 184 -26.14 -2.79 8.27
CA GLU A 184 -26.85 -3.05 9.51
C GLU A 184 -26.93 -1.78 10.36
N GLN A 185 -25.83 -1.05 10.42
CA GLN A 185 -25.76 0.18 11.19
C GLN A 185 -26.78 1.23 10.77
N ALA A 186 -27.15 1.22 9.48
CA ALA A 186 -28.11 2.18 8.96
C ALA A 186 -29.49 1.98 9.58
N VAL A 187 -29.75 0.78 10.10
CA VAL A 187 -31.05 0.47 10.70
C VAL A 187 -30.88 -0.26 12.02
N SER A 188 -29.78 0.00 12.71
CA SER A 188 -29.50 -0.66 13.98
C SER A 188 -30.66 -0.61 14.98
N SER A 189 -31.17 0.60 15.20
CA SER A 189 -32.25 0.81 16.15
C SER A 189 -33.56 0.17 15.66
N GLU A 190 -33.91 0.40 14.40
CA GLU A 190 -35.13 -0.16 13.85
C GLU A 190 -35.15 -1.67 13.97
N LEU A 191 -33.99 -2.30 13.78
CA LEU A 191 -33.90 -3.75 13.86
C LEU A 191 -34.27 -4.31 15.23
N LYS A 192 -34.04 -3.55 16.29
CA LYS A 192 -34.36 -4.02 17.64
C LYS A 192 -35.78 -3.69 18.07
N ASP A 193 -36.51 -2.98 17.21
CA ASP A 193 -37.90 -2.61 17.48
C ASP A 193 -38.71 -3.60 16.65
N PRO A 194 -39.28 -4.63 17.30
CA PRO A 194 -40.08 -5.65 16.60
C PRO A 194 -41.35 -5.13 15.92
N ALA A 195 -41.72 -3.88 16.21
CA ALA A 195 -42.91 -3.31 15.60
C ALA A 195 -42.59 -2.36 14.46
N SER A 196 -41.30 -2.18 14.16
CA SER A 196 -40.89 -1.27 13.09
C SER A 196 -41.27 -1.80 11.71
N SER A 197 -41.39 -0.87 10.77
CA SER A 197 -41.75 -1.18 9.39
C SER A 197 -40.58 -1.83 8.63
N ILE A 198 -40.85 -2.95 7.97
CA ILE A 198 -39.80 -3.65 7.22
C ILE A 198 -39.47 -2.84 5.97
N LEU A 199 -40.48 -2.25 5.35
CA LEU A 199 -40.24 -1.44 4.16
C LEU A 199 -39.44 -0.19 4.52
N ASP A 200 -39.63 0.32 5.73
CA ASP A 200 -38.90 1.49 6.18
C ASP A 200 -37.45 1.05 6.36
N ILE A 201 -37.28 -0.14 6.94
CA ILE A 201 -35.95 -0.70 7.15
C ILE A 201 -35.23 -0.92 5.82
N GLU A 202 -35.91 -1.53 4.85
CA GLU A 202 -35.29 -1.79 3.56
C GLU A 202 -34.95 -0.50 2.80
N ARG A 203 -35.85 0.49 2.83
CA ARG A 203 -35.56 1.74 2.13
C ARG A 203 -34.31 2.41 2.69
N LYS A 204 -34.08 2.25 3.98
CA LYS A 204 -32.91 2.84 4.62
C LYS A 204 -31.64 2.09 4.26
N VAL A 205 -31.73 0.76 4.19
CA VAL A 205 -30.56 -0.05 3.86
C VAL A 205 -30.20 0.14 2.39
N THR A 206 -31.21 0.16 1.54
CA THR A 206 -30.96 0.35 0.11
C THR A 206 -30.36 1.72 -0.13
N ALA A 207 -30.92 2.74 0.51
CA ALA A 207 -30.41 4.10 0.37
C ALA A 207 -28.94 4.17 0.75
N LYS A 208 -28.57 3.46 1.81
CA LYS A 208 -27.18 3.43 2.27
C LYS A 208 -26.29 2.76 1.22
N MET A 209 -26.79 1.64 0.68
CA MET A 209 -26.10 0.87 -0.33
C MET A 209 -25.90 1.70 -1.60
N ARG A 210 -26.79 2.66 -1.81
CA ARG A 210 -26.74 3.53 -2.98
C ARG A 210 -26.02 4.85 -2.72
N ALA A 211 -25.61 5.07 -1.48
CA ALA A 211 -24.93 6.31 -1.12
C ALA A 211 -23.51 6.34 -1.67
N ASP A 212 -23.11 7.50 -2.19
CA ASP A 212 -21.78 7.68 -2.75
C ASP A 212 -20.71 7.24 -1.77
N ASN A 213 -20.92 7.57 -0.50
CA ASN A 213 -20.00 7.23 0.58
C ASN A 213 -19.90 5.73 0.86
N PHE A 214 -20.79 4.93 0.28
CA PHE A 214 -20.73 3.48 0.49
C PHE A 214 -19.42 3.06 -0.18
N PRO A 215 -18.50 2.43 0.58
CA PRO A 215 -17.21 1.98 0.04
C PRO A 215 -17.31 0.91 -1.03
N THR A 216 -17.07 1.30 -2.28
CA THR A 216 -17.15 0.39 -3.42
C THR A 216 -15.97 0.48 -4.37
N ASP A 217 -14.89 1.12 -3.95
CA ASP A 217 -13.74 1.27 -4.82
C ASP A 217 -13.14 -0.02 -5.35
N ASN A 218 -13.06 -1.05 -4.51
CA ASN A 218 -12.48 -2.33 -4.91
C ASN A 218 -13.36 -3.14 -5.87
N PHE A 219 -14.66 -3.18 -5.60
CA PHE A 219 -15.58 -3.93 -6.44
C PHE A 219 -16.21 -3.08 -7.54
N GLY A 220 -16.21 -1.77 -7.33
CA GLY A 220 -16.79 -0.88 -8.32
C GLY A 220 -18.31 -0.94 -8.26
N ALA A 221 -18.81 -1.54 -7.19
CA ALA A 221 -20.24 -1.68 -6.98
C ALA A 221 -20.46 -2.32 -5.62
N ALA A 222 -21.69 -2.26 -5.13
CA ALA A 222 -22.03 -2.87 -3.84
C ALA A 222 -22.06 -4.40 -3.98
N LEU A 223 -21.55 -5.09 -2.98
CA LEU A 223 -21.56 -6.55 -2.99
C LEU A 223 -22.44 -6.95 -1.83
N GLY A 224 -22.18 -6.33 -0.68
CA GLY A 224 -22.95 -6.60 0.51
C GLY A 224 -24.41 -6.28 0.24
N GLY A 225 -25.28 -7.27 0.43
CA GLY A 225 -26.70 -7.08 0.19
C GLY A 225 -27.06 -7.13 -1.28
N SER A 226 -26.10 -7.51 -2.12
CA SER A 226 -26.33 -7.57 -3.56
C SER A 226 -25.47 -8.66 -4.20
N LEU A 227 -25.17 -8.51 -5.49
CA LEU A 227 -24.32 -9.45 -6.20
C LEU A 227 -23.81 -8.79 -7.47
N ILE A 228 -22.71 -9.30 -8.02
CA ILE A 228 -22.13 -8.74 -9.23
C ILE A 228 -21.91 -9.86 -10.25
N PRO A 229 -22.79 -9.94 -11.26
CA PRO A 229 -22.71 -10.97 -12.30
C PRO A 229 -21.64 -10.73 -13.37
N TRP A 230 -20.43 -10.39 -12.92
CA TRP A 230 -19.32 -10.14 -13.83
C TRP A 230 -17.99 -10.24 -13.10
N ILE A 231 -17.13 -11.15 -13.56
CA ILE A 231 -15.82 -11.33 -12.96
C ILE A 231 -14.74 -11.35 -14.03
N ASP A 232 -13.81 -10.42 -13.92
CA ASP A 232 -12.69 -10.24 -14.83
C ASP A 232 -13.10 -9.44 -16.08
N LYS A 233 -12.23 -9.40 -17.07
CA LYS A 233 -12.49 -8.64 -18.28
C LYS A 233 -13.25 -9.40 -19.36
N LEU A 234 -13.88 -8.62 -20.24
CA LEU A 234 -14.67 -9.15 -21.34
C LEU A 234 -13.79 -9.64 -22.50
N LEU A 235 -14.17 -10.78 -23.06
CA LEU A 235 -13.46 -11.33 -24.21
C LEU A 235 -14.44 -11.19 -25.37
N PRO A 236 -14.32 -10.08 -26.13
CA PRO A 236 -15.16 -9.74 -27.28
C PRO A 236 -15.46 -10.85 -28.29
N GLU A 237 -14.54 -11.78 -28.46
CA GLU A 237 -14.73 -12.86 -29.43
C GLU A 237 -15.76 -13.93 -29.02
N THR A 238 -16.12 -13.98 -27.74
CA THR A 238 -17.09 -14.98 -27.28
C THR A 238 -18.18 -14.41 -26.40
N GLY A 239 -17.90 -13.26 -25.78
CA GLY A 239 -18.88 -12.65 -24.91
C GLY A 239 -18.62 -13.05 -23.47
N GLN A 240 -17.73 -14.01 -23.27
CA GLN A 240 -17.39 -14.49 -21.95
C GLN A 240 -16.46 -13.52 -21.23
N THR A 241 -16.39 -13.63 -19.90
CA THR A 241 -15.46 -12.82 -19.13
C THR A 241 -14.26 -13.80 -19.06
N LYS A 242 -13.08 -13.31 -18.70
CA LYS A 242 -11.91 -14.19 -18.61
C LYS A 242 -12.18 -15.32 -17.63
N GLU A 243 -12.92 -15.03 -16.56
CA GLU A 243 -13.25 -16.01 -15.52
C GLU A 243 -14.08 -17.15 -16.12
N GLU A 244 -15.07 -16.81 -16.94
CA GLU A 244 -15.94 -17.80 -17.56
C GLU A 244 -15.21 -18.61 -18.63
N TRP A 245 -14.33 -17.95 -19.36
CA TRP A 245 -13.55 -18.56 -20.41
C TRP A 245 -12.64 -19.68 -19.87
N LYS A 246 -12.11 -19.48 -18.68
CA LYS A 246 -11.20 -20.45 -18.06
C LYS A 246 -11.81 -21.82 -17.83
N GLY A 247 -13.14 -21.87 -17.68
CA GLY A 247 -13.80 -23.14 -17.46
C GLY A 247 -13.52 -24.12 -18.59
N TYR A 248 -13.63 -23.64 -19.82
CA TYR A 248 -13.38 -24.48 -21.00
C TYR A 248 -11.88 -24.67 -21.21
N ALA A 249 -11.15 -23.56 -21.17
CA ALA A 249 -9.71 -23.58 -21.38
C ALA A 249 -8.93 -24.42 -20.36
N GLU A 250 -9.07 -24.09 -19.08
CA GLU A 250 -8.34 -24.81 -18.05
C GLU A 250 -8.83 -26.23 -17.73
N THR A 251 -10.14 -26.46 -17.78
CA THR A 251 -10.65 -27.80 -17.51
C THR A 251 -10.00 -28.77 -18.46
N ASN A 252 -10.03 -28.43 -19.75
CA ASN A 252 -9.47 -29.30 -20.76
C ASN A 252 -7.96 -29.43 -20.76
N LYS A 253 -7.22 -28.36 -20.44
CA LYS A 253 -5.77 -28.51 -20.40
C LYS A 253 -5.41 -29.38 -19.19
N ILE A 254 -6.13 -29.21 -18.08
CA ILE A 254 -5.87 -30.00 -16.89
C ILE A 254 -6.11 -31.49 -17.20
N LEU A 255 -7.23 -31.77 -17.85
CA LEU A 255 -7.59 -33.15 -18.19
C LEU A 255 -6.79 -33.70 -19.36
N GLY A 256 -6.08 -32.82 -20.05
CA GLY A 256 -5.30 -33.28 -21.20
C GLY A 256 -6.18 -33.55 -22.40
N LEU A 257 -7.27 -32.80 -22.52
CA LEU A 257 -8.21 -32.96 -23.63
C LEU A 257 -8.33 -31.69 -24.44
N SER A 258 -7.29 -30.86 -24.45
CA SER A 258 -7.35 -29.61 -25.21
C SER A 258 -7.55 -29.88 -26.69
N ASP A 259 -7.26 -31.12 -27.10
CA ASP A 259 -7.38 -31.54 -28.49
C ASP A 259 -8.83 -31.84 -28.85
N ASN A 260 -9.55 -32.43 -27.89
CA ASN A 260 -10.95 -32.78 -28.04
C ASN A 260 -11.63 -32.28 -26.77
N PRO A 261 -11.84 -30.97 -26.69
CA PRO A 261 -12.46 -30.31 -25.54
C PRO A 261 -13.90 -30.69 -25.22
N ILE A 262 -14.17 -30.75 -23.92
CA ILE A 262 -15.50 -31.04 -23.42
C ILE A 262 -16.02 -29.63 -23.16
N PRO A 263 -17.20 -29.29 -23.71
CA PRO A 263 -17.70 -27.93 -23.46
C PRO A 263 -18.04 -27.69 -21.99
N VAL A 264 -17.47 -26.61 -21.45
CA VAL A 264 -17.70 -26.22 -20.05
C VAL A 264 -17.89 -24.71 -20.11
N ASP A 265 -19.13 -24.26 -19.93
CA ASP A 265 -19.42 -22.84 -20.01
C ASP A 265 -20.45 -22.41 -18.96
N GLY A 266 -20.60 -21.11 -18.79
CA GLY A 266 -21.56 -20.63 -17.81
C GLY A 266 -21.36 -19.18 -17.42
N LEU A 267 -21.95 -18.80 -16.30
CA LEU A 267 -21.85 -17.44 -15.81
C LEU A 267 -21.18 -17.42 -14.44
N CYS A 268 -20.23 -16.52 -14.26
CA CYS A 268 -19.51 -16.39 -13.00
C CYS A 268 -20.01 -15.16 -12.25
N VAL A 269 -20.62 -15.40 -11.09
CA VAL A 269 -21.19 -14.33 -10.29
C VAL A 269 -20.53 -14.18 -8.92
N ARG A 270 -20.26 -12.94 -8.53
CA ARG A 270 -19.66 -12.62 -7.25
C ARG A 270 -20.78 -12.36 -6.23
N ILE A 271 -20.69 -13.01 -5.08
CA ILE A 271 -21.68 -12.82 -4.03
C ILE A 271 -21.00 -12.46 -2.70
N GLY A 272 -21.80 -12.15 -1.69
CA GLY A 272 -21.26 -11.75 -0.40
C GLY A 272 -20.74 -12.79 0.58
N ALA A 273 -19.93 -13.72 0.10
CA ALA A 273 -19.35 -14.74 0.97
C ALA A 273 -17.87 -14.37 1.10
N LEU A 274 -17.22 -14.80 2.17
CA LEU A 274 -15.81 -14.47 2.37
C LEU A 274 -14.81 -15.31 1.60
N ARG A 275 -14.73 -16.63 1.85
CA ARG A 275 -13.75 -17.43 1.13
C ARG A 275 -14.10 -18.84 0.61
N CYS A 276 -15.31 -19.01 0.09
CA CYS A 276 -15.71 -20.28 -0.48
C CYS A 276 -16.46 -20.03 -1.78
N ASN A 277 -16.06 -20.74 -2.81
CA ASN A 277 -16.69 -20.63 -4.12
C ASN A 277 -17.63 -21.80 -4.26
N SER A 278 -18.88 -21.52 -4.61
CA SER A 278 -19.90 -22.56 -4.78
C SER A 278 -20.32 -22.52 -6.24
N GLN A 279 -20.82 -23.65 -6.74
CA GLN A 279 -21.24 -23.75 -8.15
C GLN A 279 -22.44 -24.66 -8.32
N ALA A 280 -23.36 -24.25 -9.20
CA ALA A 280 -24.55 -25.02 -9.52
C ALA A 280 -24.27 -25.58 -10.91
N PHE A 281 -24.42 -26.90 -11.05
CA PHE A 281 -24.14 -27.54 -12.33
C PHE A 281 -25.35 -28.19 -12.97
N THR A 282 -25.32 -28.22 -14.28
CA THR A 282 -26.32 -28.93 -15.08
C THR A 282 -25.38 -29.72 -15.96
N ILE A 283 -25.24 -31.00 -15.65
CA ILE A 283 -24.32 -31.87 -16.36
C ILE A 283 -24.99 -32.81 -17.34
N LYS A 284 -24.63 -32.68 -18.61
CA LYS A 284 -25.17 -33.56 -19.64
C LYS A 284 -24.24 -34.77 -19.72
N LEU A 285 -24.75 -35.91 -19.26
CA LEU A 285 -24.00 -37.16 -19.27
C LEU A 285 -24.20 -37.87 -20.60
N LYS A 286 -23.25 -38.72 -20.96
CA LYS A 286 -23.33 -39.47 -22.21
C LYS A 286 -24.28 -40.65 -22.10
N LYS A 287 -24.33 -41.24 -20.92
CA LYS A 287 -25.21 -42.38 -20.68
C LYS A 287 -26.29 -42.09 -19.65
N ASP A 288 -27.28 -42.97 -19.59
CA ASP A 288 -28.36 -42.85 -18.65
C ASP A 288 -28.07 -43.85 -17.53
N LEU A 289 -27.48 -43.37 -16.45
CA LEU A 289 -27.12 -44.22 -15.32
C LEU A 289 -28.01 -44.00 -14.10
N PRO A 290 -28.15 -45.02 -13.23
CA PRO A 290 -28.98 -44.86 -12.04
C PRO A 290 -28.31 -43.81 -11.15
N LEU A 291 -29.10 -43.05 -10.41
CA LEU A 291 -28.55 -42.01 -9.54
C LEU A 291 -27.52 -42.57 -8.56
N GLU A 292 -27.80 -43.73 -7.99
CA GLU A 292 -26.88 -44.33 -7.02
C GLU A 292 -25.52 -44.67 -7.59
N GLU A 293 -25.47 -45.04 -8.87
CA GLU A 293 -24.20 -45.36 -9.50
C GLU A 293 -23.42 -44.07 -9.71
N ILE A 294 -24.12 -43.04 -10.17
CA ILE A 294 -23.52 -41.73 -10.39
C ILE A 294 -22.87 -41.25 -9.09
N GLU A 295 -23.58 -41.42 -7.98
CA GLU A 295 -23.08 -41.01 -6.68
C GLU A 295 -21.82 -41.79 -6.28
N GLN A 296 -21.81 -43.10 -6.52
CA GLN A 296 -20.65 -43.92 -6.18
C GLN A 296 -19.45 -43.49 -7.01
N ILE A 297 -19.67 -43.23 -8.30
CA ILE A 297 -18.59 -42.79 -9.17
C ILE A 297 -18.02 -41.45 -8.70
N ILE A 298 -18.90 -40.53 -8.33
CA ILE A 298 -18.45 -39.22 -7.86
C ILE A 298 -17.68 -39.36 -6.55
N ALA A 299 -18.24 -40.10 -5.60
CA ALA A 299 -17.64 -40.29 -4.30
C ALA A 299 -16.31 -41.05 -4.30
N SER A 300 -16.16 -42.01 -5.22
CA SER A 300 -14.95 -42.81 -5.28
C SER A 300 -13.70 -42.19 -5.90
N HIS A 301 -13.86 -41.07 -6.61
CA HIS A 301 -12.72 -40.45 -7.27
C HIS A 301 -11.55 -40.09 -6.35
N ASN A 302 -11.82 -39.34 -5.28
CA ASN A 302 -10.77 -38.94 -4.36
C ASN A 302 -11.30 -38.89 -2.93
N GLU A 303 -10.39 -38.78 -1.97
CA GLU A 303 -10.75 -38.78 -0.56
C GLU A 303 -11.32 -37.49 0.02
N TRP A 304 -11.29 -36.41 -0.75
CA TRP A 304 -11.79 -35.12 -0.26
C TRP A 304 -13.22 -34.83 -0.64
N VAL A 305 -13.64 -35.29 -1.81
CA VAL A 305 -15.02 -35.07 -2.23
C VAL A 305 -15.92 -35.81 -1.24
N LYS A 306 -17.09 -35.24 -0.96
CA LYS A 306 -18.04 -35.84 -0.04
C LYS A 306 -19.43 -35.63 -0.58
N VAL A 307 -20.09 -36.74 -0.95
CA VAL A 307 -21.45 -36.70 -1.48
C VAL A 307 -22.44 -36.48 -0.33
N ILE A 308 -23.16 -35.37 -0.40
CA ILE A 308 -24.13 -34.99 0.61
C ILE A 308 -25.54 -35.44 0.23
N PRO A 309 -26.17 -36.26 1.08
CA PRO A 309 -27.53 -36.73 0.79
C PRO A 309 -28.44 -35.55 0.44
N ASN A 310 -29.38 -35.78 -0.47
CA ASN A 310 -30.32 -34.74 -0.87
C ASN A 310 -31.42 -34.60 0.20
N ASP A 311 -31.00 -34.16 1.38
CA ASP A 311 -31.85 -33.96 2.55
C ASP A 311 -31.60 -32.52 3.04
N LYS A 312 -32.66 -31.83 3.46
CA LYS A 312 -32.57 -30.44 3.90
C LYS A 312 -31.63 -30.18 5.08
N GLU A 313 -31.86 -30.88 6.17
CA GLU A 313 -31.06 -30.72 7.38
C GLU A 313 -29.56 -30.96 7.12
N ILE A 314 -29.22 -32.02 6.39
CA ILE A 314 -27.83 -32.34 6.07
C ILE A 314 -27.23 -31.27 5.14
N THR A 315 -28.02 -30.85 4.17
CA THR A 315 -27.58 -29.84 3.21
C THR A 315 -27.29 -28.51 3.90
N LEU A 316 -28.17 -28.07 4.78
CA LEU A 316 -27.94 -26.80 5.48
C LEU A 316 -26.74 -26.90 6.42
N ARG A 317 -26.39 -28.13 6.78
CA ARG A 317 -25.27 -28.33 7.69
C ARG A 317 -23.93 -28.56 6.99
N GLU A 318 -23.96 -29.25 5.86
CA GLU A 318 -22.74 -29.60 5.12
C GLU A 318 -22.43 -28.85 3.82
N LEU A 319 -23.45 -28.46 3.08
CA LEU A 319 -23.25 -27.83 1.79
C LEU A 319 -23.34 -26.31 1.77
N THR A 320 -22.50 -25.64 2.56
CA THR A 320 -22.50 -24.18 2.63
C THR A 320 -21.10 -23.66 2.88
N PRO A 321 -20.84 -22.40 2.49
CA PRO A 321 -19.52 -21.80 2.71
C PRO A 321 -19.20 -21.76 4.22
N ALA A 322 -20.22 -21.60 5.04
CA ALA A 322 -20.03 -21.53 6.50
C ALA A 322 -19.41 -22.80 7.04
N LYS A 323 -19.81 -23.94 6.47
CA LYS A 323 -19.30 -25.23 6.89
C LYS A 323 -17.92 -25.58 6.32
N VAL A 324 -17.74 -25.35 5.02
CA VAL A 324 -16.48 -25.72 4.37
C VAL A 324 -15.28 -24.78 4.51
N THR A 325 -15.50 -23.51 4.87
CA THR A 325 -14.38 -22.57 4.99
C THR A 325 -13.28 -23.12 5.88
N GLY A 326 -12.05 -23.05 5.37
CA GLY A 326 -10.90 -23.51 6.14
C GLY A 326 -10.67 -25.01 6.11
N THR A 327 -11.51 -25.77 5.41
CA THR A 327 -11.33 -27.22 5.33
C THR A 327 -10.95 -27.69 3.94
N LEU A 328 -10.47 -28.93 3.85
CA LEU A 328 -10.06 -29.52 2.58
C LEU A 328 -11.15 -30.40 2.00
N SER A 329 -12.33 -30.35 2.61
CA SER A 329 -13.46 -31.13 2.16
C SER A 329 -14.13 -30.46 0.97
N VAL A 330 -14.56 -31.26 -0.01
CA VAL A 330 -15.22 -30.73 -1.19
C VAL A 330 -16.59 -31.38 -1.31
N PRO A 331 -17.56 -30.89 -0.52
CA PRO A 331 -18.92 -31.43 -0.54
C PRO A 331 -19.64 -31.16 -1.86
N VAL A 332 -20.43 -32.14 -2.29
CA VAL A 332 -21.20 -32.04 -3.51
C VAL A 332 -22.54 -32.70 -3.19
N GLY A 333 -23.62 -31.95 -3.35
CA GLY A 333 -24.94 -32.48 -3.04
C GLY A 333 -26.00 -32.06 -4.04
N ARG A 334 -27.26 -32.15 -3.63
CA ARG A 334 -28.39 -31.79 -4.49
C ARG A 334 -28.36 -32.61 -5.77
N LEU A 335 -27.78 -33.80 -5.70
CA LEU A 335 -27.67 -34.66 -6.86
C LEU A 335 -29.01 -35.30 -7.24
N ARG A 336 -29.44 -35.05 -8.47
CA ARG A 336 -30.68 -35.62 -8.95
C ARG A 336 -30.77 -35.44 -10.46
N LYS A 337 -31.64 -36.20 -11.10
CA LYS A 337 -31.81 -36.08 -12.53
C LYS A 337 -32.70 -34.87 -12.78
N LEU A 338 -32.43 -34.15 -13.85
CA LEU A 338 -33.19 -32.96 -14.19
C LEU A 338 -34.41 -33.28 -15.05
N ALA A 339 -35.29 -32.30 -15.21
CA ALA A 339 -36.51 -32.46 -15.99
C ALA A 339 -36.25 -32.70 -17.47
N MET A 340 -35.15 -32.17 -17.99
CA MET A 340 -34.83 -32.34 -19.41
C MET A 340 -34.65 -33.80 -19.83
N GLY A 341 -34.26 -34.65 -18.88
CA GLY A 341 -34.07 -36.06 -19.22
C GLY A 341 -33.20 -36.79 -18.20
N PRO A 342 -33.13 -38.13 -18.28
CA PRO A 342 -32.33 -38.95 -17.35
C PRO A 342 -30.82 -38.82 -17.54
N GLU A 343 -30.41 -38.15 -18.61
CA GLU A 343 -29.00 -37.94 -18.91
C GLU A 343 -28.52 -36.58 -18.40
N TYR A 344 -29.46 -35.78 -17.90
CA TYR A 344 -29.17 -34.46 -17.36
C TYR A 344 -29.12 -34.56 -15.85
N LEU A 345 -27.97 -34.17 -15.29
CA LEU A 345 -27.77 -34.26 -13.85
C LEU A 345 -27.54 -32.91 -13.20
N ALA A 346 -28.17 -32.71 -12.05
CA ALA A 346 -28.01 -31.48 -11.28
C ALA A 346 -27.04 -31.76 -10.14
N ALA A 347 -26.29 -30.75 -9.74
CA ALA A 347 -25.37 -30.91 -8.64
C ALA A 347 -24.93 -29.55 -8.19
N PHE A 348 -24.70 -29.41 -6.89
CA PHE A 348 -24.26 -28.17 -6.30
C PHE A 348 -23.06 -28.51 -5.43
N THR A 349 -21.96 -27.77 -5.60
CA THR A 349 -20.78 -28.05 -4.79
C THR A 349 -20.25 -26.78 -4.14
N VAL A 350 -19.49 -26.97 -3.06
CA VAL A 350 -18.90 -25.85 -2.32
C VAL A 350 -17.46 -26.22 -1.95
N GLY A 351 -16.55 -25.26 -2.12
CA GLY A 351 -15.15 -25.51 -1.78
C GLY A 351 -14.40 -24.25 -1.37
N ASP A 352 -13.40 -24.40 -0.51
CA ASP A 352 -12.61 -23.27 -0.06
C ASP A 352 -11.70 -22.86 -1.21
N GLN A 353 -11.83 -21.63 -1.68
CA GLN A 353 -11.02 -21.17 -2.80
C GLN A 353 -9.54 -20.98 -2.51
N LEU A 354 -9.17 -20.84 -1.24
CA LEU A 354 -7.76 -20.66 -0.89
C LEU A 354 -7.00 -21.97 -0.69
N LEU A 355 -7.73 -23.07 -0.49
CA LEU A 355 -7.09 -24.37 -0.30
C LEU A 355 -6.97 -25.12 -1.62
N TRP A 356 -7.93 -25.99 -1.93
CA TRP A 356 -7.89 -26.73 -3.19
C TRP A 356 -7.93 -25.78 -4.37
N GLY A 357 -8.41 -24.56 -4.13
CA GLY A 357 -8.48 -23.57 -5.19
C GLY A 357 -7.21 -22.74 -5.35
N ALA A 358 -6.23 -22.93 -4.48
CA ALA A 358 -5.01 -22.15 -4.57
C ALA A 358 -3.76 -22.79 -4.01
N ALA A 359 -3.59 -22.71 -2.69
CA ALA A 359 -2.40 -23.24 -2.02
C ALA A 359 -2.20 -24.74 -2.05
N GLU A 360 -3.29 -25.52 -1.93
CA GLU A 360 -3.14 -26.96 -1.86
C GLU A 360 -2.49 -27.64 -3.07
N PRO A 361 -2.92 -27.29 -4.30
CA PRO A 361 -2.30 -27.91 -5.48
C PRO A 361 -0.83 -27.56 -5.59
N VAL A 362 -0.49 -26.33 -5.21
CA VAL A 362 0.87 -25.82 -5.24
C VAL A 362 1.72 -26.58 -4.21
N ARG A 363 1.16 -26.67 -3.01
CA ARG A 363 1.82 -27.35 -1.92
C ARG A 363 2.13 -28.80 -2.29
N ARG A 364 1.17 -29.45 -2.93
CA ARG A 364 1.31 -30.84 -3.33
C ARG A 364 2.33 -31.09 -4.43
N ILE A 365 2.36 -30.25 -5.46
CA ILE A 365 3.35 -30.48 -6.51
C ILE A 365 4.75 -30.20 -5.95
N LEU A 366 4.88 -29.22 -5.06
CA LEU A 366 6.18 -28.93 -4.46
C LEU A 366 6.71 -30.16 -3.72
N LYS A 367 5.85 -30.80 -2.93
CA LYS A 367 6.25 -31.98 -2.19
C LYS A 367 6.75 -33.07 -3.15
N GLN A 368 6.03 -33.25 -4.26
CA GLN A 368 6.41 -34.24 -5.26
C GLN A 368 7.79 -33.92 -5.84
N LEU A 369 8.02 -32.64 -6.13
CA LEU A 369 9.29 -32.20 -6.71
C LEU A 369 10.48 -32.25 -5.79
N VAL A 370 10.27 -32.10 -4.48
CA VAL A 370 11.39 -32.11 -3.55
C VAL A 370 11.81 -33.52 -3.14
N ALA A 371 10.97 -34.51 -3.45
CA ALA A 371 11.28 -35.89 -3.11
C ALA A 371 10.42 -36.87 -3.89
N MET B 1 72.70 8.72 6.13
CA MET B 1 71.23 8.91 6.00
C MET B 1 70.87 10.01 5.02
N LYS B 2 69.62 10.03 4.59
CA LYS B 2 69.15 11.00 3.62
C LYS B 2 68.95 12.41 4.13
N ASN B 3 69.15 13.38 3.24
CA ASN B 3 68.97 14.78 3.57
C ASN B 3 67.58 15.14 3.10
N VAL B 4 66.74 15.50 4.06
CA VAL B 4 65.36 15.83 3.78
C VAL B 4 65.03 17.28 4.11
N GLY B 5 64.41 17.96 3.16
CA GLY B 5 64.04 19.34 3.38
C GLY B 5 62.56 19.43 3.72
N PHE B 6 62.21 20.34 4.63
CA PHE B 6 60.83 20.51 5.03
C PHE B 6 60.35 21.93 4.74
N ILE B 7 59.28 22.01 3.94
CA ILE B 7 58.67 23.29 3.57
C ILE B 7 57.26 23.31 4.17
N GLY B 8 56.81 24.48 4.60
CA GLY B 8 55.47 24.60 5.16
C GLY B 8 55.26 23.86 6.48
N TRP B 9 56.34 23.60 7.19
CA TRP B 9 56.27 22.90 8.48
C TRP B 9 55.59 23.77 9.54
N ARG B 10 55.50 25.07 9.26
CA ARG B 10 54.93 26.02 10.21
C ARG B 10 53.41 26.19 10.13
N GLY B 11 52.81 25.76 9.02
CA GLY B 11 51.38 25.89 8.88
C GLY B 11 50.58 24.89 9.71
N MET B 12 49.28 24.84 9.46
CA MET B 12 48.39 23.93 10.18
C MET B 12 48.72 22.47 9.88
N VAL B 13 48.75 22.12 8.59
CA VAL B 13 49.07 20.75 8.21
C VAL B 13 50.50 20.43 8.60
N GLY B 14 51.41 21.37 8.34
CA GLY B 14 52.82 21.18 8.67
C GLY B 14 53.02 20.97 10.15
N SER B 15 52.31 21.73 10.97
CA SER B 15 52.42 21.61 12.42
C SER B 15 51.99 20.22 12.88
N VAL B 16 50.90 19.71 12.32
CA VAL B 16 50.42 18.37 12.67
C VAL B 16 51.46 17.35 12.21
N LEU B 17 52.11 17.62 11.08
CA LEU B 17 53.12 16.70 10.58
C LEU B 17 54.32 16.69 11.54
N MET B 18 54.74 17.87 12.00
CA MET B 18 55.87 17.94 12.92
C MET B 18 55.54 17.17 14.20
N ASP B 19 54.31 17.32 14.70
CA ASP B 19 53.90 16.62 15.92
C ASP B 19 53.96 15.11 15.75
N ARG B 20 53.34 14.62 14.69
CA ARG B 20 53.31 13.19 14.40
C ARG B 20 54.70 12.62 14.17
N MET B 21 55.53 13.36 13.42
CA MET B 21 56.89 12.89 13.16
C MET B 21 57.66 12.85 14.48
N SER B 22 57.43 13.82 15.34
CA SER B 22 58.11 13.86 16.64
C SER B 22 57.62 12.69 17.52
N GLN B 23 56.33 12.42 17.47
CA GLN B 23 55.74 11.33 18.26
C GLN B 23 56.23 9.96 17.79
N GLU B 24 56.55 9.86 16.50
CA GLU B 24 57.02 8.62 15.91
C GLU B 24 58.54 8.53 15.84
N ASN B 25 59.21 9.59 16.28
CA ASN B 25 60.67 9.65 16.26
C ASN B 25 61.14 9.51 14.81
N ASP B 26 60.43 10.17 13.89
CA ASP B 26 60.74 10.10 12.47
C ASP B 26 61.94 10.91 11.99
N PHE B 27 62.53 11.73 12.85
CA PHE B 27 63.69 12.50 12.43
C PHE B 27 64.97 11.70 12.67
N GLU B 28 64.82 10.58 13.36
CA GLU B 28 65.91 9.68 13.70
C GLU B 28 66.88 9.33 12.58
N ASN B 29 66.35 8.72 11.53
CA ASN B 29 67.17 8.29 10.40
C ASN B 29 67.24 9.22 9.19
N LEU B 30 67.21 10.52 9.43
CA LEU B 30 67.30 11.48 8.33
C LEU B 30 67.96 12.77 8.80
N ASN B 31 68.49 13.54 7.86
CA ASN B 31 69.13 14.81 8.17
C ASN B 31 68.20 15.95 7.73
N PRO B 32 67.53 16.59 8.71
CA PRO B 32 66.60 17.69 8.49
C PRO B 32 67.17 19.04 8.08
N VAL B 33 66.54 19.64 7.08
CA VAL B 33 66.92 20.97 6.61
C VAL B 33 65.58 21.68 6.45
N PHE B 34 65.38 22.76 7.22
CA PHE B 34 64.13 23.49 7.17
C PHE B 34 64.13 24.77 6.34
N PHE B 35 63.05 24.96 5.57
CA PHE B 35 62.90 26.11 4.70
C PHE B 35 61.74 26.99 5.10
N THR B 36 61.76 28.22 4.61
CA THR B 36 60.73 29.19 4.91
C THR B 36 60.54 30.16 3.75
N THR B 37 59.33 30.72 3.64
CA THR B 37 59.03 31.67 2.58
C THR B 37 59.01 33.08 3.16
N SER B 38 59.22 33.21 4.46
CA SER B 38 59.17 34.52 5.11
C SER B 38 60.11 34.78 6.30
N GLN B 39 60.95 33.81 6.65
CA GLN B 39 61.83 34.01 7.80
C GLN B 39 63.24 33.42 7.63
N ALA B 40 63.82 33.60 6.45
CA ALA B 40 65.16 33.08 6.18
C ALA B 40 66.20 33.65 7.15
N GLY B 41 67.21 32.84 7.48
CA GLY B 41 68.25 33.28 8.39
C GLY B 41 67.88 32.99 9.84
N GLN B 42 66.61 33.15 10.17
CA GLN B 42 66.13 32.90 11.52
C GLN B 42 66.38 31.46 11.96
N LYS B 43 66.54 31.27 13.26
CA LYS B 43 66.81 29.96 13.86
C LYS B 43 65.65 28.99 13.66
N ALA B 44 65.98 27.77 13.23
CA ALA B 44 64.97 26.74 13.01
C ALA B 44 64.56 26.10 14.34
N PRO B 45 63.25 25.98 14.60
CA PRO B 45 62.81 25.37 15.86
C PRO B 45 63.39 23.96 16.04
N VAL B 46 63.59 23.57 17.28
CA VAL B 46 64.14 22.25 17.58
C VAL B 46 63.04 21.19 17.41
N PHE B 47 63.14 20.37 16.37
CA PHE B 47 62.16 19.32 16.12
C PHE B 47 62.78 17.91 16.22
N GLY B 48 62.10 17.03 16.93
CA GLY B 48 62.57 15.66 17.07
C GLY B 48 63.95 15.48 17.65
N GLY B 49 64.32 16.33 18.60
CA GLY B 49 65.63 16.21 19.22
C GLY B 49 66.81 16.52 18.33
N LYS B 50 66.58 17.27 17.25
CA LYS B 50 67.66 17.63 16.34
C LYS B 50 67.69 19.12 16.04
N ASP B 51 68.91 19.64 15.89
CA ASP B 51 69.12 21.05 15.58
C ASP B 51 69.36 21.19 14.08
N ALA B 52 68.40 21.78 13.38
CA ALA B 52 68.51 21.97 11.93
C ALA B 52 69.19 23.30 11.58
N GLY B 53 69.64 24.02 12.60
CA GLY B 53 70.32 25.28 12.37
C GLY B 53 69.39 26.43 12.03
N ASP B 54 69.71 27.15 10.95
CA ASP B 54 68.90 28.28 10.55
C ASP B 54 68.05 28.01 9.31
N LEU B 55 66.88 28.62 9.29
CA LEU B 55 65.95 28.47 8.18
C LEU B 55 66.53 28.97 6.86
N LYS B 56 66.34 28.18 5.80
CA LYS B 56 66.83 28.54 4.48
C LYS B 56 65.64 29.03 3.66
N SER B 57 65.90 29.79 2.60
CA SER B 57 64.82 30.29 1.76
C SER B 57 64.20 29.16 0.95
N ALA B 58 62.89 28.99 1.07
CA ALA B 58 62.15 27.96 0.35
C ALA B 58 62.17 28.19 -1.15
N PHE B 59 62.70 29.33 -1.56
CA PHE B 59 62.79 29.66 -2.98
C PHE B 59 64.23 29.60 -3.49
N ASP B 60 65.15 29.18 -2.62
CA ASP B 60 66.57 29.06 -2.98
C ASP B 60 66.80 27.71 -3.63
N ILE B 61 66.66 27.65 -4.95
CA ILE B 61 66.81 26.41 -5.68
C ILE B 61 68.17 25.73 -5.48
N GLU B 62 69.22 26.51 -5.26
CA GLU B 62 70.54 25.93 -5.08
C GLU B 62 70.68 25.17 -3.76
N GLU B 63 69.89 25.54 -2.75
CA GLU B 63 69.95 24.83 -1.48
C GLU B 63 69.04 23.61 -1.59
N LEU B 64 67.88 23.79 -2.22
CA LEU B 64 66.93 22.70 -2.40
C LEU B 64 67.52 21.57 -3.22
N LYS B 65 68.30 21.92 -4.23
CA LYS B 65 68.96 20.94 -5.11
C LYS B 65 69.84 19.98 -4.34
N LYS B 66 70.34 20.41 -3.20
CA LYS B 66 71.22 19.58 -2.39
C LYS B 66 70.52 18.48 -1.58
N LEU B 67 69.19 18.48 -1.59
CA LEU B 67 68.41 17.50 -0.82
C LEU B 67 68.02 16.24 -1.60
N ASP B 68 67.85 15.14 -0.87
CA ASP B 68 67.47 13.86 -1.45
C ASP B 68 65.95 13.79 -1.53
N ILE B 69 65.30 14.38 -0.53
CA ILE B 69 63.85 14.39 -0.42
C ILE B 69 63.38 15.75 0.04
N ILE B 70 62.21 16.16 -0.45
CA ILE B 70 61.61 17.42 -0.06
C ILE B 70 60.19 17.10 0.37
N VAL B 71 59.83 17.51 1.57
CA VAL B 71 58.49 17.27 2.10
C VAL B 71 57.87 18.66 2.24
N THR B 72 56.80 18.92 1.49
CA THR B 72 56.16 20.23 1.54
C THR B 72 54.68 20.23 1.95
N CYS B 73 54.36 21.13 2.87
CA CYS B 73 53.00 21.32 3.37
C CYS B 73 52.71 22.81 3.21
N GLN B 74 53.48 23.44 2.33
CA GLN B 74 53.35 24.88 2.08
C GLN B 74 52.10 25.30 1.33
N GLY B 75 51.80 24.60 0.22
CA GLY B 75 50.63 24.94 -0.57
C GLY B 75 50.83 24.81 -2.07
N GLY B 76 49.74 24.88 -2.83
CA GLY B 76 49.82 24.75 -4.28
C GLY B 76 50.49 25.88 -5.06
N ASP B 77 50.37 27.12 -4.58
CA ASP B 77 51.00 28.24 -5.28
C ASP B 77 52.50 28.10 -5.18
N TYR B 78 52.97 27.67 -4.01
CA TYR B 78 54.39 27.47 -3.80
C TYR B 78 54.88 26.36 -4.73
N THR B 79 54.27 25.19 -4.60
CA THR B 79 54.63 24.04 -5.42
C THR B 79 54.68 24.37 -6.90
N ASN B 80 53.63 25.00 -7.42
CA ASN B 80 53.60 25.35 -8.83
C ASN B 80 54.71 26.32 -9.24
N GLU B 81 55.24 27.07 -8.28
CA GLU B 81 56.32 28.00 -8.60
C GLU B 81 57.69 27.37 -8.50
N VAL B 82 57.94 26.66 -7.41
CA VAL B 82 59.23 26.04 -7.17
C VAL B 82 59.50 24.69 -7.83
N TYR B 83 58.54 23.77 -7.76
CA TYR B 83 58.71 22.44 -8.35
C TYR B 83 59.28 22.52 -9.78
N PRO B 84 58.64 23.31 -10.65
CA PRO B 84 59.12 23.44 -12.03
C PRO B 84 60.57 23.90 -12.14
N LYS B 85 60.96 24.83 -11.28
CA LYS B 85 62.31 25.38 -11.29
C LYS B 85 63.33 24.36 -10.75
N LEU B 86 62.93 23.59 -9.76
CA LEU B 86 63.83 22.59 -9.20
C LEU B 86 64.02 21.44 -10.18
N LYS B 87 62.93 20.99 -10.78
CA LYS B 87 62.98 19.90 -11.75
C LYS B 87 63.84 20.27 -12.96
N ALA B 88 63.82 21.55 -13.33
CA ALA B 88 64.58 22.06 -14.48
C ALA B 88 66.10 21.98 -14.27
N THR B 89 66.54 21.87 -13.02
CA THR B 89 67.96 21.79 -12.72
C THR B 89 68.53 20.39 -12.93
N GLY B 90 67.65 19.42 -13.18
CA GLY B 90 68.12 18.06 -13.38
C GLY B 90 67.94 17.27 -12.08
N TRP B 91 67.60 17.99 -11.02
CA TRP B 91 67.38 17.38 -9.70
C TRP B 91 66.46 16.17 -9.80
N ASP B 92 66.94 14.99 -9.39
CA ASP B 92 66.09 13.81 -9.44
C ASP B 92 65.77 13.26 -8.05
N GLY B 93 65.50 14.16 -7.11
CA GLY B 93 65.17 13.73 -5.77
C GLY B 93 63.68 13.46 -5.65
N TYR B 94 63.22 13.10 -4.44
CA TYR B 94 61.82 12.82 -4.20
C TYR B 94 61.08 14.04 -3.71
N TRP B 95 59.86 14.22 -4.23
CA TRP B 95 59.04 15.35 -3.84
C TRP B 95 57.75 14.79 -3.21
N VAL B 96 57.53 15.10 -1.94
CA VAL B 96 56.36 14.65 -1.20
C VAL B 96 55.55 15.90 -0.92
N ASP B 97 54.33 15.95 -1.44
CA ASP B 97 53.48 17.13 -1.31
C ASP B 97 52.10 16.87 -0.68
N ALA B 98 51.62 17.81 0.12
CA ALA B 98 50.30 17.69 0.73
C ALA B 98 49.31 18.48 -0.13
N ALA B 99 49.84 19.39 -0.94
CA ALA B 99 49.01 20.22 -1.82
C ALA B 99 48.49 19.37 -2.97
N SER B 100 47.37 19.80 -3.56
CA SER B 100 46.76 19.09 -4.67
C SER B 100 47.43 19.33 -6.03
N ALA B 101 48.15 20.43 -6.13
CA ALA B 101 48.84 20.82 -7.37
C ALA B 101 49.28 19.72 -8.32
N LEU B 102 50.07 18.76 -7.83
CA LEU B 102 50.62 17.71 -8.69
C LEU B 102 49.90 16.36 -8.67
N ARG B 103 48.75 16.28 -8.00
CA ARG B 103 48.03 15.01 -7.91
C ARG B 103 47.69 14.29 -9.21
N MET B 104 47.22 15.03 -10.21
CA MET B 104 46.83 14.40 -11.47
C MET B 104 47.91 14.33 -12.55
N LYS B 105 49.15 14.64 -12.18
CA LYS B 105 50.25 14.58 -13.13
C LYS B 105 50.62 13.11 -13.34
N ASP B 106 50.98 12.76 -14.57
CA ASP B 106 51.31 11.38 -14.91
C ASP B 106 52.58 10.83 -14.24
N ASP B 107 53.44 11.71 -13.75
CA ASP B 107 54.66 11.25 -13.10
C ASP B 107 54.53 11.33 -11.57
N ALA B 108 53.30 11.47 -11.09
CA ALA B 108 53.04 11.57 -9.65
C ALA B 108 52.04 10.51 -9.17
N ILE B 109 52.29 9.97 -7.99
CA ILE B 109 51.41 8.96 -7.39
C ILE B 109 50.68 9.51 -6.16
N ILE B 110 49.38 9.25 -6.07
CA ILE B 110 48.60 9.68 -4.91
C ILE B 110 48.77 8.57 -3.87
N VAL B 111 49.30 8.94 -2.70
CA VAL B 111 49.57 7.99 -1.63
C VAL B 111 48.54 7.85 -0.52
N LEU B 112 48.26 6.60 -0.14
CA LEU B 112 47.37 6.23 0.95
C LEU B 112 47.73 4.76 1.15
N ASP B 113 48.99 4.53 1.52
CA ASP B 113 49.54 3.18 1.68
C ASP B 113 48.69 2.09 2.34
N PRO B 114 47.92 2.40 3.38
CA PRO B 114 47.14 1.30 3.94
C PRO B 114 46.14 0.77 2.90
N VAL B 115 45.85 1.62 1.91
CA VAL B 115 44.91 1.27 0.85
C VAL B 115 45.60 0.93 -0.49
N ASN B 116 46.60 1.71 -0.89
CA ASN B 116 47.26 1.47 -2.16
C ASN B 116 48.77 1.25 -2.11
N GLN B 117 49.22 0.38 -1.22
CA GLN B 117 50.66 0.12 -1.13
C GLN B 117 51.17 -0.52 -2.43
N HIS B 118 50.35 -1.35 -3.07
CA HIS B 118 50.76 -2.01 -4.31
C HIS B 118 51.05 -0.97 -5.38
N VAL B 119 50.17 0.00 -5.53
CA VAL B 119 50.35 1.06 -6.51
C VAL B 119 51.60 1.86 -6.16
N ILE B 120 51.84 2.08 -4.87
CA ILE B 120 53.01 2.84 -4.46
C ILE B 120 54.30 2.10 -4.78
N SER B 121 54.37 0.83 -4.38
CA SER B 121 55.56 0.00 -4.61
C SER B 121 55.93 -0.07 -6.09
N GLU B 122 54.93 -0.32 -6.92
CA GLU B 122 55.11 -0.42 -8.36
C GLU B 122 55.66 0.90 -8.90
N GLY B 123 55.12 2.01 -8.39
CA GLY B 123 55.56 3.32 -8.81
C GLY B 123 57.01 3.57 -8.46
N LEU B 124 57.42 3.11 -7.28
CA LEU B 124 58.80 3.28 -6.83
C LEU B 124 59.73 2.51 -7.77
N LYS B 125 59.34 1.29 -8.10
CA LYS B 125 60.12 0.44 -9.00
C LYS B 125 60.26 1.10 -10.37
N LYS B 126 59.16 1.67 -10.88
CA LYS B 126 59.15 2.33 -12.17
C LYS B 126 59.94 3.64 -12.17
N GLY B 127 60.41 4.07 -11.00
CA GLY B 127 61.18 5.30 -10.92
C GLY B 127 60.39 6.56 -10.60
N ILE B 128 59.14 6.42 -10.19
CA ILE B 128 58.32 7.58 -9.85
C ILE B 128 58.98 8.33 -8.69
N LYS B 129 59.12 9.64 -8.84
CA LYS B 129 59.76 10.47 -7.82
C LYS B 129 58.84 11.48 -7.13
N THR B 130 57.60 11.60 -7.59
CA THR B 130 56.69 12.55 -6.99
C THR B 130 55.50 11.87 -6.33
N PHE B 131 55.33 12.10 -5.03
CA PHE B 131 54.23 11.50 -4.28
C PHE B 131 53.40 12.55 -3.56
N VAL B 132 52.10 12.53 -3.84
CA VAL B 132 51.16 13.49 -3.27
C VAL B 132 50.02 12.87 -2.47
N GLY B 133 49.70 13.50 -1.35
CA GLY B 133 48.61 13.00 -0.52
C GLY B 133 47.30 13.32 -1.22
N GLY B 134 46.32 12.44 -1.07
CA GLY B 134 45.04 12.65 -1.71
C GLY B 134 44.11 13.65 -1.05
N ASN B 135 42.99 13.93 -1.73
CA ASN B 135 41.98 14.83 -1.22
C ASN B 135 41.54 14.28 0.12
N CYS B 136 41.46 15.14 1.12
CA CYS B 136 41.08 14.68 2.45
C CYS B 136 39.82 13.82 2.54
N THR B 137 38.73 14.21 1.88
CA THR B 137 37.50 13.41 1.96
C THR B 137 37.59 12.04 1.26
N VAL B 138 38.31 11.97 0.15
CA VAL B 138 38.50 10.71 -0.57
C VAL B 138 39.35 9.76 0.27
N SER B 139 40.43 10.29 0.86
CA SER B 139 41.31 9.48 1.69
C SER B 139 40.55 8.89 2.88
N LEU B 140 39.77 9.73 3.55
CA LEU B 140 38.98 9.31 4.70
C LEU B 140 37.94 8.27 4.30
N MET B 141 37.39 8.43 3.09
CA MET B 141 36.40 7.47 2.61
C MET B 141 37.06 6.10 2.39
N LEU B 142 38.23 6.10 1.75
CA LEU B 142 38.93 4.85 1.48
C LEU B 142 39.44 4.17 2.74
N MET B 143 39.83 4.97 3.73
CA MET B 143 40.30 4.40 4.98
C MET B 143 39.12 3.68 5.66
N ALA B 144 37.91 4.20 5.45
CA ALA B 144 36.73 3.61 6.06
C ALA B 144 36.15 2.41 5.32
N ILE B 145 35.97 2.52 4.01
CA ILE B 145 35.39 1.42 3.25
C ILE B 145 36.30 0.79 2.20
N GLY B 146 37.61 0.92 2.39
CA GLY B 146 38.55 0.34 1.44
C GLY B 146 38.39 -1.16 1.30
N GLY B 147 37.82 -1.79 2.32
CA GLY B 147 37.63 -3.23 2.28
C GLY B 147 36.70 -3.65 1.15
N LEU B 148 35.66 -2.85 0.89
CA LEU B 148 34.71 -3.15 -0.16
C LEU B 148 35.36 -3.01 -1.54
N PHE B 149 36.21 -1.99 -1.72
CA PHE B 149 36.88 -1.79 -3.00
C PHE B 149 37.89 -2.93 -3.17
N GLU B 150 38.55 -3.25 -2.06
CA GLU B 150 39.53 -4.32 -2.01
C GLU B 150 38.96 -5.62 -2.59
N LYS B 151 37.74 -5.95 -2.18
CA LYS B 151 37.07 -7.15 -2.64
C LYS B 151 36.36 -6.92 -3.97
N ASP B 152 36.49 -5.73 -4.52
CA ASP B 152 35.88 -5.37 -5.79
C ASP B 152 34.36 -5.55 -5.74
N LEU B 153 33.77 -5.13 -4.63
CA LEU B 153 32.32 -5.23 -4.42
C LEU B 153 31.57 -3.95 -4.74
N VAL B 154 32.28 -2.87 -5.06
CA VAL B 154 31.61 -1.60 -5.31
C VAL B 154 31.29 -1.30 -6.76
N GLU B 155 30.03 -0.97 -7.03
CA GLU B 155 29.63 -0.62 -8.39
C GLU B 155 29.76 0.90 -8.50
N TRP B 156 29.22 1.62 -7.51
CA TRP B 156 29.34 3.08 -7.45
C TRP B 156 29.01 3.59 -6.06
N ILE B 157 29.45 4.81 -5.77
CA ILE B 157 29.20 5.44 -4.46
C ILE B 157 28.61 6.83 -4.59
N SER B 158 27.50 7.06 -3.90
CA SER B 158 26.89 8.39 -3.90
C SER B 158 27.28 8.97 -2.54
N VAL B 159 27.79 10.20 -2.54
CA VAL B 159 28.25 10.84 -1.31
C VAL B 159 27.63 12.21 -1.02
N ALA B 160 27.50 12.50 0.28
CA ALA B 160 27.02 13.78 0.77
C ALA B 160 27.95 14.03 1.95
N THR B 161 28.72 15.10 1.91
CA THR B 161 29.66 15.35 3.00
C THR B 161 29.22 16.42 3.98
N TYR B 162 29.87 16.40 5.14
CA TYR B 162 29.64 17.34 6.24
C TYR B 162 31.07 17.75 6.58
N GLN B 163 31.58 18.74 5.87
CA GLN B 163 32.97 19.15 6.05
C GLN B 163 33.25 20.28 7.03
N ALA B 164 34.34 20.09 7.79
CA ALA B 164 34.78 21.02 8.82
C ALA B 164 35.41 22.29 8.28
N ALA B 165 35.26 23.38 9.03
CA ALA B 165 35.80 24.68 8.65
C ALA B 165 37.32 24.64 8.49
N SER B 166 37.96 23.79 9.29
CA SER B 166 39.41 23.62 9.26
C SER B 166 39.87 23.21 7.86
N GLY B 167 38.98 22.54 7.13
CA GLY B 167 39.31 22.09 5.79
C GLY B 167 39.49 23.25 4.83
N ALA B 168 39.02 24.43 5.23
CA ALA B 168 39.13 25.61 4.39
C ALA B 168 40.28 26.51 4.88
N GLY B 169 40.87 26.16 6.01
CA GLY B 169 41.96 26.96 6.55
C GLY B 169 41.82 27.44 7.98
N ALA B 170 42.94 27.85 8.57
CA ALA B 170 42.98 28.36 9.93
C ALA B 170 42.11 29.61 10.09
N LYS B 171 42.12 30.49 9.09
CA LYS B 171 41.33 31.71 9.15
C LYS B 171 39.84 31.41 9.17
N ASN B 172 39.44 30.35 8.46
CA ASN B 172 38.04 29.96 8.37
C ASN B 172 37.58 29.32 9.68
N MET B 173 38.47 28.61 10.37
CA MET B 173 38.09 28.00 11.63
C MET B 173 37.90 29.10 12.67
N ARG B 174 38.78 30.08 12.66
CA ARG B 174 38.69 31.19 13.60
C ARG B 174 37.41 31.97 13.32
N GLU B 175 37.09 32.16 12.04
CA GLU B 175 35.88 32.87 11.68
C GLU B 175 34.64 32.14 12.20
N LEU B 176 34.62 30.82 12.03
CA LEU B 176 33.50 30.01 12.50
C LEU B 176 33.28 30.21 13.99
N LEU B 177 34.37 30.13 14.76
CA LEU B 177 34.27 30.31 16.20
C LEU B 177 33.74 31.71 16.54
N SER B 178 34.21 32.72 15.83
CA SER B 178 33.75 34.09 16.09
C SER B 178 32.24 34.21 15.85
N GLN B 179 31.77 33.64 14.75
CA GLN B 179 30.35 33.67 14.42
C GLN B 179 29.54 32.97 15.52
N MET B 180 30.01 31.79 15.93
CA MET B 180 29.32 31.05 16.98
C MET B 180 29.17 31.89 18.24
N GLY B 181 30.24 32.59 18.61
CA GLY B 181 30.22 33.43 19.78
C GLY B 181 29.22 34.57 19.64
N LEU B 182 29.21 35.19 18.47
CA LEU B 182 28.30 36.31 18.21
C LEU B 182 26.82 35.91 18.23
N LEU B 183 26.51 34.71 17.76
CA LEU B 183 25.12 34.26 17.75
C LEU B 183 24.60 34.08 19.17
N GLU B 184 25.45 33.56 20.06
CA GLU B 184 25.05 33.36 21.45
C GLU B 184 24.99 34.71 22.17
N GLN B 185 25.98 35.57 21.91
CA GLN B 185 26.00 36.88 22.54
C GLN B 185 24.75 37.71 22.23
N ALA B 186 24.19 37.51 21.04
CA ALA B 186 23.00 38.25 20.62
C ALA B 186 21.80 37.96 21.52
N VAL B 187 21.86 36.84 22.23
CA VAL B 187 20.77 36.43 23.11
C VAL B 187 21.27 35.94 24.46
N SER B 188 22.41 36.46 24.89
CA SER B 188 23.01 36.06 26.15
C SER B 188 22.03 36.10 27.34
N SER B 189 21.38 37.24 27.54
CA SER B 189 20.41 37.38 28.64
C SER B 189 19.17 36.52 28.46
N GLU B 190 18.60 36.52 27.27
CA GLU B 190 17.42 35.71 27.00
C GLU B 190 17.66 34.25 27.37
N LEU B 191 18.84 33.72 27.02
CA LEU B 191 19.13 32.32 27.32
C LEU B 191 19.14 31.99 28.81
N LYS B 192 19.42 32.96 29.66
CA LYS B 192 19.45 32.74 31.10
C LYS B 192 18.12 33.09 31.78
N ASP B 193 17.16 33.56 30.98
CA ASP B 193 15.81 33.89 31.46
C ASP B 193 15.02 32.63 31.05
N PRO B 194 14.65 31.79 32.03
CA PRO B 194 13.90 30.57 31.71
C PRO B 194 12.55 30.78 31.05
N ALA B 195 11.93 31.92 31.30
CA ALA B 195 10.63 32.22 30.74
C ALA B 195 10.65 32.95 29.40
N SER B 196 11.83 33.14 28.83
CA SER B 196 11.93 33.86 27.54
C SER B 196 11.38 33.06 26.37
N SER B 197 10.89 33.79 25.37
CA SER B 197 10.31 33.20 24.17
C SER B 197 11.36 32.68 23.20
N ILE B 198 11.24 31.42 22.81
CA ILE B 198 12.19 30.81 21.88
C ILE B 198 12.14 31.49 20.50
N LEU B 199 10.97 31.97 20.09
CA LEU B 199 10.85 32.62 18.80
C LEU B 199 11.52 34.00 18.81
N ASP B 200 11.43 34.69 19.94
CA ASP B 200 12.08 36.00 20.08
C ASP B 200 13.58 35.75 20.07
N ILE B 201 13.99 34.66 20.70
CA ILE B 201 15.41 34.30 20.74
C ILE B 201 15.89 34.04 19.31
N GLU B 202 15.17 33.19 18.58
CA GLU B 202 15.57 32.88 17.22
C GLU B 202 15.57 34.09 16.28
N ARG B 203 14.61 34.99 16.42
CA ARG B 203 14.60 36.18 15.56
C ARG B 203 15.87 36.99 15.77
N LYS B 204 16.28 37.13 17.02
CA LYS B 204 17.49 37.87 17.35
C LYS B 204 18.77 37.20 16.83
N VAL B 205 18.84 35.88 16.90
CA VAL B 205 19.99 35.15 16.41
C VAL B 205 20.09 35.26 14.89
N THR B 206 18.95 35.10 14.22
CA THR B 206 18.89 35.18 12.77
C THR B 206 19.23 36.59 12.30
N ALA B 207 18.77 37.60 13.06
CA ALA B 207 19.06 38.99 12.72
C ALA B 207 20.57 39.22 12.80
N LYS B 208 21.20 38.71 13.85
CA LYS B 208 22.64 38.87 14.00
C LYS B 208 23.39 38.13 12.88
N MET B 209 22.85 36.99 12.46
CA MET B 209 23.45 36.20 11.40
C MET B 209 23.42 36.94 10.06
N ARG B 210 22.38 37.74 9.88
CA ARG B 210 22.19 38.50 8.66
C ARG B 210 22.75 39.91 8.72
N ALA B 211 23.30 40.29 9.87
CA ALA B 211 23.85 41.62 10.04
C ALA B 211 25.12 41.84 9.22
N ASP B 212 25.24 43.03 8.64
CA ASP B 212 26.41 43.37 7.84
C ASP B 212 27.72 43.17 8.58
N ASN B 213 27.73 43.42 9.89
CA ASN B 213 28.95 43.28 10.67
C ASN B 213 29.23 41.84 11.11
N PHE B 214 28.37 40.90 10.71
CA PHE B 214 28.59 39.50 11.06
C PHE B 214 29.80 39.13 10.19
N PRO B 215 30.89 38.69 10.81
CA PRO B 215 32.12 38.30 10.09
C PRO B 215 31.97 37.17 9.08
N THR B 216 31.95 37.48 7.79
CA THR B 216 31.80 36.47 6.76
C THR B 216 32.85 36.59 5.65
N ASP B 217 33.92 37.33 5.93
CA ASP B 217 35.01 37.54 4.99
C ASP B 217 35.67 36.30 4.39
N ASN B 218 35.93 35.29 5.20
CA ASN B 218 36.59 34.08 4.68
C ASN B 218 35.66 33.10 3.94
N PHE B 219 34.45 32.90 4.48
CA PHE B 219 33.50 31.98 3.86
C PHE B 219 32.60 32.64 2.81
N GLY B 220 32.42 33.95 2.90
CA GLY B 220 31.57 34.64 1.96
C GLY B 220 30.11 34.42 2.29
N ALA B 221 29.88 33.91 3.50
CA ALA B 221 28.54 33.64 3.98
C ALA B 221 28.66 33.15 5.41
N ALA B 222 27.56 33.08 6.14
CA ALA B 222 27.59 32.59 7.51
C ALA B 222 27.74 31.08 7.50
N LEU B 223 28.51 30.54 8.43
CA LEU B 223 28.69 29.09 8.54
C LEU B 223 28.09 28.64 9.89
N GLY B 224 28.39 29.39 10.95
CA GLY B 224 27.85 29.06 12.25
C GLY B 224 26.34 29.25 12.19
N GLY B 225 25.60 28.22 12.59
CA GLY B 225 24.15 28.28 12.57
C GLY B 225 23.62 28.09 11.16
N SER B 226 24.49 27.66 10.26
CA SER B 226 24.09 27.48 8.87
C SER B 226 24.96 26.42 8.21
N LEU B 227 25.00 26.45 6.88
CA LEU B 227 25.82 25.54 6.08
C LEU B 227 26.04 26.16 4.70
N ILE B 228 27.06 25.68 4.00
CA ILE B 228 27.39 26.18 2.68
C ILE B 228 27.54 24.98 1.74
N PRO B 229 26.52 24.73 0.89
CA PRO B 229 26.52 23.61 -0.06
C PRO B 229 27.36 23.83 -1.31
N TRP B 230 28.57 24.34 -1.13
CA TRP B 230 29.45 24.61 -2.25
C TRP B 230 30.88 24.74 -1.76
N ILE B 231 31.78 23.91 -2.27
CA ILE B 231 33.18 23.96 -1.89
C ILE B 231 34.06 23.99 -3.14
N ASP B 232 34.97 24.96 -3.19
CA ASP B 232 35.89 25.18 -4.30
C ASP B 232 35.17 25.73 -5.52
N LYS B 233 35.85 25.73 -6.66
CA LYS B 233 35.30 26.30 -7.90
C LYS B 233 34.44 25.35 -8.73
N LEU B 234 33.59 25.94 -9.56
CA LEU B 234 32.73 25.16 -10.44
C LEU B 234 33.50 24.63 -11.66
N LEU B 235 33.13 23.45 -12.12
CA LEU B 235 33.71 22.85 -13.31
C LEU B 235 32.52 22.77 -14.27
N PRO B 236 32.36 23.80 -15.10
CA PRO B 236 31.26 23.90 -16.09
C PRO B 236 31.05 22.65 -16.94
N GLU B 237 32.09 21.85 -17.12
CA GLU B 237 31.99 20.63 -17.91
C GLU B 237 31.04 19.62 -17.32
N THR B 238 30.98 19.55 -16.00
CA THR B 238 30.13 18.58 -15.30
C THR B 238 29.11 19.16 -14.33
N GLY B 239 29.34 20.40 -13.91
CA GLY B 239 28.43 21.04 -12.96
C GLY B 239 28.90 20.76 -11.53
N GLN B 240 29.94 19.95 -11.42
CA GLN B 240 30.51 19.60 -10.12
C GLN B 240 31.42 20.72 -9.67
N THR B 241 31.66 20.82 -8.37
CA THR B 241 32.62 21.83 -7.88
C THR B 241 33.90 21.01 -7.91
N LYS B 242 35.06 21.64 -7.85
CA LYS B 242 36.31 20.90 -7.89
C LYS B 242 36.38 19.84 -6.78
N GLU B 243 35.83 20.19 -5.61
CA GLU B 243 35.84 19.30 -4.46
C GLU B 243 35.12 17.99 -4.77
N GLU B 244 33.94 18.11 -5.38
CA GLU B 244 33.12 16.96 -5.75
C GLU B 244 33.77 16.13 -6.86
N TRP B 245 34.40 16.81 -7.80
CA TRP B 245 35.10 16.20 -8.93
C TRP B 245 36.22 15.25 -8.48
N LYS B 246 36.92 15.64 -7.43
CA LYS B 246 38.02 14.83 -6.92
C LYS B 246 37.61 13.43 -6.48
N GLY B 247 36.35 13.29 -6.08
CA GLY B 247 35.88 11.98 -5.65
C GLY B 247 36.12 10.94 -6.73
N TYR B 248 35.67 11.24 -7.94
CA TYR B 248 35.83 10.31 -9.05
C TYR B 248 37.27 10.23 -9.59
N ALA B 249 37.91 11.38 -9.71
CA ALA B 249 39.27 11.43 -10.24
C ALA B 249 40.30 10.79 -9.30
N GLU B 250 40.31 11.23 -8.05
CA GLU B 250 41.28 10.72 -7.10
C GLU B 250 41.04 9.30 -6.59
N THR B 251 39.79 8.91 -6.39
CA THR B 251 39.53 7.55 -5.91
C THR B 251 40.10 6.53 -6.89
N ASN B 252 39.85 6.75 -8.18
CA ASN B 252 40.33 5.84 -9.20
C ASN B 252 41.85 5.91 -9.44
N LYS B 253 42.47 7.07 -9.24
CA LYS B 253 43.91 7.14 -9.45
C LYS B 253 44.61 6.50 -8.26
N ILE B 254 44.05 6.67 -7.07
CA ILE B 254 44.62 6.08 -5.87
C ILE B 254 44.57 4.55 -5.98
N LEU B 255 43.43 4.03 -6.40
CA LEU B 255 43.25 2.61 -6.54
C LEU B 255 43.89 2.07 -7.82
N GLY B 256 44.33 2.99 -8.68
CA GLY B 256 44.94 2.57 -9.93
C GLY B 256 43.92 1.94 -10.87
N LEU B 257 42.70 2.47 -10.83
CA LEU B 257 41.59 1.97 -11.66
C LEU B 257 41.26 2.85 -12.87
N SER B 258 42.27 3.52 -13.42
CA SER B 258 42.05 4.37 -14.59
C SER B 258 41.39 3.60 -15.74
N ASP B 259 41.61 2.29 -15.77
CA ASP B 259 41.07 1.38 -16.78
C ASP B 259 39.57 1.10 -16.63
N ASN B 260 39.17 0.69 -15.43
CA ASN B 260 37.77 0.41 -15.10
C ASN B 260 37.42 1.27 -13.90
N PRO B 261 37.17 2.57 -14.12
CA PRO B 261 36.81 3.51 -13.05
C PRO B 261 35.51 3.15 -12.32
N ILE B 262 35.47 3.45 -11.04
CA ILE B 262 34.29 3.22 -10.22
C ILE B 262 33.67 4.60 -10.05
N PRO B 263 32.39 4.78 -10.47
CA PRO B 263 31.81 6.11 -10.30
C PRO B 263 31.66 6.51 -8.83
N VAL B 264 32.13 7.71 -8.51
CA VAL B 264 32.02 8.24 -7.15
C VAL B 264 31.59 9.68 -7.36
N ASP B 265 30.42 10.04 -6.84
CA ASP B 265 29.91 11.40 -7.02
C ASP B 265 28.97 11.81 -5.88
N GLY B 266 28.60 13.09 -5.85
CA GLY B 266 27.72 13.56 -4.80
C GLY B 266 27.89 15.04 -4.54
N LEU B 267 27.46 15.48 -3.36
CA LEU B 267 27.55 16.89 -2.98
C LEU B 267 28.42 17.11 -1.75
N CYS B 268 29.30 18.10 -1.83
CA CYS B 268 30.19 18.44 -0.72
C CYS B 268 29.68 19.71 -0.04
N VAL B 269 29.32 19.57 1.22
CA VAL B 269 28.76 20.66 1.99
C VAL B 269 29.64 21.00 3.19
N ARG B 270 29.79 22.29 3.45
CA ARG B 270 30.58 22.75 4.58
C ARG B 270 29.63 23.06 5.75
N ILE B 271 29.94 22.51 6.91
CA ILE B 271 29.12 22.74 8.09
C ILE B 271 29.93 23.33 9.24
N GLY B 272 29.23 23.75 10.29
CA GLY B 272 29.88 24.34 11.44
C GLY B 272 30.69 23.44 12.35
N ALA B 273 31.58 22.64 11.78
CA ALA B 273 32.45 21.75 12.56
C ALA B 273 33.89 22.28 12.51
N LEU B 274 34.69 21.91 13.51
CA LEU B 274 36.09 22.36 13.59
C LEU B 274 37.09 21.66 12.68
N ARG B 275 37.39 20.38 12.94
CA ARG B 275 38.36 19.68 12.09
C ARG B 275 38.12 18.23 11.67
N CYS B 276 36.86 17.80 11.62
CA CYS B 276 36.57 16.45 11.16
C CYS B 276 35.62 16.54 9.99
N ASN B 277 35.86 15.71 8.98
CA ASN B 277 35.01 15.64 7.81
C ASN B 277 34.16 14.37 7.98
N SER B 278 32.85 14.49 7.78
CA SER B 278 31.98 13.33 7.93
C SER B 278 31.30 13.11 6.59
N GLN B 279 30.92 11.87 6.32
CA GLN B 279 30.27 11.57 5.05
C GLN B 279 29.18 10.52 5.18
N ALA B 280 28.09 10.76 4.46
CA ALA B 280 26.95 9.83 4.41
C ALA B 280 27.08 9.18 3.03
N PHE B 281 27.08 7.86 3.00
CA PHE B 281 27.21 7.11 1.75
C PHE B 281 26.00 6.25 1.39
N THR B 282 25.78 6.12 0.09
CA THR B 282 24.77 5.22 -0.46
C THR B 282 25.71 4.46 -1.39
N ILE B 283 26.05 3.26 -0.99
CA ILE B 283 26.98 2.44 -1.75
C ILE B 283 26.27 1.35 -2.51
N LYS B 284 26.44 1.31 -3.83
CA LYS B 284 25.83 0.24 -4.61
C LYS B 284 26.87 -0.85 -4.83
N LEU B 285 26.57 -2.02 -4.27
CA LEU B 285 27.45 -3.18 -4.38
C LEU B 285 27.06 -4.02 -5.57
N LYS B 286 28.01 -4.82 -6.03
CA LYS B 286 27.80 -5.69 -7.19
C LYS B 286 27.00 -6.93 -6.89
N LYS B 287 26.72 -7.16 -5.60
CA LYS B 287 25.93 -8.32 -5.22
C LYS B 287 25.30 -8.10 -3.86
N ASP B 288 24.44 -9.04 -3.47
CA ASP B 288 23.76 -9.00 -2.20
C ASP B 288 24.52 -9.89 -1.23
N LEU B 289 25.14 -9.28 -0.23
CA LEU B 289 25.87 -10.02 0.79
C LEU B 289 25.22 -9.72 2.11
N PRO B 290 25.26 -10.68 3.05
CA PRO B 290 24.66 -10.49 4.37
C PRO B 290 25.30 -9.24 4.98
N LEU B 291 24.55 -8.50 5.79
CA LEU B 291 25.08 -7.27 6.40
C LEU B 291 26.31 -7.59 7.24
N GLU B 292 26.26 -8.71 7.95
CA GLU B 292 27.38 -9.10 8.80
C GLU B 292 28.68 -9.38 8.05
N GLU B 293 28.58 -9.90 6.83
CA GLU B 293 29.76 -10.19 6.04
C GLU B 293 30.36 -8.85 5.58
N ILE B 294 29.48 -7.91 5.23
CA ILE B 294 29.90 -6.59 4.80
C ILE B 294 30.67 -5.93 5.95
N GLU B 295 30.14 -6.07 7.16
CA GLU B 295 30.78 -5.49 8.34
C GLU B 295 32.17 -6.06 8.53
N GLN B 296 32.29 -7.38 8.37
CA GLN B 296 33.57 -8.06 8.51
C GLN B 296 34.59 -7.54 7.51
N ILE B 297 34.17 -7.41 6.26
CA ILE B 297 35.03 -6.93 5.18
C ILE B 297 35.53 -5.50 5.46
N ILE B 298 34.63 -4.65 5.95
CA ILE B 298 35.00 -3.28 6.26
C ILE B 298 35.99 -3.23 7.42
N ALA B 299 35.66 -3.93 8.50
CA ALA B 299 36.50 -3.93 9.69
C ALA B 299 37.90 -4.53 9.54
N SER B 300 38.02 -5.60 8.76
CA SER B 300 39.30 -6.26 8.61
C SER B 300 40.28 -5.62 7.62
N HIS B 301 39.87 -4.58 6.90
CA HIS B 301 40.76 -3.97 5.94
C HIS B 301 42.01 -3.32 6.55
N ASN B 302 41.82 -2.58 7.63
CA ASN B 302 42.96 -1.93 8.27
C ASN B 302 42.71 -1.74 9.76
N GLU B 303 43.77 -1.46 10.52
CA GLU B 303 43.66 -1.32 11.98
C GLU B 303 43.02 -0.04 12.51
N TRP B 304 42.78 0.94 11.65
CA TRP B 304 42.20 2.21 12.09
C TRP B 304 40.70 2.31 11.91
N VAL B 305 40.17 1.69 10.86
CA VAL B 305 38.73 1.73 10.64
C VAL B 305 38.08 1.02 11.83
N LYS B 306 36.91 1.51 12.23
CA LYS B 306 36.21 0.93 13.37
C LYS B 306 34.71 0.89 13.09
N VAL B 307 34.16 -0.32 13.00
CA VAL B 307 32.73 -0.47 12.74
C VAL B 307 31.93 -0.20 14.00
N ILE B 308 31.09 0.82 13.93
CA ILE B 308 30.26 1.21 15.06
C ILE B 308 28.89 0.58 14.90
N PRO B 309 28.45 -0.22 15.90
CA PRO B 309 27.14 -0.86 15.81
C PRO B 309 25.98 0.14 15.65
N ASN B 310 24.99 -0.25 14.87
CA ASN B 310 23.84 0.58 14.59
C ASN B 310 22.91 0.71 15.80
N ASP B 311 23.48 1.24 16.89
CA ASP B 311 22.80 1.45 18.16
C ASP B 311 22.91 2.95 18.48
N LYS B 312 21.85 3.54 19.02
CA LYS B 312 21.86 4.97 19.34
C LYS B 312 22.94 5.45 20.31
N GLU B 313 23.00 4.89 21.50
CA GLU B 313 23.99 5.34 22.47
C GLU B 313 25.43 5.26 22.00
N ILE B 314 25.78 4.17 21.33
CA ILE B 314 27.15 4.00 20.86
C ILE B 314 27.44 4.94 19.70
N THR B 315 26.44 5.18 18.86
CA THR B 315 26.61 6.07 17.72
C THR B 315 26.86 7.51 18.20
N LEU B 316 26.09 7.95 19.19
CA LEU B 316 26.25 9.30 19.73
C LEU B 316 27.56 9.46 20.48
N ARG B 317 28.13 8.34 20.91
CA ARG B 317 29.39 8.36 21.63
C ARG B 317 30.61 8.21 20.72
N GLU B 318 30.45 7.47 19.63
CA GLU B 318 31.58 7.18 18.73
C GLU B 318 31.60 7.81 17.36
N LEU B 319 30.43 7.97 16.75
CA LEU B 319 30.34 8.46 15.39
C LEU B 319 30.11 9.96 15.23
N THR B 320 31.00 10.77 15.83
CA THR B 320 30.87 12.22 15.77
C THR B 320 32.23 12.93 15.72
N PRO B 321 32.26 14.17 15.22
CA PRO B 321 33.49 14.93 15.16
C PRO B 321 34.06 15.12 16.57
N ALA B 322 33.16 15.41 17.52
CA ALA B 322 33.54 15.62 18.91
C ALA B 322 34.42 14.47 19.44
N LYS B 323 34.09 13.26 19.05
CA LYS B 323 34.83 12.08 19.50
C LYS B 323 36.13 11.80 18.74
N VAL B 324 36.08 11.87 17.42
CA VAL B 324 37.26 11.54 16.62
C VAL B 324 38.32 12.61 16.40
N THR B 325 37.99 13.88 16.67
CA THR B 325 38.96 14.94 16.48
C THR B 325 40.28 14.63 17.18
N GLY B 326 41.38 14.82 16.45
CA GLY B 326 42.70 14.55 17.01
C GLY B 326 43.12 13.10 17.13
N THR B 327 42.27 12.16 16.69
CA THR B 327 42.59 10.74 16.78
C THR B 327 42.85 10.15 15.39
N LEU B 328 43.46 8.97 15.36
CA LEU B 328 43.74 8.29 14.11
C LEU B 328 42.69 7.24 13.80
N SER B 329 41.64 7.20 14.62
CA SER B 329 40.56 6.26 14.41
C SER B 329 39.60 6.73 13.31
N VAL B 330 39.09 5.80 12.51
CA VAL B 330 38.17 6.12 11.42
C VAL B 330 36.88 5.31 11.57
N PRO B 331 35.96 5.76 12.44
CA PRO B 331 34.70 5.05 12.66
C PRO B 331 33.73 5.11 11.48
N VAL B 332 33.02 4.00 11.26
CA VAL B 332 32.02 3.90 10.21
C VAL B 332 30.80 3.17 10.83
N GLY B 333 29.65 3.81 10.77
CA GLY B 333 28.47 3.21 11.36
C GLY B 333 27.21 3.39 10.55
N ARG B 334 26.05 3.21 11.20
CA ARG B 334 24.75 3.33 10.53
C ARG B 334 24.70 2.39 9.32
N LEU B 335 25.43 1.29 9.38
CA LEU B 335 25.45 0.33 8.28
C LEU B 335 24.16 -0.49 8.19
N ARG B 336 23.52 -0.47 7.02
CA ARG B 336 22.29 -1.23 6.81
C ARG B 336 21.91 -1.25 5.33
N LYS B 337 21.05 -2.18 4.95
CA LYS B 337 20.58 -2.26 3.57
C LYS B 337 19.51 -1.18 3.41
N LEU B 338 19.50 -0.54 2.25
CA LEU B 338 18.53 0.51 1.96
C LEU B 338 17.31 -0.03 1.20
N ALA B 339 16.21 0.72 1.25
CA ALA B 339 14.96 0.33 0.60
C ALA B 339 15.04 0.09 -0.91
N MET B 340 16.04 0.67 -1.57
CA MET B 340 16.19 0.51 -3.01
C MET B 340 16.57 -0.91 -3.42
N GLY B 341 17.11 -1.69 -2.49
CA GLY B 341 17.50 -3.06 -2.81
C GLY B 341 18.60 -3.56 -1.89
N PRO B 342 18.77 -4.89 -1.76
CA PRO B 342 19.82 -5.47 -0.90
C PRO B 342 21.26 -5.21 -1.34
N GLU B 343 21.45 -4.63 -2.52
CA GLU B 343 22.80 -4.33 -2.99
C GLU B 343 23.16 -2.89 -2.61
N TYR B 344 22.19 -2.17 -2.07
CA TYR B 344 22.39 -0.77 -1.66
C TYR B 344 22.68 -0.71 -0.17
N LEU B 345 23.86 -0.20 0.16
CA LEU B 345 24.34 -0.11 1.54
C LEU B 345 24.46 1.32 2.07
N ALA B 346 23.87 1.56 3.24
CA ALA B 346 23.97 2.87 3.88
C ALA B 346 25.19 2.84 4.80
N ALA B 347 25.89 3.96 4.89
CA ALA B 347 27.05 4.05 5.76
C ALA B 347 27.35 5.51 6.06
N PHE B 348 27.79 5.79 7.29
CA PHE B 348 28.17 7.13 7.70
C PHE B 348 29.53 7.02 8.38
N THR B 349 30.49 7.85 7.98
CA THR B 349 31.81 7.79 8.56
C THR B 349 32.30 9.17 9.02
N VAL B 350 33.25 9.18 9.94
CA VAL B 350 33.80 10.42 10.47
C VAL B 350 35.31 10.22 10.61
N GLY B 351 36.09 11.21 10.19
CA GLY B 351 37.53 11.12 10.29
C GLY B 351 38.19 12.49 10.41
N ASP B 352 39.32 12.54 11.09
CA ASP B 352 40.03 13.80 11.26
C ASP B 352 40.72 14.15 9.94
N GLN B 353 40.35 15.29 9.39
CA GLN B 353 40.86 15.77 8.12
C GLN B 353 42.33 16.18 8.11
N LEU B 354 42.91 16.42 9.29
CA LEU B 354 44.31 16.82 9.37
C LEU B 354 45.29 15.66 9.54
N LEU B 355 44.76 14.50 9.92
CA LEU B 355 45.60 13.32 10.10
C LEU B 355 45.54 12.40 8.87
N TRP B 356 44.59 11.46 8.83
CA TRP B 356 44.50 10.58 7.67
C TRP B 356 44.15 11.38 6.41
N GLY B 357 43.56 12.55 6.61
CA GLY B 357 43.20 13.40 5.49
C GLY B 357 44.28 14.36 5.06
N ALA B 358 45.45 14.30 5.70
CA ALA B 358 46.53 15.20 5.34
C ALA B 358 47.95 14.77 5.72
N ALA B 359 48.30 14.95 6.98
CA ALA B 359 49.63 14.64 7.47
C ALA B 359 50.05 13.18 7.52
N GLU B 360 49.16 12.30 7.98
CA GLU B 360 49.53 10.89 8.13
C GLU B 360 50.02 10.18 6.86
N PRO B 361 49.31 10.32 5.73
CA PRO B 361 49.80 9.64 4.52
C PRO B 361 51.17 10.16 4.10
N VAL B 362 51.37 11.46 4.27
CA VAL B 362 52.63 12.14 3.94
C VAL B 362 53.76 11.63 4.83
N ARG B 363 53.48 11.55 6.12
CA ARG B 363 54.46 11.07 7.06
C ARG B 363 54.83 9.61 6.74
N ARG B 364 53.81 8.82 6.38
CA ARG B 364 54.03 7.41 6.07
C ARG B 364 54.83 7.15 4.79
N ILE B 365 54.64 7.98 3.76
CA ILE B 365 55.40 7.78 2.53
C ILE B 365 56.86 8.21 2.79
N LEU B 366 57.04 9.26 3.59
CA LEU B 366 58.38 9.75 3.91
C LEU B 366 59.17 8.67 4.63
N LYS B 367 58.49 7.91 5.50
CA LYS B 367 59.14 6.85 6.24
C LYS B 367 59.67 5.77 5.29
N GLN B 368 58.88 5.47 4.25
CA GLN B 368 59.27 4.45 3.28
C GLN B 368 60.46 4.91 2.44
N LEU B 369 60.51 6.21 2.13
CA LEU B 369 61.58 6.78 1.33
C LEU B 369 62.93 6.92 2.04
N VAL B 370 62.90 7.18 3.35
CA VAL B 370 64.15 7.35 4.08
C VAL B 370 64.74 5.99 4.44
N ALA B 371 63.87 5.01 4.65
CA ALA B 371 64.32 3.68 5.00
C ALA B 371 64.97 3.00 3.79
N MET C 1 -20.88 30.23 11.34
CA MET C 1 -19.39 30.23 11.32
C MET C 1 -18.86 29.07 12.18
N LYS C 2 -17.82 28.40 11.67
CA LYS C 2 -17.23 27.26 12.36
C LYS C 2 -16.59 27.58 13.72
N ASN C 3 -16.88 26.73 14.71
CA ASN C 3 -16.32 26.88 16.03
C ASN C 3 -15.10 25.99 16.09
N VAL C 4 -13.93 26.63 16.14
CA VAL C 4 -12.66 25.92 16.14
C VAL C 4 -11.87 26.05 17.45
N GLY C 5 -11.48 24.91 18.01
CA GLY C 5 -10.72 24.94 19.23
C GLY C 5 -9.24 24.80 18.95
N PHE C 6 -8.40 25.40 19.79
CA PHE C 6 -6.95 25.34 19.60
C PHE C 6 -6.23 24.79 20.84
N ILE C 7 -5.39 23.79 20.62
CA ILE C 7 -4.63 23.17 21.70
C ILE C 7 -3.15 23.26 21.32
N GLY C 8 -2.29 23.59 22.30
CA GLY C 8 -0.88 23.70 22.02
C GLY C 8 -0.51 24.96 21.24
N TRP C 9 -1.40 25.96 21.30
CA TRP C 9 -1.18 27.22 20.61
C TRP C 9 -0.07 28.05 21.25
N ARG C 10 0.31 27.71 22.48
CA ARG C 10 1.34 28.48 23.17
C ARG C 10 2.73 27.87 23.00
N GLY C 11 2.79 26.65 22.45
CA GLY C 11 4.06 25.98 22.24
C GLY C 11 4.79 26.60 21.06
N MET C 12 5.99 26.11 20.74
CA MET C 12 6.75 26.66 19.64
C MET C 12 6.04 26.51 18.29
N VAL C 13 5.58 25.30 17.97
CA VAL C 13 4.89 25.09 16.71
C VAL C 13 3.56 25.86 16.71
N GLY C 14 2.86 25.82 17.84
CA GLY C 14 1.59 26.52 17.95
C GLY C 14 1.74 28.02 17.81
N SER C 15 2.84 28.56 18.31
CA SER C 15 3.11 29.99 18.22
C SER C 15 3.35 30.40 16.77
N VAL C 16 4.10 29.60 16.04
CA VAL C 16 4.35 29.90 14.63
C VAL C 16 2.99 29.87 13.92
N LEU C 17 2.16 28.89 14.27
CA LEU C 17 0.82 28.79 13.68
C LEU C 17 -0.01 30.04 13.98
N MET C 18 0.01 30.48 15.24
CA MET C 18 -0.75 31.66 15.65
C MET C 18 -0.27 32.90 14.88
N ASP C 19 1.05 33.04 14.79
CA ASP C 19 1.64 34.16 14.10
C ASP C 19 1.28 34.16 12.62
N ARG C 20 1.35 32.99 11.99
CA ARG C 20 1.02 32.87 10.57
C ARG C 20 -0.47 33.10 10.33
N MET C 21 -1.32 32.59 11.22
CA MET C 21 -2.76 32.78 11.07
C MET C 21 -3.09 34.27 11.19
N SER C 22 -2.43 34.95 12.13
CA SER C 22 -2.63 36.39 12.34
C SER C 22 -2.19 37.19 11.11
N GLN C 23 -1.05 36.83 10.53
CA GLN C 23 -0.55 37.52 9.34
C GLN C 23 -1.51 37.35 8.16
N GLU C 24 -2.14 36.17 8.07
CA GLU C 24 -3.05 35.88 6.97
C GLU C 24 -4.50 36.22 7.27
N ASN C 25 -4.73 36.82 8.43
CA ASN C 25 -6.08 37.20 8.85
C ASN C 25 -7.01 35.98 8.88
N ASP C 26 -6.46 34.84 9.28
CA ASP C 26 -7.23 33.59 9.32
C ASP C 26 -8.27 33.47 10.43
N PHE C 27 -8.23 34.37 11.40
CA PHE C 27 -9.19 34.32 12.49
C PHE C 27 -10.52 34.97 12.13
N GLU C 28 -10.59 35.58 10.96
CA GLU C 28 -11.80 36.24 10.51
C GLU C 28 -12.87 35.26 10.00
N ASN C 29 -12.43 34.07 9.57
CA ASN C 29 -13.34 33.06 9.02
C ASN C 29 -13.80 32.01 10.02
N LEU C 30 -13.46 32.19 11.28
CA LEU C 30 -13.84 31.22 12.30
C LEU C 30 -13.97 31.85 13.68
N ASN C 31 -14.59 31.11 14.60
CA ASN C 31 -14.78 31.55 15.97
C ASN C 31 -13.76 30.73 16.76
N PRO C 32 -12.70 31.37 17.26
CA PRO C 32 -11.67 30.65 18.01
C PRO C 32 -11.96 30.43 19.48
N VAL C 33 -11.70 29.19 19.92
CA VAL C 33 -11.88 28.83 21.32
C VAL C 33 -10.54 28.25 21.75
N PHE C 34 -9.94 28.83 22.77
CA PHE C 34 -8.64 28.34 23.24
C PHE C 34 -8.71 27.50 24.51
N PHE C 35 -7.90 26.45 24.55
CA PHE C 35 -7.86 25.55 25.68
C PHE C 35 -6.47 25.56 26.32
N THR C 36 -6.38 25.12 27.56
CA THR C 36 -5.11 25.10 28.27
C THR C 36 -4.52 23.73 28.50
N THR C 37 -3.20 23.65 28.37
CA THR C 37 -2.47 22.41 28.58
C THR C 37 -1.33 22.64 29.57
N SER C 38 -1.33 23.80 30.23
CA SER C 38 -0.30 24.12 31.22
C SER C 38 -0.67 25.31 32.11
N GLN C 39 -0.46 25.13 33.41
CA GLN C 39 -0.75 26.14 34.43
C GLN C 39 -2.24 26.41 34.54
N LEU C 55 -9.52 29.82 30.77
CA LEU C 55 -9.52 28.84 29.69
C LEU C 55 -9.91 27.45 30.19
N LYS C 56 -10.64 26.71 29.36
CA LYS C 56 -11.05 25.37 29.71
C LYS C 56 -9.87 24.43 29.46
N SER C 57 -9.87 23.29 30.14
CA SER C 57 -8.81 22.31 29.97
C SER C 57 -8.92 21.64 28.61
N ALA C 58 -7.79 21.29 28.01
CA ALA C 58 -7.78 20.60 26.71
C ALA C 58 -8.22 19.16 26.90
N PHE C 59 -8.39 18.75 28.15
CA PHE C 59 -8.82 17.38 28.47
C PHE C 59 -10.29 17.34 28.81
N ASP C 60 -10.96 18.50 28.67
CA ASP C 60 -12.38 18.63 28.96
C ASP C 60 -13.18 18.12 27.75
N ILE C 61 -13.41 16.83 27.71
CA ILE C 61 -14.12 16.19 26.61
C ILE C 61 -15.47 16.82 26.24
N GLU C 62 -16.27 17.20 27.23
CA GLU C 62 -17.58 17.79 26.94
C GLU C 62 -17.49 19.17 26.29
N GLU C 63 -16.40 19.88 26.53
CA GLU C 63 -16.22 21.18 25.92
C GLU C 63 -15.74 20.97 24.48
N LEU C 64 -14.79 20.07 24.31
CA LEU C 64 -14.24 19.75 22.99
C LEU C 64 -15.34 19.29 22.03
N LYS C 65 -16.25 18.48 22.54
CA LYS C 65 -17.37 17.92 21.78
C LYS C 65 -18.26 18.98 21.12
N LYS C 66 -18.24 20.20 21.67
CA LYS C 66 -19.06 21.30 21.13
C LYS C 66 -18.43 22.02 19.93
N LEU C 67 -17.18 21.69 19.61
CA LEU C 67 -16.48 22.35 18.51
C LEU C 67 -16.68 21.64 17.16
N ASP C 68 -16.56 22.41 16.08
CA ASP C 68 -16.70 21.84 14.74
C ASP C 68 -15.34 21.29 14.29
N ILE C 69 -14.28 22.01 14.65
CA ILE C 69 -12.92 21.64 14.30
C ILE C 69 -11.97 21.79 15.48
N ILE C 70 -11.04 20.85 15.60
CA ILE C 70 -10.04 20.90 16.67
C ILE C 70 -8.67 20.91 16.00
N VAL C 71 -7.91 21.98 16.24
CA VAL C 71 -6.57 22.14 15.69
C VAL C 71 -5.60 22.01 16.86
N THR C 72 -4.73 21.01 16.82
CA THR C 72 -3.79 20.80 17.90
C THR C 72 -2.33 20.71 17.47
N CYS C 73 -1.48 21.37 18.26
CA CYS C 73 -0.02 21.37 18.05
C CYS C 73 0.59 20.92 19.38
N GLN C 74 -0.21 20.30 20.22
CA GLN C 74 0.22 19.86 21.54
C GLN C 74 1.21 18.70 21.47
N GLY C 75 0.90 17.66 20.71
CA GLY C 75 1.80 16.54 20.62
C GLY C 75 1.10 15.20 20.59
N GLY C 76 1.87 14.15 20.32
CA GLY C 76 1.33 12.81 20.22
C GLY C 76 0.70 12.23 21.48
N ASP C 77 1.34 12.44 22.62
CA ASP C 77 0.80 11.91 23.86
C ASP C 77 -0.57 12.50 24.10
N TYR C 78 -0.70 13.80 23.90
CA TYR C 78 -1.98 14.46 24.08
C TYR C 78 -3.02 13.80 23.16
N THR C 79 -2.72 13.79 21.86
CA THR C 79 -3.62 13.20 20.87
C THR C 79 -4.04 11.76 21.21
N ASN C 80 -3.06 10.90 21.52
CA ASN C 80 -3.38 9.51 21.82
C ASN C 80 -4.27 9.38 23.03
N GLU C 81 -4.18 10.35 23.92
CA GLU C 81 -4.96 10.37 25.15
C GLU C 81 -6.40 10.86 24.91
N VAL C 82 -6.52 12.04 24.30
CA VAL C 82 -7.81 12.65 24.03
C VAL C 82 -8.60 12.17 22.82
N TYR C 83 -7.96 12.12 21.66
CA TYR C 83 -8.61 11.73 20.42
C TYR C 83 -9.54 10.52 20.53
N PRO C 84 -9.04 9.39 21.06
CA PRO C 84 -9.95 8.25 21.16
C PRO C 84 -11.15 8.51 22.08
N LYS C 85 -10.96 9.28 23.15
CA LYS C 85 -12.05 9.58 24.07
C LYS C 85 -13.12 10.43 23.42
N LEU C 86 -12.68 11.41 22.63
CA LEU C 86 -13.60 12.30 21.96
C LEU C 86 -14.38 11.56 20.87
N LYS C 87 -13.68 10.75 20.09
CA LYS C 87 -14.32 9.99 19.02
C LYS C 87 -15.36 9.00 19.55
N ALA C 88 -15.12 8.48 20.75
CA ALA C 88 -16.05 7.51 21.35
C ALA C 88 -17.39 8.15 21.74
N THR C 89 -17.46 9.48 21.78
CA THR C 89 -18.69 10.18 22.13
C THR C 89 -19.56 10.42 20.89
N GLY C 90 -19.09 9.95 19.74
CA GLY C 90 -19.85 10.14 18.52
C GLY C 90 -19.57 11.48 17.88
N TRP C 91 -18.65 12.25 18.47
CA TRP C 91 -18.29 13.56 17.93
C TRP C 91 -17.92 13.38 16.46
N ASP C 92 -18.56 14.15 15.59
CA ASP C 92 -18.31 14.04 14.16
C ASP C 92 -17.54 15.22 13.57
N GLY C 93 -16.79 15.93 14.40
CA GLY C 93 -16.03 17.07 13.92
C GLY C 93 -14.68 16.71 13.31
N TYR C 94 -13.94 17.71 12.85
CA TYR C 94 -12.63 17.50 12.24
C TYR C 94 -11.50 17.62 13.24
N TRP C 95 -10.50 16.77 13.10
CA TRP C 95 -9.35 16.80 13.98
C TRP C 95 -8.14 17.10 13.08
N VAL C 96 -7.52 18.27 13.30
CA VAL C 96 -6.35 18.69 12.54
C VAL C 96 -5.18 18.62 13.53
N ASP C 97 -4.16 17.85 13.17
CA ASP C 97 -3.03 17.62 14.08
C ASP C 97 -1.66 17.84 13.43
N ALA C 98 -0.73 18.40 14.19
CA ALA C 98 0.62 18.63 13.70
C ALA C 98 1.48 17.45 14.15
N ALA C 99 1.00 16.71 15.14
CA ALA C 99 1.73 15.56 15.68
C ALA C 99 1.63 14.32 14.79
N SER C 100 2.66 13.49 14.84
CA SER C 100 2.73 12.28 14.03
C SER C 100 1.84 11.14 14.49
N ALA C 101 1.28 11.25 15.70
CA ALA C 101 0.45 10.20 16.27
C ALA C 101 -0.52 9.48 15.35
N LEU C 102 -1.37 10.24 14.64
CA LEU C 102 -2.38 9.63 13.77
C LEU C 102 -2.06 9.57 12.28
N ARG C 103 -0.85 9.92 11.89
CA ARG C 103 -0.48 9.94 10.48
C ARG C 103 -0.75 8.68 9.67
N MET C 104 -0.51 7.53 10.27
CA MET C 104 -0.67 6.28 9.53
C MET C 104 -2.02 5.57 9.71
N LYS C 105 -2.97 6.20 10.39
CA LYS C 105 -4.29 5.61 10.58
C LYS C 105 -5.03 5.66 9.24
N ASP C 106 -5.78 4.62 8.92
CA ASP C 106 -6.52 4.56 7.66
C ASP C 106 -7.59 5.65 7.52
N ASP C 107 -8.10 6.12 8.65
CA ASP C 107 -9.13 7.14 8.63
C ASP C 107 -8.51 8.55 8.72
N ALA C 108 -7.20 8.62 8.48
CA ALA C 108 -6.49 9.89 8.53
C ALA C 108 -5.74 10.14 7.24
N ILE C 109 -5.63 11.42 6.89
CA ILE C 109 -4.92 11.83 5.70
C ILE C 109 -3.79 12.78 6.08
N ILE C 110 -2.60 12.55 5.52
CA ILE C 110 -1.46 13.43 5.80
C ILE C 110 -1.57 14.57 4.76
N VAL C 111 -1.65 15.80 5.26
CA VAL C 111 -1.81 16.95 4.38
C VAL C 111 -0.56 17.72 3.97
N LEU C 112 -0.53 18.13 2.71
CA LEU C 112 0.54 18.95 2.13
C LEU C 112 -0.11 19.36 0.81
N ASP C 113 -1.19 20.13 0.93
CA ASP C 113 -1.98 20.56 -0.21
C ASP C 113 -1.26 21.03 -1.49
N PRO C 114 -0.12 21.72 -1.38
CA PRO C 114 0.47 22.09 -2.66
C PRO C 114 0.89 20.82 -3.43
N VAL C 115 0.99 19.71 -2.71
CA VAL C 115 1.41 18.45 -3.30
C VAL C 115 0.31 17.41 -3.47
N ASN C 116 -0.55 17.24 -2.47
CA ASN C 116 -1.58 16.21 -2.59
C ASN C 116 -3.02 16.71 -2.43
N GLN C 117 -3.32 17.85 -3.05
CA GLN C 117 -4.66 18.41 -2.97
C GLN C 117 -5.72 17.43 -3.45
N HIS C 118 -5.38 16.62 -4.46
CA HIS C 118 -6.35 15.65 -4.96
C HIS C 118 -6.64 14.59 -3.91
N VAL C 119 -5.61 14.19 -3.16
CA VAL C 119 -5.75 13.20 -2.10
C VAL C 119 -6.64 13.78 -1.00
N ILE C 120 -6.47 15.07 -0.71
CA ILE C 120 -7.25 15.75 0.33
C ILE C 120 -8.72 15.89 -0.08
N SER C 121 -8.96 16.44 -1.26
CA SER C 121 -10.32 16.64 -1.76
C SER C 121 -11.07 15.33 -1.82
N GLU C 122 -10.41 14.31 -2.36
CA GLU C 122 -11.02 12.99 -2.47
C GLU C 122 -11.43 12.49 -1.08
N GLY C 123 -10.48 12.52 -0.16
CA GLY C 123 -10.76 12.08 1.20
C GLY C 123 -11.88 12.89 1.83
N LEU C 124 -11.95 14.18 1.53
CA LEU C 124 -13.00 15.03 2.08
C LEU C 124 -14.38 14.59 1.60
N LYS C 125 -14.50 14.31 0.31
CA LYS C 125 -15.77 13.87 -0.25
C LYS C 125 -16.14 12.50 0.30
N LYS C 126 -15.13 11.69 0.57
CA LYS C 126 -15.34 10.34 1.09
C LYS C 126 -15.74 10.36 2.57
N GLY C 127 -15.55 11.49 3.23
CA GLY C 127 -15.92 11.60 4.63
C GLY C 127 -14.79 11.56 5.64
N ILE C 128 -13.55 11.74 5.19
CA ILE C 128 -12.42 11.75 6.12
C ILE C 128 -12.54 12.96 7.07
N LYS C 129 -12.36 12.71 8.37
CA LYS C 129 -12.48 13.77 9.38
C LYS C 129 -11.17 14.06 10.12
N THR C 130 -10.10 13.35 9.78
CA THR C 130 -8.83 13.56 10.45
C THR C 130 -7.71 13.87 9.47
N PHE C 131 -7.13 15.07 9.64
CA PHE C 131 -6.05 15.55 8.79
C PHE C 131 -4.81 15.83 9.65
N VAL C 132 -3.68 15.26 9.23
CA VAL C 132 -2.45 15.39 9.99
C VAL C 132 -1.31 15.94 9.14
N GLY C 133 -0.55 16.88 9.70
CA GLY C 133 0.59 17.43 8.99
C GLY C 133 1.63 16.34 8.87
N GLY C 134 2.46 16.40 7.84
CA GLY C 134 3.46 15.37 7.67
C GLY C 134 4.81 15.67 8.25
N ASN C 135 5.66 14.65 8.25
CA ASN C 135 7.02 14.77 8.76
C ASN C 135 7.71 15.94 8.06
N CYS C 136 8.46 16.72 8.82
CA CYS C 136 9.12 17.89 8.27
C CYS C 136 10.09 17.58 7.12
N THR C 137 10.90 16.54 7.26
CA THR C 137 11.84 16.24 6.19
C THR C 137 11.12 15.81 4.91
N VAL C 138 10.10 14.95 5.05
CA VAL C 138 9.33 14.49 3.89
C VAL C 138 8.59 15.66 3.24
N SER C 139 7.94 16.47 4.07
CA SER C 139 7.19 17.62 3.60
C SER C 139 8.05 18.61 2.82
N LEU C 140 9.25 18.88 3.33
CA LEU C 140 10.16 19.82 2.68
C LEU C 140 10.72 19.22 1.40
N MET C 141 10.89 17.90 1.37
CA MET C 141 11.39 17.22 0.17
C MET C 141 10.34 17.30 -0.94
N LEU C 142 9.08 17.04 -0.61
CA LEU C 142 8.02 17.09 -1.60
C LEU C 142 7.73 18.49 -2.14
N MET C 143 7.86 19.52 -1.29
CA MET C 143 7.64 20.89 -1.72
C MET C 143 8.76 21.28 -2.70
N ALA C 144 9.93 20.66 -2.53
CA ALA C 144 11.07 20.94 -3.38
C ALA C 144 11.07 20.19 -4.71
N ILE C 145 10.87 18.87 -4.67
CA ILE C 145 10.89 18.09 -5.89
C ILE C 145 9.58 17.43 -6.28
N GLY C 146 8.46 18.00 -5.81
CA GLY C 146 7.15 17.45 -6.12
C GLY C 146 6.84 17.35 -7.61
N GLY C 147 7.43 18.24 -8.40
CA GLY C 147 7.20 18.21 -9.83
C GLY C 147 7.68 16.90 -10.45
N LEU C 148 8.77 16.37 -9.91
CA LEU C 148 9.31 15.12 -10.43
C LEU C 148 8.37 13.94 -10.15
N PHE C 149 7.76 13.92 -8.96
CA PHE C 149 6.83 12.86 -8.60
C PHE C 149 5.55 13.03 -9.39
N GLU C 150 5.15 14.28 -9.56
CA GLU C 150 3.93 14.61 -10.31
C GLU C 150 4.03 14.09 -11.72
N LYS C 151 5.24 14.12 -12.28
CA LYS C 151 5.46 13.64 -13.64
C LYS C 151 5.80 12.16 -13.63
N ASP C 152 5.64 11.52 -12.47
CA ASP C 152 5.95 10.10 -12.31
C ASP C 152 7.32 9.80 -12.93
N LEU C 153 8.28 10.64 -12.58
CA LEU C 153 9.65 10.52 -13.07
C LEU C 153 10.60 9.87 -12.07
N VAL C 154 10.18 9.76 -10.81
CA VAL C 154 11.05 9.19 -9.78
C VAL C 154 10.97 7.69 -9.59
N GLU C 155 12.12 7.01 -9.72
CA GLU C 155 12.22 5.57 -9.53
C GLU C 155 12.56 5.35 -8.04
N TRP C 156 13.55 6.10 -7.57
CA TRP C 156 13.93 6.04 -6.15
C TRP C 156 14.76 7.25 -5.77
N ILE C 157 14.78 7.58 -4.47
CA ILE C 157 15.54 8.73 -3.99
C ILE C 157 16.38 8.36 -2.79
N SER C 158 17.64 8.77 -2.82
CA SER C 158 18.57 8.54 -1.73
C SER C 158 18.75 9.91 -1.06
N VAL C 159 18.60 9.95 0.26
CA VAL C 159 18.69 11.20 1.00
C VAL C 159 19.72 11.28 2.12
N ALA C 160 20.31 12.45 2.28
CA ALA C 160 21.26 12.73 3.35
C ALA C 160 20.76 14.08 3.86
N THR C 161 20.31 14.14 5.12
CA THR C 161 19.78 15.39 5.67
C THR C 161 20.75 16.15 6.58
N TYR C 162 20.44 17.45 6.76
CA TYR C 162 21.21 18.36 7.62
C TYR C 162 20.11 19.05 8.42
N GLN C 163 19.65 18.39 9.48
CA GLN C 163 18.53 18.89 10.28
C GLN C 163 18.88 19.81 11.46
N ALA C 164 18.03 20.83 11.61
CA ALA C 164 18.19 21.84 12.65
C ALA C 164 17.73 21.39 14.04
N ALA C 165 18.10 22.17 15.05
CA ALA C 165 17.75 21.87 16.43
C ALA C 165 16.25 21.96 16.72
N SER C 166 15.57 22.91 16.08
CA SER C 166 14.13 23.11 16.30
C SER C 166 13.32 21.83 16.16
N GLY C 167 13.78 20.92 15.31
CA GLY C 167 13.09 19.66 15.11
C GLY C 167 13.04 18.87 16.40
N ALA C 168 14.02 19.12 17.28
CA ALA C 168 14.09 18.43 18.56
C ALA C 168 13.35 19.18 19.67
N GLY C 169 13.05 20.46 19.45
CA GLY C 169 12.33 21.23 20.46
C GLY C 169 13.01 22.52 20.85
N ALA C 170 12.27 23.42 21.50
CA ALA C 170 12.80 24.71 21.90
C ALA C 170 13.98 24.58 22.87
N LYS C 171 13.84 23.67 23.82
CA LYS C 171 14.86 23.41 24.82
C LYS C 171 16.19 22.99 24.14
N ASN C 172 16.08 22.27 23.03
CA ASN C 172 17.26 21.83 22.31
C ASN C 172 17.91 22.96 21.52
N MET C 173 17.10 23.91 21.08
CA MET C 173 17.60 25.06 20.33
C MET C 173 18.42 25.92 21.30
N ARG C 174 17.93 26.06 22.52
CA ARG C 174 18.64 26.85 23.51
C ARG C 174 19.96 26.16 23.89
N GLU C 175 19.95 24.84 23.97
CA GLU C 175 21.17 24.10 24.31
C GLU C 175 22.21 24.29 23.21
N LEU C 176 21.77 24.28 21.96
CA LEU C 176 22.69 24.48 20.84
C LEU C 176 23.35 25.85 20.92
N LEU C 177 22.55 26.88 21.22
CA LEU C 177 23.08 28.23 21.33
C LEU C 177 24.06 28.35 22.49
N SER C 178 23.73 27.72 23.62
CA SER C 178 24.62 27.76 24.77
C SER C 178 25.93 27.05 24.43
N GLN C 179 25.85 25.94 23.70
CA GLN C 179 27.05 25.21 23.32
C GLN C 179 27.97 26.08 22.45
N MET C 180 27.40 26.72 21.44
CA MET C 180 28.17 27.58 20.54
C MET C 180 28.86 28.69 21.32
N GLY C 181 28.13 29.28 22.26
CA GLY C 181 28.68 30.35 23.06
C GLY C 181 29.84 29.88 23.91
N LEU C 182 29.69 28.72 24.55
CA LEU C 182 30.74 28.19 25.41
C LEU C 182 32.02 27.84 24.66
N LEU C 183 31.88 27.40 23.42
CA LEU C 183 33.05 27.05 22.62
C LEU C 183 33.87 28.29 22.28
N GLU C 184 33.20 29.39 21.93
CA GLU C 184 33.93 30.61 21.60
C GLU C 184 34.52 31.23 22.85
N GLN C 185 33.78 31.18 23.95
CA GLN C 185 34.26 31.75 25.20
C GLN C 185 35.51 31.04 25.71
N ALA C 186 35.68 29.79 25.30
CA ALA C 186 36.84 29.00 25.71
C ALA C 186 38.12 29.52 25.06
N VAL C 187 37.98 30.28 23.99
CA VAL C 187 39.15 30.81 23.27
C VAL C 187 38.97 32.25 22.81
N SER C 188 38.10 32.98 23.50
CA SER C 188 37.80 34.37 23.12
C SER C 188 39.02 35.28 22.93
N SER C 189 39.94 35.30 23.90
CA SER C 189 41.12 36.14 23.80
C SER C 189 42.07 35.63 22.72
N GLU C 190 42.18 34.30 22.58
CA GLU C 190 43.05 33.71 21.57
C GLU C 190 42.57 34.04 20.16
N LEU C 191 41.25 34.14 19.99
CA LEU C 191 40.69 34.47 18.69
C LEU C 191 41.02 35.90 18.26
N LYS C 192 41.03 36.81 19.23
CA LYS C 192 41.33 38.22 18.96
C LYS C 192 42.81 38.43 18.67
N ASP C 193 43.63 37.56 19.25
CA ASP C 193 45.07 37.64 19.06
C ASP C 193 45.50 37.00 17.75
N PRO C 194 45.92 37.81 16.77
CA PRO C 194 46.36 37.36 15.45
C PRO C 194 47.58 36.44 15.48
N ALA C 195 48.32 36.46 16.57
CA ALA C 195 49.52 35.63 16.70
C ALA C 195 49.28 34.25 17.36
N SER C 196 48.06 34.02 17.84
CA SER C 196 47.74 32.74 18.49
C SER C 196 47.79 31.53 17.56
N SER C 197 48.11 30.39 18.12
CA SER C 197 48.20 29.13 17.38
C SER C 197 46.81 28.54 17.13
N ILE C 198 46.47 28.29 15.88
CA ILE C 198 45.17 27.74 15.53
C ILE C 198 44.97 26.34 16.13
N LEU C 199 46.06 25.58 16.23
CA LEU C 199 45.99 24.23 16.79
C LEU C 199 45.72 24.29 18.29
N ASP C 200 46.23 25.35 18.92
CA ASP C 200 46.04 25.57 20.36
C ASP C 200 44.57 25.92 20.58
N ILE C 201 44.04 26.78 19.71
CA ILE C 201 42.66 27.19 19.78
C ILE C 201 41.79 25.94 19.65
N GLU C 202 42.12 25.09 18.69
CA GLU C 202 41.35 23.89 18.48
C GLU C 202 41.39 22.92 19.66
N ARG C 203 42.56 22.77 20.30
CA ARG C 203 42.66 21.88 21.44
C ARG C 203 41.75 22.34 22.57
N LYS C 204 41.75 23.65 22.80
CA LYS C 204 40.92 24.25 23.85
C LYS C 204 39.44 24.10 23.55
N VAL C 205 39.04 24.29 22.29
CA VAL C 205 37.63 24.16 21.92
C VAL C 205 37.17 22.70 22.02
N THR C 206 38.01 21.78 21.55
CA THR C 206 37.69 20.35 21.61
C THR C 206 37.63 19.89 23.07
N ALA C 207 38.52 20.42 23.90
CA ALA C 207 38.54 20.07 25.32
C ALA C 207 37.24 20.55 25.98
N LYS C 208 36.81 21.74 25.60
CA LYS C 208 35.58 22.30 26.15
C LYS C 208 34.37 21.45 25.71
N MET C 209 34.38 21.06 24.45
CA MET C 209 33.31 20.27 23.86
C MET C 209 33.17 18.91 24.56
N ARG C 210 34.27 18.41 25.09
CA ARG C 210 34.32 17.12 25.77
C ARG C 210 34.20 17.19 27.31
N ALA C 211 34.22 18.41 27.85
CA ALA C 211 34.14 18.63 29.29
C ALA C 211 32.82 18.18 29.93
N ASP C 212 32.88 17.77 31.19
CA ASP C 212 31.69 17.33 31.90
C ASP C 212 30.70 18.48 32.10
N ASN C 213 31.23 19.71 32.17
CA ASN C 213 30.36 20.87 32.36
C ASN C 213 29.87 21.52 31.07
N PHE C 214 29.98 20.80 29.94
CA PHE C 214 29.50 21.30 28.65
C PHE C 214 28.07 20.76 28.57
N PRO C 215 27.07 21.62 28.31
CA PRO C 215 25.68 21.17 28.24
C PRO C 215 25.28 20.26 27.08
N THR C 216 25.04 18.97 27.37
CA THR C 216 24.65 18.03 26.33
C THR C 216 23.47 17.17 26.78
N ASP C 217 22.77 17.62 27.81
CA ASP C 217 21.63 16.88 28.36
C ASP C 217 20.49 16.61 27.38
N ASN C 218 20.15 17.59 26.56
CA ASN C 218 19.05 17.44 25.61
C ASN C 218 19.39 16.71 24.32
N PHE C 219 20.64 16.79 23.88
CA PHE C 219 21.05 16.11 22.66
C PHE C 219 21.72 14.77 22.94
N GLY C 220 22.31 14.62 24.12
CA GLY C 220 22.98 13.37 24.45
C GLY C 220 24.38 13.38 23.84
N ALA C 221 24.75 14.53 23.30
CA ALA C 221 26.06 14.69 22.69
C ALA C 221 26.22 16.16 22.34
N ALA C 222 27.43 16.57 21.95
CA ALA C 222 27.65 17.94 21.57
C ALA C 222 27.05 18.12 20.18
N LEU C 223 26.42 19.27 19.91
CA LEU C 223 25.89 19.51 18.58
C LEU C 223 26.70 20.67 18.00
N GLY C 224 26.78 21.76 18.76
CA GLY C 224 27.55 22.90 18.29
C GLY C 224 28.98 22.44 18.03
N GLY C 225 29.53 22.83 16.87
CA GLY C 225 30.87 22.42 16.52
C GLY C 225 31.00 20.96 16.13
N SER C 226 29.87 20.26 16.00
CA SER C 226 29.90 18.83 15.67
C SER C 226 28.64 18.44 14.89
N LEU C 227 28.23 17.19 15.01
CA LEU C 227 27.03 16.69 14.34
C LEU C 227 26.61 15.39 15.01
N ILE C 228 25.35 14.99 14.80
CA ILE C 228 24.84 13.76 15.40
C ILE C 228 24.15 12.97 14.29
N PRO C 229 24.77 11.87 13.83
CA PRO C 229 24.17 11.06 12.76
C PRO C 229 23.06 10.12 13.25
N TRP C 230 22.14 10.65 14.05
CA TRP C 230 21.05 9.84 14.58
C TRP C 230 19.92 10.71 15.11
N ILE C 231 18.72 10.49 14.59
CA ILE C 231 17.53 11.22 15.01
C ILE C 231 16.38 10.24 15.30
N ASP C 232 15.81 10.34 16.49
CA ASP C 232 14.71 9.47 16.93
C ASP C 232 15.21 8.06 17.24
N LYS C 233 14.28 7.18 17.60
CA LYS C 233 14.64 5.81 17.96
C LYS C 233 14.88 4.83 16.84
N LEU C 234 15.63 3.78 17.16
CA LEU C 234 15.96 2.73 16.20
C LEU C 234 14.74 1.83 15.95
N LEU C 235 14.60 1.38 14.72
CA LEU C 235 13.54 0.44 14.35
C LEU C 235 14.38 -0.77 13.95
N PRO C 236 14.62 -1.67 14.91
CA PRO C 236 15.42 -2.89 14.69
C PRO C 236 15.05 -3.76 13.50
N GLU C 237 13.78 -3.73 13.11
CA GLU C 237 13.33 -4.53 11.98
C GLU C 237 13.99 -4.14 10.66
N THR C 238 14.40 -2.88 10.53
CA THR C 238 15.02 -2.41 9.29
C THR C 238 16.39 -1.75 9.48
N GLY C 239 16.69 -1.29 10.69
CA GLY C 239 17.96 -0.64 10.93
C GLY C 239 17.86 0.87 10.77
N GLN C 240 16.71 1.34 10.31
CA GLN C 240 16.49 2.78 10.14
C GLN C 240 16.09 3.39 11.48
N THR C 241 16.31 4.69 11.64
CA THR C 241 15.85 5.36 12.86
C THR C 241 14.41 5.70 12.43
N LYS C 242 13.53 6.03 13.37
CA LYS C 242 12.16 6.34 12.98
C LYS C 242 12.08 7.53 12.02
N GLU C 243 12.98 8.49 12.16
CA GLU C 243 13.00 9.66 11.28
C GLU C 243 13.25 9.23 9.83
N GLU C 244 14.22 8.34 9.61
CA GLU C 244 14.55 7.84 8.28
C GLU C 244 13.45 6.94 7.70
N TRP C 245 12.80 6.19 8.58
CA TRP C 245 11.69 5.30 8.21
C TRP C 245 10.53 6.12 7.64
N LYS C 246 10.36 7.33 8.15
CA LYS C 246 9.29 8.22 7.70
C LYS C 246 9.37 8.62 6.22
N GLY C 247 10.56 8.61 5.65
CA GLY C 247 10.70 8.96 4.25
C GLY C 247 9.84 8.09 3.36
N TYR C 248 9.98 6.78 3.48
CA TYR C 248 9.24 5.84 2.67
C TYR C 248 7.75 5.78 3.05
N ALA C 249 7.48 5.69 4.35
CA ALA C 249 6.10 5.60 4.84
C ALA C 249 5.23 6.80 4.48
N GLU C 250 5.66 7.99 4.87
CA GLU C 250 4.90 9.20 4.62
C GLU C 250 4.90 9.76 3.21
N THR C 251 6.02 9.63 2.50
CA THR C 251 6.08 10.13 1.12
C THR C 251 5.00 9.44 0.30
N ASN C 252 4.93 8.13 0.43
CA ASN C 252 3.95 7.36 -0.32
C ASN C 252 2.51 7.52 0.13
N LYS C 253 2.29 7.68 1.44
CA LYS C 253 0.91 7.90 1.89
C LYS C 253 0.51 9.31 1.47
N ILE C 254 1.42 10.27 1.54
CA ILE C 254 1.09 11.63 1.14
C ILE C 254 0.71 11.66 -0.34
N LEU C 255 1.48 10.96 -1.16
CA LEU C 255 1.25 10.93 -2.60
C LEU C 255 0.18 9.94 -3.05
N GLY C 256 -0.28 9.09 -2.13
CA GLY C 256 -1.29 8.11 -2.48
C GLY C 256 -0.73 6.96 -3.30
N LEU C 257 0.51 6.55 -3.01
CA LEU C 257 1.16 5.47 -3.73
C LEU C 257 1.46 4.24 -2.87
N SER C 258 0.61 3.93 -1.91
CA SER C 258 0.85 2.77 -1.06
C SER C 258 0.75 1.44 -1.80
N ASP C 259 0.14 1.43 -2.97
CA ASP C 259 0.02 0.22 -3.78
C ASP C 259 1.25 0.04 -4.69
N ASN C 260 1.86 1.15 -5.08
CA ASN C 260 3.06 1.15 -5.93
C ASN C 260 4.04 2.15 -5.33
N PRO C 261 4.57 1.84 -4.13
CA PRO C 261 5.51 2.69 -3.41
C PRO C 261 6.78 3.05 -4.17
N ILE C 262 7.27 4.26 -3.90
CA ILE C 262 8.50 4.76 -4.50
C ILE C 262 9.51 4.67 -3.36
N PRO C 263 10.62 3.96 -3.55
CA PRO C 263 11.60 3.88 -2.46
C PRO C 263 12.24 5.21 -2.10
N VAL C 264 12.17 5.57 -0.83
CA VAL C 264 12.80 6.79 -0.33
C VAL C 264 13.56 6.32 0.90
N ASP C 265 14.85 6.60 0.96
CA ASP C 265 15.65 6.16 2.10
C ASP C 265 16.94 6.95 2.18
N GLY C 266 17.59 6.87 3.34
CA GLY C 266 18.83 7.58 3.53
C GLY C 266 19.17 7.77 4.99
N LEU C 267 20.05 8.73 5.27
CA LEU C 267 20.48 8.99 6.63
C LEU C 267 20.09 10.39 7.09
N CYS C 268 19.53 10.49 8.28
CA CYS C 268 19.11 11.77 8.84
C CYS C 268 20.14 12.21 9.87
N VAL C 269 20.73 13.39 9.64
CA VAL C 269 21.76 13.91 10.52
C VAL C 269 21.39 15.27 11.12
N ARG C 270 21.70 15.43 12.41
CA ARG C 270 21.43 16.67 13.12
C ARG C 270 22.70 17.56 13.07
N ILE C 271 22.52 18.82 12.70
CA ILE C 271 23.65 19.74 12.65
C ILE C 271 23.32 21.03 13.43
N GLY C 272 24.33 21.86 13.66
CA GLY C 272 24.14 23.08 14.42
C GLY C 272 23.39 24.23 13.76
N ALA C 273 22.15 23.99 13.36
CA ALA C 273 21.32 25.02 12.75
C ALA C 273 20.09 25.16 13.64
N LEU C 274 19.48 26.35 13.64
CA LEU C 274 18.32 26.59 14.48
C LEU C 274 16.96 26.10 13.99
N ARG C 275 16.56 26.47 12.78
CA ARG C 275 15.25 26.05 12.29
C ARG C 275 15.10 25.73 10.80
N CYS C 276 16.23 25.52 10.12
CA CYS C 276 16.20 25.17 8.71
C CYS C 276 16.77 23.79 8.44
N ASN C 277 16.04 23.01 7.65
CA ASN C 277 16.46 21.67 7.28
C ASN C 277 16.90 21.67 5.84
N SER C 278 18.08 21.10 5.60
CA SER C 278 18.62 21.01 4.25
C SER C 278 18.75 19.53 3.91
N GLN C 279 18.67 19.21 2.63
CA GLN C 279 18.77 17.81 2.21
C GLN C 279 19.57 17.63 0.93
N ALA C 280 20.43 16.61 0.90
CA ALA C 280 21.21 16.30 -0.29
C ALA C 280 20.52 15.08 -0.91
N PHE C 281 20.15 15.20 -2.18
CA PHE C 281 19.46 14.11 -2.85
C PHE C 281 20.26 13.51 -4.00
N THR C 282 20.07 12.20 -4.18
CA THR C 282 20.61 11.47 -5.31
C THR C 282 19.31 10.85 -5.79
N ILE C 283 18.81 11.35 -6.92
CA ILE C 283 17.54 10.89 -7.45
C ILE C 283 17.69 10.06 -8.72
N LYS C 284 17.21 8.83 -8.68
CA LYS C 284 17.28 7.98 -9.86
C LYS C 284 15.97 8.23 -10.60
N LEU C 285 16.07 8.72 -11.83
CA LEU C 285 14.88 9.00 -12.61
C LEU C 285 14.56 7.87 -13.58
N LYS C 286 13.28 7.75 -13.94
CA LYS C 286 12.83 6.72 -14.86
C LYS C 286 13.18 7.03 -16.31
N LYS C 287 13.70 8.22 -16.57
CA LYS C 287 14.05 8.61 -17.93
C LYS C 287 15.23 9.56 -18.01
N ASP C 288 15.84 9.62 -19.19
CA ASP C 288 16.97 10.50 -19.42
C ASP C 288 16.40 11.80 -19.97
N LEU C 289 16.42 12.85 -19.16
CA LEU C 289 15.88 14.15 -19.57
C LEU C 289 16.94 15.24 -19.50
N PRO C 290 16.80 16.28 -20.34
CA PRO C 290 17.78 17.37 -20.33
C PRO C 290 17.63 18.11 -19.00
N LEU C 291 18.75 18.54 -18.41
CA LEU C 291 18.69 19.27 -17.14
C LEU C 291 17.73 20.45 -17.20
N GLU C 292 17.68 21.11 -18.35
CA GLU C 292 16.83 22.26 -18.52
C GLU C 292 15.36 21.94 -18.33
N GLU C 293 14.95 20.75 -18.77
CA GLU C 293 13.56 20.33 -18.63
C GLU C 293 13.28 19.98 -17.18
N ILE C 294 14.24 19.31 -16.54
CA ILE C 294 14.13 18.91 -15.15
C ILE C 294 13.96 20.16 -14.26
N GLU C 295 14.77 21.19 -14.51
CA GLU C 295 14.68 22.41 -13.71
C GLU C 295 13.31 23.05 -13.80
N GLN C 296 12.74 23.08 -15.01
CA GLN C 296 11.41 23.65 -15.22
C GLN C 296 10.34 22.80 -14.53
N ILE C 297 10.46 21.49 -14.65
CA ILE C 297 9.50 20.59 -14.01
C ILE C 297 9.51 20.86 -12.52
N ILE C 298 10.70 21.04 -11.95
CA ILE C 298 10.84 21.31 -10.53
C ILE C 298 10.28 22.69 -10.16
N ALA C 299 10.76 23.72 -10.85
CA ALA C 299 10.33 25.09 -10.59
C ALA C 299 8.85 25.34 -10.80
N SER C 300 8.27 24.66 -11.78
CA SER C 300 6.86 24.85 -12.09
C SER C 300 5.83 24.16 -11.20
N HIS C 301 6.26 23.29 -10.29
CA HIS C 301 5.29 22.59 -9.45
C HIS C 301 4.48 23.49 -8.51
N ASN C 302 5.15 24.41 -7.82
CA ASN C 302 4.46 25.30 -6.90
C ASN C 302 5.17 26.65 -6.76
N GLU C 303 4.45 27.68 -6.31
CA GLU C 303 5.01 29.01 -6.19
C GLU C 303 6.06 29.21 -5.10
N TRP C 304 6.27 28.18 -4.26
CA TRP C 304 7.25 28.29 -3.17
C TRP C 304 8.61 27.74 -3.56
N VAL C 305 8.64 26.65 -4.31
CA VAL C 305 9.91 26.07 -4.72
C VAL C 305 10.57 27.08 -5.66
N LYS C 306 11.90 27.16 -5.60
CA LYS C 306 12.68 28.10 -6.39
C LYS C 306 13.94 27.36 -6.82
N VAL C 307 14.25 27.37 -8.11
CA VAL C 307 15.46 26.71 -8.58
C VAL C 307 16.60 27.71 -8.56
N ILE C 308 17.69 27.34 -7.88
CA ILE C 308 18.87 28.21 -7.76
C ILE C 308 19.89 27.75 -8.79
N PRO C 309 20.32 28.66 -9.67
CA PRO C 309 21.31 28.28 -10.69
C PRO C 309 22.57 27.72 -10.05
N ASN C 310 23.17 26.75 -10.72
CA ASN C 310 24.37 26.11 -10.22
C ASN C 310 25.59 27.03 -10.37
N ASP C 311 25.60 28.09 -9.56
CA ASP C 311 26.68 29.09 -9.54
C ASP C 311 27.07 29.34 -8.08
N LYS C 312 28.38 29.53 -7.84
CA LYS C 312 28.89 29.74 -6.50
C LYS C 312 28.29 30.93 -5.78
N GLU C 313 28.42 32.11 -6.39
CA GLU C 313 27.92 33.35 -5.84
C GLU C 313 26.45 33.25 -5.48
N ILE C 314 25.63 32.82 -6.45
CA ILE C 314 24.19 32.70 -6.24
C ILE C 314 23.86 31.65 -5.16
N THR C 315 24.58 30.54 -5.19
CA THR C 315 24.36 29.46 -4.22
C THR C 315 24.63 29.93 -2.80
N LEU C 316 25.75 30.64 -2.61
CA LEU C 316 26.12 31.14 -1.29
C LEU C 316 25.11 32.12 -0.70
N ARG C 317 24.40 32.86 -1.55
CA ARG C 317 23.43 33.81 -1.03
C ARG C 317 22.01 33.27 -0.97
N GLU C 318 21.73 32.20 -1.72
CA GLU C 318 20.37 31.65 -1.78
C GLU C 318 20.09 30.27 -1.17
N LEU C 319 21.02 29.34 -1.33
CA LEU C 319 20.80 27.98 -0.84
C LEU C 319 21.38 27.70 0.55
N THR C 320 20.94 28.45 1.55
CA THR C 320 21.45 28.27 2.92
C THR C 320 20.41 28.56 3.99
N PRO C 321 20.60 28.02 5.20
CA PRO C 321 19.65 28.28 6.30
C PRO C 321 19.64 29.79 6.62
N ALA C 322 20.77 30.45 6.44
CA ALA C 322 20.86 31.89 6.71
C ALA C 322 19.82 32.65 5.88
N LYS C 323 19.70 32.27 4.61
CA LYS C 323 18.76 32.91 3.70
C LYS C 323 17.30 32.51 3.91
N VAL C 324 17.04 31.20 3.97
CA VAL C 324 15.70 30.63 4.09
C VAL C 324 14.94 30.76 5.41
N THR C 325 15.67 30.73 6.53
CA THR C 325 15.06 30.82 7.86
C THR C 325 13.93 31.84 8.00
N GLY C 326 12.79 31.37 8.52
CA GLY C 326 11.65 32.24 8.73
C GLY C 326 10.83 32.54 7.50
N THR C 327 11.22 32.03 6.34
CA THR C 327 10.47 32.28 5.11
C THR C 327 9.82 31.02 4.60
N LEU C 328 8.90 31.19 3.65
CA LEU C 328 8.18 30.08 3.05
C LEU C 328 8.84 29.59 1.78
N SER C 329 9.99 30.16 1.45
CA SER C 329 10.69 29.76 0.23
C SER C 329 11.37 28.41 0.37
N VAL C 330 11.33 27.63 -0.71
CA VAL C 330 11.95 26.30 -0.71
C VAL C 330 12.89 26.20 -1.92
N PRO C 331 14.09 26.80 -1.78
CA PRO C 331 15.05 26.76 -2.88
C PRO C 331 15.64 25.37 -3.09
N VAL C 332 15.92 25.04 -4.34
CA VAL C 332 16.53 23.76 -4.70
C VAL C 332 17.61 24.12 -5.74
N GLY C 333 18.83 23.66 -5.48
CA GLY C 333 19.92 23.97 -6.38
C GLY C 333 20.92 22.84 -6.53
N ARG C 334 22.08 23.17 -7.09
CA ARG C 334 23.14 22.21 -7.33
C ARG C 334 22.62 21.09 -8.23
N LEU C 335 21.65 21.42 -9.07
CA LEU C 335 21.09 20.43 -9.98
C LEU C 335 22.05 20.05 -11.10
N ARG C 336 22.31 18.76 -11.24
CA ARG C 336 23.19 18.26 -12.29
C ARG C 336 23.09 16.74 -12.36
N LYS C 337 23.60 16.17 -13.44
CA LYS C 337 23.60 14.72 -13.62
C LYS C 337 24.85 14.19 -12.90
N LEU C 338 24.71 13.05 -12.24
CA LEU C 338 25.82 12.43 -11.52
C LEU C 338 26.61 11.47 -12.40
N ALA C 339 27.82 11.13 -11.96
CA ALA C 339 28.68 10.23 -12.71
C ALA C 339 28.05 8.87 -13.03
N MET C 340 27.09 8.43 -12.21
CA MET C 340 26.43 7.16 -12.43
C MET C 340 25.65 7.07 -13.73
N GLY C 341 25.26 8.22 -14.28
CA GLY C 341 24.51 8.21 -15.52
C GLY C 341 23.57 9.39 -15.70
N PRO C 342 23.01 9.57 -16.92
CA PRO C 342 22.07 10.65 -17.27
C PRO C 342 20.73 10.56 -16.56
N GLU C 343 20.45 9.41 -15.95
CA GLU C 343 19.20 9.21 -15.23
C GLU C 343 19.38 9.43 -13.74
N TYR C 344 20.60 9.82 -13.33
CA TYR C 344 20.92 10.08 -11.93
C TYR C 344 21.03 11.58 -11.73
N LEU C 345 20.15 12.12 -10.90
CA LEU C 345 20.11 13.56 -10.64
C LEU C 345 20.52 13.97 -9.24
N ALA C 346 21.39 14.96 -9.14
CA ALA C 346 21.81 15.47 -7.84
C ALA C 346 21.05 16.77 -7.58
N ALA C 347 20.68 17.00 -6.33
CA ALA C 347 19.96 18.20 -5.94
C ALA C 347 20.14 18.46 -4.46
N PHE C 348 20.10 19.72 -4.07
CA PHE C 348 20.24 20.11 -2.67
C PHE C 348 19.16 21.14 -2.39
N THR C 349 18.42 20.95 -1.30
CA THR C 349 17.36 21.88 -0.95
C THR C 349 17.44 22.34 0.50
N VAL C 350 16.84 23.48 0.79
CA VAL C 350 16.81 24.04 2.14
C VAL C 350 15.39 24.55 2.36
N GLY C 351 14.83 24.29 3.55
CA GLY C 351 13.48 24.73 3.85
C GLY C 351 13.29 24.96 5.34
N ASP C 352 12.48 25.95 5.70
CA ASP C 352 12.25 26.24 7.11
C ASP C 352 11.45 25.10 7.76
N GLN C 353 12.00 24.57 8.84
CA GLN C 353 11.42 23.45 9.57
C GLN C 353 10.08 23.75 10.26
N LEU C 354 9.89 24.99 10.68
CA LEU C 354 8.67 25.36 11.38
C LEU C 354 7.49 25.78 10.50
N LEU C 355 7.76 26.15 9.27
CA LEU C 355 6.68 26.56 8.37
C LEU C 355 6.16 25.37 7.56
N TRP C 356 6.73 25.09 6.39
CA TRP C 356 6.24 23.95 5.61
C TRP C 356 6.51 22.64 6.35
N GLY C 357 7.49 22.68 7.25
CA GLY C 357 7.82 21.48 7.99
C GLY C 357 6.97 21.27 9.23
N ALA C 358 6.02 22.17 9.46
CA ALA C 358 5.16 22.01 10.64
C ALA C 358 3.83 22.78 10.60
N ALA C 359 3.89 24.07 10.91
CA ALA C 359 2.70 24.91 10.97
C ALA C 359 1.94 25.24 9.69
N GLU C 360 2.64 25.43 8.57
CA GLU C 360 1.94 25.81 7.34
C GLU C 360 0.92 24.83 6.75
N PRO C 361 1.22 23.52 6.73
CA PRO C 361 0.23 22.60 6.16
C PRO C 361 -1.04 22.57 7.02
N VAL C 362 -0.86 22.79 8.32
CA VAL C 362 -1.96 22.81 9.27
C VAL C 362 -2.80 24.05 9.06
N ARG C 363 -2.14 25.20 8.97
CA ARG C 363 -2.87 26.44 8.75
C ARG C 363 -3.70 26.33 7.48
N ARG C 364 -3.08 25.80 6.42
CA ARG C 364 -3.74 25.66 5.14
C ARG C 364 -4.90 24.68 5.07
N ILE C 365 -4.81 23.53 5.72
CA ILE C 365 -5.95 22.61 5.68
C ILE C 365 -7.09 23.24 6.50
N LEU C 366 -6.74 23.89 7.60
CA LEU C 366 -7.75 24.53 8.42
C LEU C 366 -8.53 25.52 7.55
N LYS C 367 -7.80 26.30 6.76
CA LYS C 367 -8.41 27.28 5.88
C LYS C 367 -9.45 26.65 4.96
N GLN C 368 -9.15 25.49 4.40
CA GLN C 368 -10.08 24.80 3.52
C GLN C 368 -11.32 24.31 4.26
N LEU C 369 -11.13 23.87 5.50
CA LEU C 369 -12.23 23.38 6.31
C LEU C 369 -13.21 24.46 6.78
N VAL C 370 -12.74 25.71 6.85
CA VAL C 370 -13.62 26.79 7.30
C VAL C 370 -14.16 27.64 6.16
N ALA C 371 -13.51 27.55 5.01
CA ALA C 371 -13.91 28.33 3.83
C ALA C 371 -15.42 28.50 3.74
N MET D 1 -70.20 1.27 -7.40
CA MET D 1 -68.88 0.66 -7.73
C MET D 1 -68.74 -0.70 -7.07
N LYS D 2 -67.94 -1.58 -7.67
CA LYS D 2 -67.75 -2.91 -7.13
C LYS D 2 -67.13 -2.88 -5.75
N ASN D 3 -67.69 -3.69 -4.85
CA ASN D 3 -67.19 -3.76 -3.48
C ASN D 3 -66.06 -4.76 -3.38
N VAL D 4 -64.87 -4.25 -3.08
CA VAL D 4 -63.67 -5.07 -2.99
C VAL D 4 -63.14 -5.19 -1.57
N GLY D 5 -62.91 -6.42 -1.12
CA GLY D 5 -62.38 -6.64 0.20
C GLY D 5 -60.87 -6.82 0.16
N PHE D 6 -60.17 -6.32 1.16
CA PHE D 6 -58.71 -6.43 1.22
C PHE D 6 -58.27 -7.13 2.49
N ILE D 7 -57.58 -8.26 2.32
CA ILE D 7 -57.08 -9.03 3.45
C ILE D 7 -55.55 -9.01 3.36
N GLY D 8 -54.88 -8.93 4.50
CA GLY D 8 -53.43 -8.91 4.52
C GLY D 8 -52.81 -7.63 3.97
N TRP D 9 -53.61 -6.57 3.93
CA TRP D 9 -53.14 -5.28 3.43
C TRP D 9 -52.04 -4.68 4.29
N ARG D 10 -51.94 -5.15 5.52
CA ARG D 10 -50.95 -4.65 6.48
C ARG D 10 -49.59 -5.34 6.39
N GLY D 11 -49.56 -6.53 5.78
CA GLY D 11 -48.33 -7.28 5.66
C GLY D 11 -47.27 -6.66 4.78
N MET D 12 -46.16 -7.37 4.56
CA MET D 12 -45.10 -6.84 3.74
C MET D 12 -45.58 -6.72 2.29
N VAL D 13 -46.10 -7.81 1.74
CA VAL D 13 -46.62 -7.80 0.38
C VAL D 13 -47.82 -6.86 0.30
N GLY D 14 -48.69 -6.96 1.30
CA GLY D 14 -49.88 -6.11 1.33
C GLY D 14 -49.51 -4.64 1.31
N SER D 15 -48.51 -4.26 2.09
CA SER D 15 -48.05 -2.88 2.15
C SER D 15 -47.57 -2.38 0.79
N VAL D 16 -46.89 -3.27 0.05
CA VAL D 16 -46.40 -2.93 -1.28
C VAL D 16 -47.60 -2.76 -2.23
N LEU D 17 -48.60 -3.62 -2.08
CA LEU D 17 -49.79 -3.52 -2.92
C LEU D 17 -50.52 -2.21 -2.64
N MET D 18 -50.66 -1.87 -1.37
CA MET D 18 -51.33 -0.62 -0.99
C MET D 18 -50.58 0.59 -1.58
N ASP D 19 -49.26 0.61 -1.46
CA ASP D 19 -48.47 1.73 -1.99
C ASP D 19 -48.63 1.85 -3.50
N ARG D 20 -48.49 0.73 -4.19
CA ARG D 20 -48.62 0.72 -5.64
C ARG D 20 -50.01 1.18 -6.06
N MET D 21 -51.02 0.73 -5.33
CA MET D 21 -52.40 1.10 -5.64
C MET D 21 -52.60 2.61 -5.45
N SER D 22 -51.97 3.18 -4.45
CA SER D 22 -52.08 4.61 -4.18
C SER D 22 -51.39 5.41 -5.28
N GLN D 23 -50.28 4.89 -5.78
CA GLN D 23 -49.55 5.57 -6.83
C GLN D 23 -50.33 5.64 -8.13
N GLU D 24 -51.11 4.60 -8.43
CA GLU D 24 -51.90 4.52 -9.64
C GLU D 24 -53.38 4.90 -9.42
N ASN D 25 -53.70 5.39 -8.23
CA ASN D 25 -55.08 5.76 -7.90
C ASN D 25 -56.03 4.63 -8.24
N ASP D 26 -55.70 3.43 -7.75
CA ASP D 26 -56.50 2.25 -7.99
C ASP D 26 -57.74 2.20 -7.11
N PHE D 27 -57.78 3.05 -6.09
CA PHE D 27 -58.92 3.08 -5.18
C PHE D 27 -60.09 3.92 -5.69
N GLU D 28 -59.89 4.57 -6.83
CA GLU D 28 -60.91 5.42 -7.43
C GLU D 28 -62.19 4.72 -7.85
N ASN D 29 -62.06 3.74 -8.74
CA ASN D 29 -63.20 3.01 -9.28
C ASN D 29 -63.67 1.79 -8.48
N LEU D 30 -63.48 1.83 -7.16
CA LEU D 30 -63.93 0.72 -6.33
C LEU D 30 -64.20 1.15 -4.91
N ASN D 31 -65.07 0.41 -4.25
CA ASN D 31 -65.41 0.67 -2.86
C ASN D 31 -64.54 -0.28 -2.05
N PRO D 32 -63.58 0.27 -1.29
CA PRO D 32 -62.69 -0.56 -0.47
C PRO D 32 -63.24 -0.92 0.90
N VAL D 33 -63.06 -2.19 1.27
CA VAL D 33 -63.50 -2.69 2.56
C VAL D 33 -62.29 -3.45 3.10
N PHE D 34 -61.83 -3.06 4.28
CA PHE D 34 -60.66 -3.70 4.89
C PHE D 34 -60.95 -4.67 6.03
N PHE D 35 -60.29 -5.82 6.00
CA PHE D 35 -60.46 -6.83 7.02
C PHE D 35 -59.17 -7.02 7.81
N THR D 36 -59.27 -7.73 8.93
CA THR D 36 -58.12 -7.97 9.80
C THR D 36 -58.25 -9.29 10.54
N THR D 37 -57.12 -9.80 11.02
CA THR D 37 -57.09 -11.03 11.79
C THR D 37 -56.72 -10.68 13.24
N SER D 38 -56.53 -9.39 13.50
CA SER D 38 -56.14 -8.96 14.86
C SER D 38 -56.51 -7.53 15.27
N GLN D 39 -57.23 -6.79 14.44
CA GLN D 39 -57.58 -5.42 14.78
C GLN D 39 -59.02 -5.03 14.46
N ALA D 40 -59.90 -6.03 14.47
CA ALA D 40 -61.32 -5.82 14.16
C ALA D 40 -61.91 -4.67 14.97
N GLY D 41 -62.80 -3.91 14.33
CA GLY D 41 -63.43 -2.79 15.00
C GLY D 41 -62.62 -1.51 14.95
N GLN D 42 -61.30 -1.65 15.00
CA GLN D 42 -60.43 -0.47 14.96
C GLN D 42 -60.65 0.35 13.69
N LYS D 43 -60.08 1.54 13.67
CA LYS D 43 -60.23 2.45 12.54
C LYS D 43 -59.49 1.98 11.31
N ALA D 44 -60.22 1.82 10.21
CA ALA D 44 -59.62 1.38 8.96
C ALA D 44 -58.66 2.45 8.44
N PRO D 45 -57.53 2.02 7.86
CA PRO D 45 -56.54 2.97 7.32
C PRO D 45 -57.13 3.80 6.19
N VAL D 46 -56.47 4.90 5.84
CA VAL D 46 -56.97 5.76 4.77
C VAL D 46 -56.16 5.71 3.48
N PHE D 47 -56.70 5.02 2.48
CA PHE D 47 -56.06 4.90 1.17
C PHE D 47 -56.95 5.56 0.12
N GLY D 48 -56.33 6.04 -0.95
CA GLY D 48 -57.09 6.69 -2.00
C GLY D 48 -57.93 7.82 -1.44
N GLY D 49 -57.51 8.32 -0.27
CA GLY D 49 -58.22 9.40 0.38
C GLY D 49 -59.59 9.02 0.89
N LYS D 50 -59.93 7.75 0.81
CA LYS D 50 -61.23 7.27 1.27
C LYS D 50 -61.20 6.86 2.74
N ASP D 51 -62.39 6.66 3.31
CA ASP D 51 -62.52 6.27 4.71
C ASP D 51 -63.43 5.07 4.90
N ALA D 52 -62.86 3.88 5.00
CA ALA D 52 -63.65 2.67 5.22
C ALA D 52 -64.13 2.78 6.67
N GLY D 53 -65.19 2.05 7.00
CA GLY D 53 -65.70 2.11 8.36
C GLY D 53 -64.64 1.71 9.38
N ASP D 54 -64.83 0.53 9.97
CA ASP D 54 -63.89 -0.01 10.95
C ASP D 54 -63.45 -1.35 10.36
N LEU D 55 -62.30 -1.85 10.78
CA LEU D 55 -61.84 -3.13 10.27
C LEU D 55 -62.82 -4.24 10.64
N LYS D 56 -63.13 -5.08 9.67
CA LYS D 56 -64.04 -6.21 9.87
C LYS D 56 -63.19 -7.46 9.99
N SER D 57 -63.71 -8.49 10.63
CA SER D 57 -62.96 -9.73 10.78
C SER D 57 -62.82 -10.44 9.44
N ALA D 58 -61.59 -10.81 9.10
CA ALA D 58 -61.30 -11.51 7.86
C ALA D 58 -61.95 -12.90 7.85
N PHE D 59 -62.52 -13.28 8.97
CA PHE D 59 -63.16 -14.58 9.10
C PHE D 59 -64.69 -14.48 9.12
N ASP D 60 -65.21 -13.26 9.01
CA ASP D 60 -66.65 -13.06 9.01
C ASP D 60 -67.20 -13.40 7.62
N ILE D 61 -67.61 -14.65 7.41
CA ILE D 61 -68.11 -15.07 6.11
C ILE D 61 -69.28 -14.25 5.58
N GLU D 62 -70.22 -13.89 6.44
CA GLU D 62 -71.35 -13.09 5.99
C GLU D 62 -70.87 -11.77 5.40
N GLU D 63 -69.89 -11.15 6.05
CA GLU D 63 -69.33 -9.88 5.57
C GLU D 63 -68.66 -10.07 4.22
N LEU D 64 -67.79 -11.07 4.15
CA LEU D 64 -67.08 -11.40 2.92
C LEU D 64 -68.05 -11.74 1.80
N LYS D 65 -69.11 -12.45 2.14
CA LYS D 65 -70.12 -12.88 1.16
C LYS D 65 -70.77 -11.70 0.45
N LYS D 66 -70.68 -10.51 1.06
CA LYS D 66 -71.28 -9.30 0.50
C LYS D 66 -70.40 -8.66 -0.56
N LEU D 67 -69.14 -9.07 -0.61
CA LEU D 67 -68.16 -8.51 -1.53
C LEU D 67 -68.23 -9.09 -2.94
N ASP D 68 -67.85 -8.26 -3.92
CA ASP D 68 -67.84 -8.68 -5.32
C ASP D 68 -66.48 -9.30 -5.62
N ILE D 69 -65.44 -8.75 -5.00
CA ILE D 69 -64.08 -9.20 -5.21
C ILE D 69 -63.31 -9.23 -3.90
N ILE D 70 -62.45 -10.22 -3.74
CA ILE D 70 -61.62 -10.32 -2.55
C ILE D 70 -60.15 -10.37 -2.97
N VAL D 71 -59.36 -9.43 -2.47
CA VAL D 71 -57.95 -9.36 -2.77
C VAL D 71 -57.21 -9.69 -1.49
N THR D 72 -56.53 -10.83 -1.47
CA THR D 72 -55.82 -11.25 -0.28
C THR D 72 -54.30 -11.43 -0.39
N CYS D 73 -53.59 -10.87 0.59
CA CYS D 73 -52.13 -10.97 0.68
C CYS D 73 -51.79 -11.54 2.06
N GLN D 74 -52.78 -12.15 2.69
CA GLN D 74 -52.62 -12.72 4.03
C GLN D 74 -51.69 -13.91 4.15
N GLY D 75 -51.90 -14.91 3.30
CA GLY D 75 -51.09 -16.11 3.35
C GLY D 75 -51.89 -17.36 3.06
N GLY D 76 -51.19 -18.44 2.75
CA GLY D 76 -51.85 -19.69 2.44
C GLY D 76 -52.75 -20.26 3.52
N ASP D 77 -52.29 -20.22 4.76
CA ASP D 77 -53.10 -20.76 5.86
C ASP D 77 -54.48 -20.12 5.84
N TYR D 78 -54.50 -18.79 5.77
CA TYR D 78 -55.76 -18.04 5.73
C TYR D 78 -56.65 -18.50 4.60
N THR D 79 -56.10 -18.51 3.39
CA THR D 79 -56.86 -18.90 2.21
C THR D 79 -57.47 -20.29 2.34
N ASN D 80 -56.66 -21.28 2.68
CA ASN D 80 -57.17 -22.64 2.82
C ASN D 80 -58.25 -22.71 3.88
N GLU D 81 -58.24 -21.75 4.80
CA GLU D 81 -59.25 -21.69 5.86
C GLU D 81 -60.56 -21.12 5.34
N VAL D 82 -60.55 -19.82 5.04
CA VAL D 82 -61.73 -19.09 4.57
C VAL D 82 -62.29 -19.40 3.19
N TYR D 83 -61.42 -19.51 2.19
CA TYR D 83 -61.87 -19.77 0.83
C TYR D 83 -62.92 -20.88 0.69
N PRO D 84 -62.61 -22.10 1.17
CA PRO D 84 -63.58 -23.20 1.07
C PRO D 84 -64.88 -22.88 1.79
N LYS D 85 -64.77 -22.20 2.92
CA LYS D 85 -65.95 -21.84 3.71
C LYS D 85 -66.79 -20.79 2.99
N LEU D 86 -66.13 -19.86 2.30
CA LEU D 86 -66.82 -18.80 1.57
C LEU D 86 -67.51 -19.35 0.31
N LYS D 87 -66.81 -20.22 -0.42
CA LYS D 87 -67.38 -20.82 -1.63
C LYS D 87 -68.54 -21.75 -1.23
N ALA D 88 -68.38 -22.45 -0.12
CA ALA D 88 -69.40 -23.37 0.37
C ALA D 88 -70.75 -22.70 0.60
N THR D 89 -70.76 -21.37 0.63
CA THR D 89 -72.00 -20.64 0.84
C THR D 89 -72.68 -20.32 -0.48
N GLY D 90 -71.97 -20.54 -1.58
CA GLY D 90 -72.54 -20.24 -2.89
C GLY D 90 -72.02 -18.94 -3.46
N TRP D 91 -71.17 -18.25 -2.69
CA TRP D 91 -70.59 -16.98 -3.12
C TRP D 91 -69.96 -17.15 -4.50
N ASP D 92 -70.28 -16.24 -5.42
CA ASP D 92 -69.76 -16.31 -6.79
C ASP D 92 -68.88 -15.12 -7.16
N GLY D 93 -68.27 -14.48 -6.17
CA GLY D 93 -67.42 -13.34 -6.47
C GLY D 93 -66.03 -13.77 -6.91
N TYR D 94 -65.15 -12.78 -7.11
CA TYR D 94 -63.77 -13.08 -7.53
C TYR D 94 -62.82 -13.12 -6.34
N TRP D 95 -61.88 -14.05 -6.40
CA TRP D 95 -60.88 -14.21 -5.35
C TRP D 95 -59.50 -14.02 -5.97
N VAL D 96 -58.85 -12.91 -5.63
CA VAL D 96 -57.51 -12.57 -6.13
C VAL D 96 -56.56 -12.82 -4.96
N ASP D 97 -55.61 -13.73 -5.16
CA ASP D 97 -54.69 -14.15 -4.12
C ASP D 97 -53.19 -14.01 -4.48
N ALA D 98 -52.38 -13.71 -3.47
CA ALA D 98 -50.94 -13.57 -3.65
C ALA D 98 -50.25 -14.85 -3.16
N ALA D 99 -50.98 -15.65 -2.39
CA ALA D 99 -50.45 -16.89 -1.84
C ALA D 99 -50.53 -18.01 -2.89
N SER D 100 -49.64 -18.99 -2.77
CA SER D 100 -49.60 -20.11 -3.71
C SER D 100 -50.68 -21.16 -3.49
N ALA D 101 -51.33 -21.11 -2.31
CA ALA D 101 -52.36 -22.07 -1.92
C ALA D 101 -53.25 -22.63 -3.03
N LEU D 102 -53.90 -21.74 -3.78
CA LEU D 102 -54.82 -22.14 -4.86
C LEU D 102 -54.23 -22.13 -6.27
N ARG D 103 -52.93 -21.92 -6.40
CA ARG D 103 -52.31 -21.87 -7.73
C ARG D 103 -52.61 -23.04 -8.67
N MET D 104 -52.49 -24.26 -8.16
CA MET D 104 -52.69 -25.44 -8.98
C MET D 104 -54.12 -25.99 -9.03
N LYS D 105 -55.07 -25.25 -8.47
CA LYS D 105 -56.46 -25.67 -8.49
C LYS D 105 -56.97 -25.71 -9.92
N ASP D 106 -57.85 -26.67 -10.20
CA ASP D 106 -58.38 -26.82 -11.55
C ASP D 106 -59.24 -25.63 -11.99
N ASP D 107 -59.72 -24.86 -11.03
CA ASP D 107 -60.58 -23.70 -11.29
C ASP D 107 -59.88 -22.37 -11.02
N ALA D 108 -58.56 -22.42 -10.89
CA ALA D 108 -57.79 -21.21 -10.64
C ALA D 108 -56.82 -20.96 -11.79
N ILE D 109 -56.64 -19.69 -12.13
CA ILE D 109 -55.72 -19.27 -13.19
C ILE D 109 -54.55 -18.49 -12.59
N ILE D 110 -53.33 -18.84 -12.99
CA ILE D 110 -52.16 -18.12 -12.50
C ILE D 110 -52.00 -16.89 -13.39
N VAL D 111 -52.01 -15.71 -12.79
CA VAL D 111 -51.92 -14.49 -13.56
C VAL D 111 -50.55 -13.81 -13.63
N LEU D 112 -50.26 -13.26 -14.80
CA LEU D 112 -49.04 -12.52 -15.13
C LEU D 112 -49.38 -11.94 -16.50
N ASP D 113 -50.39 -11.05 -16.51
CA ASP D 113 -50.90 -10.48 -17.74
C ASP D 113 -49.93 -10.02 -18.83
N PRO D 114 -48.78 -9.41 -18.44
CA PRO D 114 -47.90 -9.00 -19.55
C PRO D 114 -47.38 -10.24 -20.29
N VAL D 115 -47.59 -11.41 -19.69
CA VAL D 115 -47.14 -12.66 -20.28
C VAL D 115 -48.26 -13.59 -20.75
N ASN D 116 -49.31 -13.75 -19.97
CA ASN D 116 -50.39 -14.65 -20.34
C ASN D 116 -51.79 -14.04 -20.39
N GLN D 117 -51.89 -12.79 -20.87
CA GLN D 117 -53.19 -12.13 -20.94
C GLN D 117 -54.24 -12.99 -21.64
N HIS D 118 -53.87 -13.65 -22.73
CA HIS D 118 -54.84 -14.48 -23.45
C HIS D 118 -55.43 -15.56 -22.54
N VAL D 119 -54.57 -16.22 -21.76
CA VAL D 119 -55.02 -17.26 -20.84
C VAL D 119 -56.02 -16.65 -19.87
N ILE D 120 -55.73 -15.45 -19.40
CA ILE D 120 -56.60 -14.73 -18.46
C ILE D 120 -57.97 -14.44 -19.06
N SER D 121 -58.00 -13.69 -20.15
CA SER D 121 -59.26 -13.34 -20.79
C SER D 121 -60.06 -14.58 -21.09
N GLU D 122 -59.39 -15.61 -21.60
CA GLU D 122 -60.08 -16.85 -21.91
C GLU D 122 -60.74 -17.41 -20.66
N GLY D 123 -60.00 -17.41 -19.55
CA GLY D 123 -60.54 -17.91 -18.30
C GLY D 123 -61.74 -17.10 -17.86
N LEU D 124 -61.66 -15.78 -18.04
CA LEU D 124 -62.73 -14.88 -17.67
C LEU D 124 -64.04 -15.25 -18.35
N LYS D 125 -64.00 -15.42 -19.67
CA LYS D 125 -65.18 -15.79 -20.45
C LYS D 125 -65.68 -17.12 -19.95
N LYS D 126 -64.77 -18.09 -19.88
CA LYS D 126 -65.05 -19.45 -19.44
C LYS D 126 -65.70 -19.50 -18.06
N GLY D 127 -65.64 -18.40 -17.32
CA GLY D 127 -66.25 -18.37 -16.00
C GLY D 127 -65.30 -18.53 -14.83
N ILE D 128 -64.00 -18.41 -15.07
CA ILE D 128 -63.01 -18.54 -13.99
C ILE D 128 -63.14 -17.37 -13.03
N LYS D 129 -63.26 -17.67 -11.74
CA LYS D 129 -63.43 -16.64 -10.71
C LYS D 129 -62.25 -16.52 -9.74
N THR D 130 -61.26 -17.40 -9.87
CA THR D 130 -60.11 -17.36 -8.96
C THR D 130 -58.81 -17.11 -9.72
N PHE D 131 -58.11 -16.04 -9.32
CA PHE D 131 -56.85 -15.68 -9.94
C PHE D 131 -55.76 -15.54 -8.89
N VAL D 132 -54.64 -16.22 -9.12
CA VAL D 132 -53.54 -16.22 -8.18
C VAL D 132 -52.23 -15.74 -8.78
N GLY D 133 -51.44 -15.00 -7.98
CA GLY D 133 -50.15 -14.54 -8.46
C GLY D 133 -49.24 -15.77 -8.57
N GLY D 134 -48.29 -15.73 -9.50
CA GLY D 134 -47.39 -16.86 -9.66
C GLY D 134 -46.15 -16.78 -8.77
N ASN D 135 -45.43 -17.88 -8.67
CA ASN D 135 -44.20 -17.91 -7.88
C ASN D 135 -43.33 -16.73 -8.33
N CYS D 136 -42.74 -16.03 -7.38
CA CYS D 136 -41.95 -14.86 -7.71
C CYS D 136 -40.82 -15.12 -8.70
N THR D 137 -40.10 -16.22 -8.53
CA THR D 137 -38.99 -16.55 -9.42
C THR D 137 -39.44 -16.87 -10.84
N VAL D 138 -40.51 -17.65 -10.97
CA VAL D 138 -41.05 -18.01 -12.26
C VAL D 138 -41.59 -16.74 -12.94
N SER D 139 -42.24 -15.90 -12.15
CA SER D 139 -42.79 -14.65 -12.67
C SER D 139 -41.70 -13.76 -13.23
N LEU D 140 -40.63 -13.58 -12.46
CA LEU D 140 -39.51 -12.75 -12.88
C LEU D 140 -38.82 -13.32 -14.12
N MET D 141 -38.76 -14.64 -14.21
CA MET D 141 -38.12 -15.29 -15.35
C MET D 141 -38.89 -14.98 -16.62
N LEU D 142 -40.21 -15.15 -16.56
CA LEU D 142 -41.07 -14.90 -17.72
C LEU D 142 -41.14 -13.42 -18.12
N MET D 143 -40.96 -12.52 -17.16
CA MET D 143 -41.00 -11.09 -17.48
C MET D 143 -39.70 -10.71 -18.19
N ALA D 144 -38.64 -11.49 -17.95
CA ALA D 144 -37.35 -11.23 -18.57
C ALA D 144 -37.20 -11.88 -19.95
N ILE D 145 -37.50 -13.17 -20.04
CA ILE D 145 -37.36 -13.88 -21.31
C ILE D 145 -38.68 -14.35 -21.94
N GLY D 146 -39.76 -13.64 -21.65
CA GLY D 146 -41.06 -14.00 -22.19
C GLY D 146 -41.13 -14.01 -23.71
N GLY D 147 -40.35 -13.13 -24.34
CA GLY D 147 -40.34 -13.08 -25.79
C GLY D 147 -39.95 -14.41 -26.40
N LEU D 148 -38.96 -15.06 -25.81
CA LEU D 148 -38.50 -16.35 -26.30
C LEU D 148 -39.59 -17.41 -26.26
N PHE D 149 -40.38 -17.44 -25.18
CA PHE D 149 -41.47 -18.40 -25.08
C PHE D 149 -42.56 -17.95 -26.06
N GLU D 150 -42.75 -16.64 -26.13
CA GLU D 150 -43.72 -16.01 -27.01
C GLU D 150 -43.47 -16.47 -28.46
N LYS D 151 -42.21 -16.55 -28.84
CA LYS D 151 -41.85 -16.97 -30.20
C LYS D 151 -41.73 -18.48 -30.32
N ASP D 152 -42.03 -19.19 -29.24
CA ASP D 152 -41.95 -20.65 -29.23
C ASP D 152 -40.54 -21.11 -29.62
N LEU D 153 -39.53 -20.45 -29.04
CA LEU D 153 -38.14 -20.75 -29.31
C LEU D 153 -37.47 -21.57 -28.22
N VAL D 154 -38.13 -21.67 -27.07
CA VAL D 154 -37.55 -22.41 -25.96
C VAL D 154 -37.79 -23.91 -25.99
N GLU D 155 -36.70 -24.67 -25.93
CA GLU D 155 -36.76 -26.13 -25.90
C GLU D 155 -36.79 -26.52 -24.41
N TRP D 156 -35.84 -25.98 -23.65
CA TRP D 156 -35.76 -26.19 -22.20
C TRP D 156 -34.89 -25.12 -21.58
N ILE D 157 -35.08 -24.89 -20.28
CA ILE D 157 -34.32 -23.89 -19.54
C ILE D 157 -33.71 -24.49 -18.28
N SER D 158 -32.43 -24.25 -18.08
CA SER D 158 -31.75 -24.72 -16.90
C SER D 158 -31.53 -23.45 -16.06
N VAL D 159 -31.92 -23.51 -14.80
CA VAL D 159 -31.83 -22.36 -13.91
C VAL D 159 -31.02 -22.52 -12.64
N ALA D 160 -30.35 -21.45 -12.25
CA ALA D 160 -29.59 -21.40 -11.01
C ALA D 160 -30.03 -20.06 -10.47
N THR D 161 -30.69 -20.05 -9.30
CA THR D 161 -31.17 -18.79 -8.75
C THR D 161 -30.31 -18.25 -7.61
N TYR D 162 -30.44 -16.95 -7.40
CA TYR D 162 -29.74 -16.21 -6.36
C TYR D 162 -30.89 -15.45 -5.70
N GLN D 163 -31.55 -16.09 -4.74
CA GLN D 163 -32.71 -15.49 -4.09
C GLN D 163 -32.50 -14.70 -2.80
N ALA D 164 -33.18 -13.56 -2.71
CA ALA D 164 -33.04 -12.68 -1.55
C ALA D 164 -33.78 -13.15 -0.30
N ALA D 165 -33.31 -12.67 0.86
CA ALA D 165 -33.89 -13.00 2.14
C ALA D 165 -35.36 -12.59 2.22
N SER D 166 -35.67 -11.44 1.63
CA SER D 166 -37.04 -10.92 1.60
C SER D 166 -38.07 -11.93 1.13
N GLY D 167 -37.66 -12.81 0.22
CA GLY D 167 -38.57 -13.81 -0.31
C GLY D 167 -39.04 -14.81 0.72
N ALA D 168 -38.29 -14.92 1.82
CA ALA D 168 -38.62 -15.85 2.90
C ALA D 168 -39.47 -15.18 3.99
N GLY D 169 -39.53 -13.85 3.96
CA GLY D 169 -40.32 -13.14 4.96
C GLY D 169 -39.60 -11.95 5.54
N ALA D 170 -40.33 -11.05 6.17
CA ALA D 170 -39.75 -9.86 6.77
C ALA D 170 -38.77 -10.24 7.89
N LYS D 171 -39.16 -11.21 8.70
CA LYS D 171 -38.30 -11.64 9.81
C LYS D 171 -36.97 -12.19 9.30
N ASN D 172 -36.99 -12.75 8.10
CA ASN D 172 -35.77 -13.33 7.51
C ASN D 172 -34.84 -12.23 6.99
N MET D 173 -35.42 -11.13 6.53
CA MET D 173 -34.63 -10.00 6.04
C MET D 173 -33.91 -9.39 7.24
N ARG D 174 -34.63 -9.30 8.35
CA ARG D 174 -34.07 -8.75 9.58
C ARG D 174 -32.97 -9.64 10.14
N GLU D 175 -33.11 -10.96 10.00
CA GLU D 175 -32.08 -11.88 10.50
C GLU D 175 -30.80 -11.70 9.68
N LEU D 176 -30.96 -11.52 8.37
CA LEU D 176 -29.80 -11.32 7.51
C LEU D 176 -29.06 -10.07 7.93
N LEU D 177 -29.80 -8.98 8.11
CA LEU D 177 -29.17 -7.72 8.52
C LEU D 177 -28.44 -7.89 9.85
N SER D 178 -29.05 -8.61 10.79
CA SER D 178 -28.41 -8.83 12.09
C SER D 178 -27.10 -9.59 11.89
N GLN D 179 -27.14 -10.62 11.05
CA GLN D 179 -25.95 -11.41 10.77
C GLN D 179 -24.83 -10.57 10.17
N MET D 180 -25.17 -9.68 9.24
CA MET D 180 -24.17 -8.83 8.59
C MET D 180 -23.51 -7.92 9.60
N GLY D 181 -24.32 -7.37 10.49
CA GLY D 181 -23.80 -6.48 11.51
C GLY D 181 -22.85 -7.22 12.43
N LEU D 182 -23.24 -8.40 12.88
CA LEU D 182 -22.42 -9.19 13.79
C LEU D 182 -21.11 -9.63 13.17
N LEU D 183 -21.13 -9.88 11.86
CA LEU D 183 -19.91 -10.30 11.16
C LEU D 183 -18.89 -9.18 11.13
N GLU D 184 -19.34 -7.96 10.87
CA GLU D 184 -18.43 -6.82 10.83
C GLU D 184 -17.96 -6.50 12.24
N GLN D 185 -18.89 -6.54 13.18
CA GLN D 185 -18.60 -6.25 14.59
C GLN D 185 -17.54 -7.16 15.15
N ALA D 186 -17.49 -8.39 14.66
CA ALA D 186 -16.50 -9.36 15.14
C ALA D 186 -15.07 -8.92 14.81
N VAL D 187 -14.90 -8.06 13.82
CA VAL D 187 -13.58 -7.61 13.42
C VAL D 187 -13.51 -6.10 13.16
N SER D 188 -14.36 -5.35 13.85
CA SER D 188 -14.45 -3.90 13.71
C SER D 188 -13.10 -3.17 13.74
N SER D 189 -12.32 -3.36 14.79
CA SER D 189 -11.04 -2.68 14.88
C SER D 189 -10.01 -3.23 13.91
N GLU D 190 -9.99 -4.56 13.73
CA GLU D 190 -9.05 -5.17 12.81
C GLU D 190 -9.21 -4.57 11.42
N LEU D 191 -10.46 -4.34 11.03
CA LEU D 191 -10.74 -3.76 9.71
C LEU D 191 -10.20 -2.35 9.58
N LYS D 192 -10.18 -1.61 10.69
CA LYS D 192 -9.70 -0.24 10.69
C LYS D 192 -8.18 -0.18 10.59
N ASP D 193 -7.52 -1.23 11.07
CA ASP D 193 -6.07 -1.31 11.08
C ASP D 193 -5.51 -1.94 9.81
N PRO D 194 -4.83 -1.13 8.99
CA PRO D 194 -4.21 -1.56 7.72
C PRO D 194 -3.16 -2.66 7.86
N ALA D 195 -2.59 -2.80 9.04
CA ALA D 195 -1.56 -3.79 9.29
C ALA D 195 -2.11 -5.17 9.67
N SER D 196 -3.37 -5.24 10.06
CA SER D 196 -3.98 -6.51 10.46
C SER D 196 -3.85 -7.58 9.37
N SER D 197 -3.89 -8.84 9.80
CA SER D 197 -3.78 -9.98 8.91
C SER D 197 -5.15 -10.39 8.39
N ILE D 198 -5.30 -10.47 7.07
CA ILE D 198 -6.59 -10.85 6.52
C ILE D 198 -7.03 -12.23 6.99
N LEU D 199 -6.07 -13.12 7.24
CA LEU D 199 -6.41 -14.47 7.71
C LEU D 199 -6.91 -14.42 9.15
N ASP D 200 -6.37 -13.49 9.92
CA ASP D 200 -6.78 -13.32 11.31
C ASP D 200 -8.24 -12.84 11.28
N ILE D 201 -8.53 -11.89 10.40
CA ILE D 201 -9.88 -11.36 10.25
C ILE D 201 -10.84 -12.46 9.80
N GLU D 202 -10.47 -13.19 8.76
CA GLU D 202 -11.36 -14.25 8.27
C GLU D 202 -11.64 -15.28 9.38
N ARG D 203 -10.60 -15.70 10.09
CA ARG D 203 -10.78 -16.66 11.16
C ARG D 203 -11.82 -16.18 12.18
N LYS D 204 -11.75 -14.89 12.52
CA LYS D 204 -12.68 -14.32 13.48
C LYS D 204 -14.10 -14.19 12.95
N VAL D 205 -14.23 -13.83 11.68
CA VAL D 205 -15.57 -13.70 11.08
C VAL D 205 -16.19 -15.10 10.95
N THR D 206 -15.39 -16.08 10.53
CA THR D 206 -15.88 -17.45 10.39
C THR D 206 -16.28 -18.05 11.73
N ALA D 207 -15.51 -17.75 12.77
CA ALA D 207 -15.83 -18.25 14.12
C ALA D 207 -17.18 -17.69 14.57
N LYS D 208 -17.38 -16.39 14.38
CA LYS D 208 -18.63 -15.73 14.75
C LYS D 208 -19.81 -16.36 14.00
N MET D 209 -19.60 -16.60 12.71
CA MET D 209 -20.61 -17.19 11.85
C MET D 209 -21.01 -18.59 12.35
N ARG D 210 -20.10 -19.24 13.05
CA ARG D 210 -20.35 -20.59 13.55
C ARG D 210 -20.71 -20.63 15.04
N ALA D 211 -20.68 -19.47 15.68
CA ALA D 211 -20.99 -19.36 17.11
C ALA D 211 -22.45 -19.60 17.41
N ASP D 212 -22.71 -20.15 18.59
CA ASP D 212 -24.09 -20.43 19.01
C ASP D 212 -24.91 -19.16 19.18
N ASN D 213 -24.24 -18.05 19.48
CA ASN D 213 -24.92 -16.78 19.66
C ASN D 213 -25.15 -16.04 18.32
N PHE D 214 -24.93 -16.73 17.21
CA PHE D 214 -25.15 -16.15 15.90
C PHE D 214 -26.60 -16.50 15.53
N PRO D 215 -27.42 -15.49 15.21
CA PRO D 215 -28.82 -15.70 14.86
C PRO D 215 -29.10 -16.46 13.57
N THR D 216 -29.49 -17.72 13.69
CA THR D 216 -29.81 -18.54 12.54
C THR D 216 -31.18 -19.19 12.70
N ASP D 217 -31.95 -18.70 13.66
CA ASP D 217 -33.28 -19.24 13.96
C ASP D 217 -34.24 -19.34 12.78
N ASN D 218 -34.13 -18.41 11.83
CA ASN D 218 -35.06 -18.39 10.70
C ASN D 218 -34.62 -19.12 9.44
N PHE D 219 -33.32 -19.14 9.17
CA PHE D 219 -32.84 -19.82 7.98
C PHE D 219 -32.35 -21.23 8.28
N GLY D 220 -32.05 -21.47 9.55
CA GLY D 220 -31.54 -22.78 9.94
C GLY D 220 -30.06 -22.90 9.64
N ALA D 221 -29.47 -21.79 9.21
CA ALA D 221 -28.06 -21.73 8.88
C ALA D 221 -27.71 -20.27 8.60
N ALA D 222 -26.42 -19.96 8.57
CA ALA D 222 -25.98 -18.61 8.31
C ALA D 222 -26.30 -18.24 6.87
N LEU D 223 -26.70 -16.99 6.64
CA LEU D 223 -26.98 -16.55 5.28
C LEU D 223 -25.98 -15.44 4.95
N GLY D 224 -25.84 -14.49 5.87
CA GLY D 224 -24.89 -13.41 5.65
C GLY D 224 -23.51 -14.04 5.61
N GLY D 225 -22.75 -13.70 4.57
CA GLY D 225 -21.41 -14.24 4.40
C GLY D 225 -21.39 -15.69 3.95
N SER D 226 -22.56 -16.20 3.56
CA SER D 226 -22.64 -17.60 3.15
C SER D 226 -23.78 -17.75 2.14
N LEU D 227 -24.35 -18.94 2.03
CA LEU D 227 -25.48 -19.19 1.12
C LEU D 227 -26.14 -20.48 1.55
N ILE D 228 -27.36 -20.72 1.07
CA ILE D 228 -28.10 -21.93 1.43
C ILE D 228 -28.74 -22.47 0.15
N PRO D 229 -28.15 -23.55 -0.40
CA PRO D 229 -28.63 -24.20 -1.63
C PRO D 229 -29.87 -25.08 -1.46
N TRP D 230 -30.87 -24.56 -0.74
CA TRP D 230 -32.08 -25.32 -0.50
C TRP D 230 -33.18 -24.37 -0.04
N ILE D 231 -34.30 -24.37 -0.75
CA ILE D 231 -35.43 -23.51 -0.38
C ILE D 231 -36.72 -24.33 -0.40
N ASP D 232 -37.46 -24.28 0.71
CA ASP D 232 -38.73 -24.99 0.87
C ASP D 232 -38.51 -26.50 1.09
N LYS D 233 -39.61 -27.24 1.15
CA LYS D 233 -39.55 -28.69 1.39
C LYS D 233 -39.17 -29.60 0.23
N LEU D 234 -38.67 -30.77 0.61
CA LEU D 234 -38.25 -31.80 -0.31
C LEU D 234 -39.44 -32.49 -0.97
N LEU D 235 -39.27 -32.87 -2.23
CA LEU D 235 -40.28 -33.62 -2.98
C LEU D 235 -39.57 -34.96 -3.24
N PRO D 236 -39.83 -35.97 -2.40
CA PRO D 236 -39.25 -37.31 -2.50
C PRO D 236 -39.28 -37.98 -3.88
N GLU D 237 -40.34 -37.76 -4.64
CA GLU D 237 -40.46 -38.38 -5.95
C GLU D 237 -39.39 -37.94 -6.95
N THR D 238 -39.01 -36.66 -6.94
CA THR D 238 -38.00 -36.17 -7.88
C THR D 238 -36.69 -35.74 -7.26
N GLY D 239 -36.73 -35.29 -6.00
CA GLY D 239 -35.53 -34.84 -5.35
C GLY D 239 -35.44 -33.32 -5.36
N GLN D 240 -36.39 -32.69 -6.06
CA GLN D 240 -36.42 -31.23 -6.13
C GLN D 240 -36.99 -30.70 -4.82
N THR D 241 -36.74 -29.43 -4.55
CA THR D 241 -37.33 -28.79 -3.38
C THR D 241 -38.59 -28.19 -4.00
N LYS D 242 -39.57 -27.80 -3.17
CA LYS D 242 -40.80 -27.24 -3.71
C LYS D 242 -40.58 -25.98 -4.57
N GLU D 243 -39.57 -25.19 -4.23
CA GLU D 243 -39.26 -23.97 -4.95
C GLU D 243 -38.77 -24.31 -6.37
N GLU D 244 -37.98 -25.38 -6.48
CA GLU D 244 -37.45 -25.81 -7.77
C GLU D 244 -38.55 -26.45 -8.64
N TRP D 245 -39.45 -27.17 -7.99
CA TRP D 245 -40.58 -27.83 -8.65
C TRP D 245 -41.51 -26.80 -9.33
N LYS D 246 -41.63 -25.61 -8.73
CA LYS D 246 -42.49 -24.57 -9.27
C LYS D 246 -42.10 -24.09 -10.67
N GLY D 247 -40.83 -24.23 -11.01
CA GLY D 247 -40.39 -23.81 -12.34
C GLY D 247 -41.15 -24.52 -13.45
N TYR D 248 -41.24 -25.84 -13.34
CA TYR D 248 -41.94 -26.63 -14.35
C TYR D 248 -43.45 -26.52 -14.22
N ALA D 249 -43.95 -26.77 -13.00
CA ALA D 249 -45.39 -26.72 -12.74
C ALA D 249 -46.03 -25.38 -13.09
N GLU D 250 -45.46 -24.29 -12.57
CA GLU D 250 -46.04 -22.97 -12.83
C GLU D 250 -45.75 -22.33 -14.20
N THR D 251 -44.57 -22.53 -14.77
CA THR D 251 -44.30 -21.94 -16.08
C THR D 251 -45.33 -22.46 -17.10
N ASN D 252 -45.49 -23.78 -17.13
CA ASN D 252 -46.41 -24.39 -18.08
C ASN D 252 -47.89 -24.09 -17.84
N LYS D 253 -48.28 -23.83 -16.59
CA LYS D 253 -49.68 -23.52 -16.33
C LYS D 253 -49.94 -22.06 -16.68
N ILE D 254 -48.94 -21.22 -16.45
CA ILE D 254 -49.07 -19.80 -16.78
C ILE D 254 -49.15 -19.63 -18.29
N LEU D 255 -48.35 -20.40 -19.02
CA LEU D 255 -48.31 -20.30 -20.48
C LEU D 255 -49.35 -21.17 -21.19
N GLY D 256 -49.97 -22.08 -20.45
CA GLY D 256 -50.99 -22.95 -21.03
C GLY D 256 -50.40 -24.05 -21.89
N LEU D 257 -49.20 -24.50 -21.55
CA LEU D 257 -48.53 -25.55 -22.31
C LEU D 257 -48.51 -26.91 -21.61
N SER D 258 -49.49 -27.16 -20.75
CA SER D 258 -49.53 -28.44 -20.07
C SER D 258 -49.63 -29.61 -21.04
N ASP D 259 -50.13 -29.35 -22.25
CA ASP D 259 -50.26 -30.39 -23.28
C ASP D 259 -48.93 -30.70 -23.96
N ASN D 260 -48.04 -29.71 -24.00
CA ASN D 260 -46.70 -29.84 -24.57
C ASN D 260 -45.82 -29.02 -23.64
N PRO D 261 -45.65 -29.49 -22.39
CA PRO D 261 -44.83 -28.81 -21.39
C PRO D 261 -43.35 -28.61 -21.73
N ILE D 262 -42.84 -27.45 -21.33
CA ILE D 262 -41.43 -27.11 -21.56
C ILE D 262 -40.64 -27.45 -20.29
N PRO D 263 -39.56 -28.22 -20.42
CA PRO D 263 -38.80 -28.54 -19.22
C PRO D 263 -38.10 -27.31 -18.64
N VAL D 264 -38.39 -27.00 -17.38
CA VAL D 264 -37.77 -25.89 -16.66
C VAL D 264 -37.34 -26.53 -15.35
N ASP D 265 -36.04 -26.54 -15.09
CA ASP D 265 -35.54 -27.16 -13.86
C ASP D 265 -34.22 -26.50 -13.46
N GLY D 266 -33.79 -26.77 -12.24
CA GLY D 266 -32.55 -26.20 -11.76
C GLY D 266 -32.43 -26.23 -10.25
N LEU D 267 -31.57 -25.34 -9.74
CA LEU D 267 -31.33 -25.27 -8.31
C LEU D 267 -31.61 -23.85 -7.80
N CYS D 268 -32.37 -23.78 -6.70
CA CYS D 268 -32.71 -22.50 -6.10
C CYS D 268 -31.83 -22.31 -4.86
N VAL D 269 -31.09 -21.21 -4.86
CA VAL D 269 -30.17 -20.90 -3.77
C VAL D 269 -30.50 -19.55 -3.13
N ARG D 270 -30.46 -19.53 -1.80
CA ARG D 270 -30.71 -18.32 -1.04
C ARG D 270 -29.35 -17.68 -0.77
N ILE D 271 -29.25 -16.36 -1.04
CA ILE D 271 -28.03 -15.60 -0.81
C ILE D 271 -28.35 -14.35 0.02
N GLY D 272 -27.31 -13.62 0.40
CA GLY D 272 -27.49 -12.44 1.23
C GLY D 272 -27.95 -11.14 0.56
N ALA D 273 -29.02 -11.21 -0.23
CA ALA D 273 -29.57 -10.01 -0.88
C ALA D 273 -30.86 -9.69 -0.14
N LEU D 274 -31.26 -8.42 -0.13
CA LEU D 274 -32.48 -8.03 0.58
C LEU D 274 -33.81 -8.34 -0.07
N ARG D 275 -34.10 -7.79 -1.25
CA ARG D 275 -35.38 -8.08 -1.89
C ARG D 275 -35.42 -8.26 -3.41
N CYS D 276 -34.30 -8.66 -4.00
CA CYS D 276 -34.25 -8.90 -5.43
C CYS D 276 -33.77 -10.30 -5.72
N ASN D 277 -34.53 -11.04 -6.52
CA ASN D 277 -34.13 -12.39 -6.90
C ASN D 277 -33.45 -12.30 -8.25
N SER D 278 -32.29 -12.94 -8.37
CA SER D 278 -31.54 -12.94 -9.63
C SER D 278 -31.47 -14.38 -10.13
N GLN D 279 -31.29 -14.55 -11.43
CA GLN D 279 -31.24 -15.89 -12.01
C GLN D 279 -30.26 -15.99 -13.16
N ALA D 280 -29.57 -17.13 -13.23
CA ALA D 280 -28.63 -17.40 -14.31
C ALA D 280 -29.32 -18.45 -15.15
N PHE D 281 -29.37 -18.22 -16.46
CA PHE D 281 -30.04 -19.16 -17.35
C PHE D 281 -29.17 -19.76 -18.43
N THR D 282 -29.45 -21.03 -18.72
CA THR D 282 -28.81 -21.73 -19.82
C THR D 282 -30.05 -22.14 -20.60
N ILE D 283 -30.33 -21.39 -21.65
CA ILE D 283 -31.51 -21.61 -22.47
C ILE D 283 -31.20 -22.37 -23.75
N LYS D 284 -31.79 -23.56 -23.89
CA LYS D 284 -31.61 -24.37 -25.08
C LYS D 284 -32.71 -23.93 -26.05
N LEU D 285 -32.31 -23.24 -27.10
CA LEU D 285 -33.27 -22.75 -28.09
C LEU D 285 -33.56 -23.80 -29.17
N LYS D 286 -34.71 -23.63 -29.83
CA LYS D 286 -35.13 -24.55 -30.88
C LYS D 286 -34.41 -24.24 -32.18
N LYS D 287 -33.84 -23.05 -32.27
CA LYS D 287 -33.11 -22.67 -33.47
C LYS D 287 -31.98 -21.71 -33.20
N ASP D 288 -31.06 -21.61 -34.16
CA ASP D 288 -29.92 -20.73 -34.06
C ASP D 288 -30.25 -19.41 -34.74
N LEU D 289 -30.23 -18.33 -33.96
CA LEU D 289 -30.55 -17.00 -34.48
C LEU D 289 -29.48 -16.01 -34.04
N PRO D 290 -29.31 -14.92 -34.80
CA PRO D 290 -28.31 -13.92 -34.44
C PRO D 290 -28.57 -13.41 -33.02
N LEU D 291 -27.52 -13.25 -32.24
CA LEU D 291 -27.68 -12.77 -30.88
C LEU D 291 -28.42 -11.44 -30.83
N GLU D 292 -28.23 -10.59 -31.85
CA GLU D 292 -28.90 -9.30 -31.88
C GLU D 292 -30.40 -9.46 -32.09
N GLU D 293 -30.79 -10.48 -32.83
CA GLU D 293 -32.20 -10.72 -33.06
C GLU D 293 -32.78 -11.22 -31.75
N ILE D 294 -32.08 -12.17 -31.12
CA ILE D 294 -32.52 -12.73 -29.85
C ILE D 294 -32.82 -11.59 -28.86
N GLU D 295 -31.88 -10.64 -28.78
CA GLU D 295 -32.02 -9.51 -27.89
C GLU D 295 -33.26 -8.68 -28.18
N GLN D 296 -33.53 -8.41 -29.45
CA GLN D 296 -34.71 -7.62 -29.81
C GLN D 296 -36.00 -8.37 -29.44
N ILE D 297 -36.03 -9.67 -29.72
CA ILE D 297 -37.20 -10.48 -29.40
C ILE D 297 -37.48 -10.39 -27.89
N ILE D 298 -36.41 -10.41 -27.10
CA ILE D 298 -36.52 -10.31 -25.65
C ILE D 298 -36.96 -8.91 -25.22
N ALA D 299 -36.26 -7.89 -25.71
CA ALA D 299 -36.58 -6.51 -25.36
C ALA D 299 -37.97 -6.00 -25.75
N SER D 300 -38.55 -6.57 -26.80
CA SER D 300 -39.85 -6.13 -27.29
C SER D 300 -41.08 -6.83 -26.70
N HIS D 301 -40.86 -7.81 -25.83
CA HIS D 301 -41.99 -8.53 -25.24
C HIS D 301 -42.89 -7.68 -24.34
N ASN D 302 -42.28 -6.81 -23.53
CA ASN D 302 -43.03 -5.95 -22.63
C ASN D 302 -42.17 -4.74 -22.34
N GLU D 303 -42.75 -3.73 -21.71
CA GLU D 303 -42.02 -2.50 -21.42
C GLU D 303 -41.19 -2.48 -20.14
N TRP D 304 -41.24 -3.55 -19.37
CA TRP D 304 -40.50 -3.57 -18.11
C TRP D 304 -39.13 -4.22 -18.23
N VAL D 305 -39.03 -5.25 -19.07
CA VAL D 305 -37.74 -5.91 -19.26
C VAL D 305 -36.80 -4.89 -19.90
N LYS D 306 -35.53 -4.98 -19.55
CA LYS D 306 -34.51 -4.08 -20.06
C LYS D 306 -33.21 -4.84 -20.36
N VAL D 307 -32.90 -5.01 -21.65
CA VAL D 307 -31.68 -5.72 -22.03
C VAL D 307 -30.45 -4.89 -21.67
N ILE D 308 -29.53 -5.52 -20.94
CA ILE D 308 -28.30 -4.85 -20.53
C ILE D 308 -27.16 -5.36 -21.40
N PRO D 309 -26.54 -4.48 -22.20
CA PRO D 309 -25.44 -4.93 -23.05
C PRO D 309 -24.34 -5.63 -22.25
N ASN D 310 -23.70 -6.60 -22.88
CA ASN D 310 -22.64 -7.39 -22.28
C ASN D 310 -21.32 -6.62 -22.12
N ASP D 311 -21.37 -5.54 -21.33
CA ASP D 311 -20.22 -4.68 -21.06
C ASP D 311 -20.04 -4.68 -19.55
N LYS D 312 -18.79 -4.59 -19.09
CA LYS D 312 -18.53 -4.63 -17.65
C LYS D 312 -19.12 -3.47 -16.85
N GLU D 313 -18.72 -2.25 -17.19
CA GLU D 313 -19.19 -1.07 -16.49
C GLU D 313 -20.71 -0.95 -16.46
N ILE D 314 -21.35 -1.18 -17.60
CA ILE D 314 -22.81 -1.10 -17.69
C ILE D 314 -23.49 -2.21 -16.87
N THR D 315 -22.95 -3.42 -16.93
CA THR D 315 -23.51 -4.56 -16.17
C THR D 315 -23.44 -4.26 -14.66
N LEU D 316 -22.29 -3.81 -14.19
CA LEU D 316 -22.12 -3.51 -12.77
C LEU D 316 -23.06 -2.43 -12.27
N ARG D 317 -23.51 -1.57 -13.19
CA ARG D 317 -24.38 -0.47 -12.85
C ARG D 317 -25.87 -0.79 -12.99
N GLU D 318 -26.20 -1.67 -13.92
CA GLU D 318 -27.59 -2.00 -14.20
C GLU D 318 -28.14 -3.37 -13.82
N LEU D 319 -27.29 -4.40 -13.85
CA LEU D 319 -27.73 -5.76 -13.57
C LEU D 319 -27.39 -6.26 -12.16
N THR D 320 -27.94 -5.59 -11.15
CA THR D 320 -27.70 -5.96 -9.76
C THR D 320 -28.90 -5.62 -8.89
N PRO D 321 -29.02 -6.30 -7.73
CA PRO D 321 -30.13 -6.03 -6.81
C PRO D 321 -30.08 -4.58 -6.32
N ALA D 322 -28.87 -4.10 -6.08
CA ALA D 322 -28.66 -2.74 -5.58
C ALA D 322 -29.33 -1.71 -6.50
N LYS D 323 -29.37 -2.01 -7.79
CA LYS D 323 -29.96 -1.11 -8.77
C LYS D 323 -31.47 -1.31 -8.93
N VAL D 324 -31.88 -2.56 -9.09
CA VAL D 324 -33.27 -2.90 -9.33
C VAL D 324 -34.24 -2.77 -8.14
N THR D 325 -33.73 -2.91 -6.92
CA THR D 325 -34.59 -2.85 -5.72
C THR D 325 -35.61 -1.71 -5.70
N GLY D 326 -36.88 -2.05 -5.53
CA GLY D 326 -37.92 -1.04 -5.45
C GLY D 326 -38.44 -0.51 -6.77
N THR D 327 -37.94 -1.02 -7.89
CA THR D 327 -38.38 -0.57 -9.20
C THR D 327 -39.11 -1.69 -9.93
N LEU D 328 -39.84 -1.34 -10.99
CA LEU D 328 -40.58 -2.32 -11.79
C LEU D 328 -39.77 -2.82 -12.97
N SER D 329 -38.51 -2.41 -13.04
CA SER D 329 -37.62 -2.79 -14.13
C SER D 329 -37.10 -4.23 -13.98
N VAL D 330 -37.03 -4.95 -15.10
CA VAL D 330 -36.55 -6.32 -15.10
C VAL D 330 -35.37 -6.46 -16.08
N PRO D 331 -34.17 -6.05 -15.64
CA PRO D 331 -33.01 -6.15 -16.52
C PRO D 331 -32.52 -7.58 -16.74
N VAL D 332 -32.08 -7.85 -17.96
CA VAL D 332 -31.56 -9.16 -18.32
C VAL D 332 -30.31 -8.88 -19.17
N GLY D 333 -29.21 -9.56 -18.86
CA GLY D 333 -28.00 -9.33 -19.62
C GLY D 333 -27.10 -10.54 -19.71
N ARG D 334 -25.81 -10.29 -19.93
CA ARG D 334 -24.82 -11.36 -20.08
C ARG D 334 -25.27 -12.33 -21.16
N LEU D 335 -25.99 -11.80 -22.15
CA LEU D 335 -26.52 -12.62 -23.23
C LEU D 335 -25.49 -12.98 -24.29
N ARG D 336 -25.29 -14.27 -24.50
CA ARG D 336 -24.33 -14.75 -25.49
C ARG D 336 -24.59 -16.22 -25.71
N LYS D 337 -24.00 -16.77 -26.77
CA LYS D 337 -24.13 -18.19 -27.07
C LYS D 337 -23.15 -18.95 -26.19
N LEU D 338 -23.52 -20.16 -25.79
CA LEU D 338 -22.64 -20.96 -24.95
C LEU D 338 -21.82 -21.92 -25.81
N ALA D 339 -20.76 -22.45 -25.23
CA ALA D 339 -19.86 -23.35 -25.94
C ALA D 339 -20.50 -24.63 -26.46
N MET D 340 -21.61 -25.05 -25.83
CA MET D 340 -22.27 -26.27 -26.26
C MET D 340 -22.78 -26.17 -27.70
N GLY D 341 -23.05 -24.94 -28.15
CA GLY D 341 -23.54 -24.76 -29.50
C GLY D 341 -24.28 -23.45 -29.67
N PRO D 342 -24.57 -23.05 -30.92
CA PRO D 342 -25.28 -21.79 -31.22
C PRO D 342 -26.72 -21.74 -30.73
N GLU D 343 -27.30 -22.89 -30.41
CA GLU D 343 -28.68 -22.95 -29.93
C GLU D 343 -28.74 -22.79 -28.41
N TYR D 344 -27.57 -22.74 -27.78
CA TYR D 344 -27.49 -22.58 -26.33
C TYR D 344 -27.25 -21.12 -25.95
N LEU D 345 -28.24 -20.54 -25.27
CA LEU D 345 -28.17 -19.14 -24.88
C LEU D 345 -27.97 -18.94 -23.39
N ALA D 346 -27.02 -18.08 -23.03
CA ALA D 346 -26.74 -17.76 -21.64
C ALA D 346 -27.43 -16.43 -21.31
N ALA D 347 -27.94 -16.30 -20.10
CA ALA D 347 -28.62 -15.07 -19.69
C ALA D 347 -28.71 -14.96 -18.18
N PHE D 348 -28.62 -13.72 -17.69
CA PHE D 348 -28.69 -13.43 -16.25
C PHE D 348 -29.70 -12.29 -16.05
N THR D 349 -30.62 -12.45 -15.11
CA THR D 349 -31.62 -11.42 -14.87
C THR D 349 -31.78 -11.09 -13.40
N VAL D 350 -32.20 -9.86 -13.11
CA VAL D 350 -32.43 -9.40 -11.74
C VAL D 350 -33.82 -8.77 -11.70
N GLY D 351 -34.56 -9.00 -10.62
CA GLY D 351 -35.89 -8.42 -10.49
C GLY D 351 -36.36 -8.35 -9.06
N ASP D 352 -37.16 -7.33 -8.76
CA ASP D 352 -37.69 -7.14 -7.42
C ASP D 352 -38.78 -8.18 -7.17
N GLN D 353 -38.59 -9.01 -6.16
CA GLN D 353 -39.56 -10.07 -5.86
C GLN D 353 -40.88 -9.63 -5.24
N LEU D 354 -40.97 -8.39 -4.75
CA LEU D 354 -42.21 -7.91 -4.14
C LEU D 354 -43.13 -7.20 -5.15
N LEU D 355 -42.58 -6.79 -6.28
CA LEU D 355 -43.36 -6.10 -7.30
C LEU D 355 -43.86 -7.09 -8.34
N TRP D 356 -43.10 -7.34 -9.40
CA TRP D 356 -43.55 -8.30 -10.42
C TRP D 356 -43.60 -9.70 -9.83
N GLY D 357 -42.83 -9.92 -8.77
CA GLY D 357 -42.81 -11.22 -8.12
C GLY D 357 -43.89 -11.38 -7.07
N ALA D 358 -44.71 -10.36 -6.87
CA ALA D 358 -45.78 -10.45 -5.88
C ALA D 358 -46.95 -9.48 -6.07
N ALA D 359 -46.80 -8.26 -5.56
CA ALA D 359 -47.87 -7.26 -5.63
C ALA D 359 -48.37 -6.78 -7.00
N GLU D 360 -47.47 -6.64 -7.98
CA GLU D 360 -47.89 -6.13 -9.29
C GLU D 360 -48.91 -6.96 -10.09
N PRO D 361 -48.71 -8.28 -10.21
CA PRO D 361 -49.68 -9.08 -10.98
C PRO D 361 -51.06 -9.07 -10.32
N VAL D 362 -51.07 -8.93 -8.99
CA VAL D 362 -52.31 -8.88 -8.21
C VAL D 362 -53.01 -7.55 -8.46
N ARG D 363 -52.26 -6.47 -8.30
CA ARG D 363 -52.76 -5.12 -8.51
C ARG D 363 -53.36 -5.00 -9.93
N ARG D 364 -52.70 -5.62 -10.90
CA ARG D 364 -53.14 -5.58 -12.29
C ARG D 364 -54.39 -6.39 -12.61
N ILE D 365 -54.51 -7.60 -12.05
CA ILE D 365 -55.70 -8.39 -12.33
C ILE D 365 -56.89 -7.68 -11.68
N LEU D 366 -56.68 -7.09 -10.51
CA LEU D 366 -57.76 -6.37 -9.83
C LEU D 366 -58.27 -5.23 -10.70
N LYS D 367 -57.35 -4.41 -11.20
CA LYS D 367 -57.72 -3.28 -12.05
C LYS D 367 -58.56 -3.75 -13.24
N GLN D 368 -58.21 -4.92 -13.78
CA GLN D 368 -58.94 -5.47 -14.92
C GLN D 368 -60.34 -5.98 -14.53
N LEU D 369 -60.48 -6.44 -13.30
CA LEU D 369 -61.76 -6.95 -12.83
C LEU D 369 -62.72 -5.81 -12.56
N VAL D 370 -62.22 -4.69 -12.05
CA VAL D 370 -63.06 -3.55 -11.74
C VAL D 370 -63.00 -2.51 -12.85
N ALA D 371 -63.03 -1.24 -12.45
CA ALA D 371 -62.95 -0.11 -13.36
C ALA D 371 -61.61 0.61 -13.22
#